data_6DVM
#
_entry.id   6DVM
#
_cell.length_a   78.450
_cell.length_b   95.180
_cell.length_c   98.030
_cell.angle_alpha   90.000
_cell.angle_beta   98.870
_cell.angle_gamma   90.000
#
_symmetry.space_group_name_H-M   'P 1 21 1'
#
loop_
_entity.id
_entity.type
_entity.pdbx_description
1 polymer 'Hdac6 protein'
2 non-polymer 'ZINC ION'
3 non-polymer 'POTASSIUM ION'
4 non-polymer 4-(dimethylamino)-N-{[4-(hydroxycarbamoyl)phenyl]methyl}-N-{2-[(4-methylphenyl)amino]-2-oxoethyl}benzamide
5 non-polymer 1,2-ETHANEDIOL
6 non-polymer 2-[BIS-(2-HYDROXY-ETHYL)-AMINO]-2-HYDROXYMETHYL-PROPANE-1,3-DIOL
7 water water
#
_entity_poly.entity_id   1
_entity_poly.type   'polypeptide(L)'
_entity_poly.pdbx_seq_one_letter_code
;SNAGGSSPITGLVYDQRMMLHHNMWDSHHPELPQRISRIFSRHEELRLLSRCHRIPARLATEEELALCHSSKHISIIKSS
EHMKPRDLNRLGDEYNSIFISNESYTCALLAAGSCFNSAQAILTGQVRNAVAIVRPPGHHAEKDTACGFCFFNTAALTAR
YAQSITRESLRVLIVDWDVHHGNGTQHIFEEDDSVLYISLHRYEDGAFFPNSEDANYDKVGLGKGRGYNVNIPWNGGKMG
DPEYMAAFHHLVMPIAREFAPELVLVSAGFDAARGDPLGGFQVTPEGYAHLTHQLMSLAAGRVLIILEGGYNLTSISESM
SMCTSMLLGDSPPSLDHLTPLKTSATVSINNVLRAHAPFWSSLR
;
_entity_poly.pdbx_strand_id   A,B,C,D
#
loop_
_chem_comp.id
_chem_comp.type
_chem_comp.name
_chem_comp.formula
BTB non-polymer 2-[BIS-(2-HYDROXY-ETHYL)-AMINO]-2-HYDROXYMETHYL-PROPANE-1,3-DIOL 'C8 H19 N O5'
EDO non-polymer 1,2-ETHANEDIOL 'C2 H6 O2'
HBJ non-polymer 4-(dimethylamino)-N-{[4-(hydroxycarbamoyl)phenyl]methyl}-N-{2-[(4-methylphenyl)amino]-2-oxoethyl}benzamide 'C26 H28 N4 O4'
K non-polymer 'POTASSIUM ION' 'K 1'
ZN non-polymer 'ZINC ION' 'Zn 2'
#
# COMPACT_ATOMS: atom_id res chain seq x y z
N ILE A 9 20.83 -5.50 -14.60
CA ILE A 9 19.70 -5.59 -13.69
C ILE A 9 19.72 -6.92 -12.93
N THR A 10 19.35 -6.86 -11.65
CA THR A 10 19.23 -8.05 -10.80
C THR A 10 17.76 -8.23 -10.46
N GLY A 11 17.25 -9.43 -10.64
CA GLY A 11 15.88 -9.74 -10.26
C GLY A 11 15.77 -10.26 -8.83
N LEU A 12 14.60 -10.05 -8.23
CA LEU A 12 14.32 -10.59 -6.90
C LEU A 12 12.89 -11.08 -6.88
N VAL A 13 12.69 -12.29 -6.37
CA VAL A 13 11.35 -12.83 -6.16
C VAL A 13 11.17 -13.16 -4.70
N TYR A 14 10.01 -12.77 -4.15
CA TYR A 14 9.63 -13.03 -2.79
C TYR A 14 8.12 -12.91 -2.75
N ASP A 15 7.45 -13.85 -2.08
CA ASP A 15 6.00 -13.76 -1.93
C ASP A 15 5.61 -14.27 -0.56
N GLN A 16 4.89 -13.43 0.20
CA GLN A 16 4.54 -13.79 1.58
C GLN A 16 3.64 -15.01 1.66
N ARG A 17 3.01 -15.43 0.55
CA ARG A 17 2.23 -16.67 0.60
C ARG A 17 3.09 -17.87 0.98
N MET A 18 4.38 -17.84 0.67
CA MET A 18 5.22 -18.98 1.04
C MET A 18 5.45 -19.11 2.54
N MET A 19 5.03 -18.11 3.31
CA MET A 19 5.05 -18.23 4.77
C MET A 19 3.96 -19.16 5.29
N LEU A 20 2.97 -19.53 4.45
CA LEU A 20 1.80 -20.23 4.98
C LEU A 20 2.12 -21.65 5.40
N HIS A 21 3.13 -22.28 4.80
CA HIS A 21 3.56 -23.62 5.20
C HIS A 21 4.20 -23.54 6.59
N HIS A 22 3.75 -24.39 7.50
CA HIS A 22 4.33 -24.35 8.84
C HIS A 22 4.10 -25.68 9.53
N ASN A 23 4.83 -25.86 10.64
CA ASN A 23 4.73 -27.07 11.46
C ASN A 23 3.59 -26.87 12.46
N MET A 24 2.50 -27.60 12.27
CA MET A 24 1.32 -27.40 13.09
C MET A 24 1.50 -27.86 14.51
N TRP A 25 2.55 -28.63 14.79
CA TRP A 25 2.76 -29.21 16.10
C TRP A 25 3.93 -28.61 16.84
N ASP A 26 4.64 -27.63 16.24
CA ASP A 26 5.80 -26.99 16.88
C ASP A 26 5.93 -25.58 16.32
N SER A 27 5.72 -24.57 17.15
CA SER A 27 5.86 -23.18 16.71
C SER A 27 7.30 -22.70 16.74
N HIS A 28 8.24 -23.55 17.16
CA HIS A 28 9.64 -23.17 17.25
C HIS A 28 10.49 -24.04 16.36
N HIS A 29 9.92 -24.53 15.27
CA HIS A 29 10.68 -25.42 14.39
C HIS A 29 11.70 -24.61 13.61
N PRO A 30 12.87 -25.20 13.32
CA PRO A 30 13.88 -24.46 12.54
C PRO A 30 13.38 -23.92 11.21
N GLU A 31 12.54 -24.69 10.49
CA GLU A 31 12.09 -24.28 9.15
C GLU A 31 10.84 -23.42 9.30
N LEU A 32 11.07 -22.23 9.78
CA LEU A 32 10.09 -21.26 10.22
C LEU A 32 9.61 -20.30 9.12
N PRO A 33 8.31 -19.98 9.11
CA PRO A 33 7.82 -19.00 8.11
C PRO A 33 8.63 -17.71 8.08
N GLN A 34 9.08 -17.25 9.25
CA GLN A 34 9.82 -16.00 9.33
C GLN A 34 11.20 -16.06 8.68
N ARG A 35 11.65 -17.22 8.23
CA ARG A 35 12.92 -17.24 7.55
C ARG A 35 12.88 -16.33 6.32
N ILE A 36 11.84 -16.43 5.52
CA ILE A 36 11.82 -15.65 4.27
C ILE A 36 11.41 -14.21 4.51
N SER A 37 10.50 -13.97 5.46
CA SER A 37 10.15 -12.57 5.75
C SER A 37 11.32 -11.80 6.34
N ARG A 38 12.14 -12.44 7.18
CA ARG A 38 13.30 -11.74 7.74
C ARG A 38 14.32 -11.42 6.65
N ILE A 39 14.55 -12.35 5.72
CA ILE A 39 15.49 -12.07 4.63
C ILE A 39 14.98 -10.91 3.77
N PHE A 40 13.69 -10.94 3.43
CA PHE A 40 13.09 -9.88 2.63
C PHE A 40 13.20 -8.53 3.33
N SER A 41 12.86 -8.51 4.62
CA SER A 41 12.94 -7.26 5.39
CA SER A 41 12.94 -7.26 5.39
C SER A 41 14.37 -6.72 5.42
N ARG A 42 15.36 -7.60 5.52
CA ARG A 42 16.74 -7.12 5.53
C ARG A 42 17.12 -6.51 4.18
N HIS A 43 16.61 -7.06 3.07
CA HIS A 43 16.84 -6.41 1.78
C HIS A 43 16.28 -4.99 1.74
N GLU A 44 15.12 -4.76 2.35
CA GLU A 44 14.57 -3.41 2.43
C GLU A 44 15.43 -2.52 3.33
N GLU A 45 15.82 -3.02 4.50
CA GLU A 45 16.64 -2.24 5.44
C GLU A 45 17.95 -1.79 4.82
N LEU A 46 18.62 -2.66 4.08
CA LEU A 46 19.89 -2.38 3.45
C LEU A 46 19.73 -1.69 2.10
N ARG A 47 18.50 -1.30 1.75
CA ARG A 47 18.23 -0.49 0.57
C ARG A 47 18.59 -1.23 -0.71
N LEU A 48 18.47 -2.57 -0.70
CA LEU A 48 18.74 -3.39 -1.87
C LEU A 48 17.48 -3.68 -2.67
N LEU A 49 16.33 -3.82 -2.00
CA LEU A 49 15.11 -4.19 -2.71
C LEU A 49 14.77 -3.21 -3.82
N SER A 50 14.87 -1.90 -3.54
CA SER A 50 14.50 -0.88 -4.51
C SER A 50 15.43 -0.86 -5.72
N ARG A 51 16.60 -1.50 -5.62
CA ARG A 51 17.53 -1.58 -6.73
C ARG A 51 17.29 -2.78 -7.64
N CYS A 52 16.38 -3.69 -7.26
CA CYS A 52 16.16 -4.91 -8.02
C CYS A 52 14.90 -4.79 -8.84
N HIS A 53 14.84 -5.59 -9.90
CA HIS A 53 13.60 -5.76 -10.64
C HIS A 53 12.79 -6.85 -9.94
N ARG A 54 11.58 -6.53 -9.53
CA ARG A 54 10.73 -7.48 -8.82
C ARG A 54 10.11 -8.47 -9.80
N ILE A 55 10.44 -9.74 -9.65
CA ILE A 55 9.91 -10.82 -10.48
C ILE A 55 8.75 -11.45 -9.72
N PRO A 56 7.58 -11.61 -10.32
CA PRO A 56 6.46 -12.18 -9.57
C PRO A 56 6.63 -13.68 -9.37
N ALA A 57 6.11 -14.15 -8.23
CA ALA A 57 5.96 -15.58 -8.03
C ALA A 57 4.90 -16.11 -8.98
N ARG A 58 4.97 -17.41 -9.28
CA ARG A 58 3.86 -18.10 -9.91
C ARG A 58 3.88 -19.54 -9.45
N LEU A 59 2.79 -20.25 -9.74
CA LEU A 59 2.70 -21.67 -9.44
C LEU A 59 3.42 -22.49 -10.51
N ALA A 60 4.24 -23.44 -10.07
CA ALA A 60 4.65 -24.48 -10.98
C ALA A 60 3.43 -25.29 -11.41
N THR A 61 3.49 -25.82 -12.63
CA THR A 61 2.44 -26.73 -13.08
C THR A 61 2.86 -28.16 -12.78
N GLU A 62 1.88 -29.06 -12.79
CA GLU A 62 2.20 -30.47 -12.59
C GLU A 62 3.08 -31.02 -13.70
N GLU A 63 2.89 -30.53 -14.94
CA GLU A 63 3.79 -30.95 -16.01
C GLU A 63 5.23 -30.53 -15.73
N GLU A 64 5.41 -29.34 -15.16
CA GLU A 64 6.75 -28.89 -14.81
C GLU A 64 7.33 -29.74 -13.66
N LEU A 65 6.51 -30.08 -12.67
CA LEU A 65 7.02 -30.96 -11.60
C LEU A 65 7.47 -32.30 -12.16
N ALA A 66 6.83 -32.75 -13.24
CA ALA A 66 7.15 -34.05 -13.82
C ALA A 66 8.48 -34.03 -14.56
N LEU A 67 9.09 -32.85 -14.71
CA LEU A 67 10.45 -32.78 -15.26
C LEU A 67 11.43 -33.55 -14.40
N CYS A 68 11.19 -33.61 -13.08
CA CYS A 68 12.08 -34.36 -12.19
C CYS A 68 11.38 -35.36 -11.28
N HIS A 69 10.07 -35.28 -11.09
CA HIS A 69 9.40 -36.09 -10.09
C HIS A 69 8.42 -37.07 -10.72
N SER A 70 8.20 -38.17 -10.02
CA SER A 70 7.26 -39.18 -10.49
C SER A 70 5.82 -38.73 -10.29
N SER A 71 4.92 -39.32 -11.09
CA SER A 71 3.51 -39.00 -10.98
C SER A 71 2.98 -39.38 -9.61
N LYS A 72 3.46 -40.49 -9.05
CA LYS A 72 2.99 -40.91 -7.74
C LYS A 72 3.40 -39.91 -6.66
N HIS A 73 4.64 -39.40 -6.72
CA HIS A 73 5.08 -38.47 -5.68
C HIS A 73 4.30 -37.17 -5.77
N ILE A 74 4.12 -36.66 -6.98
CA ILE A 74 3.33 -35.44 -7.17
C ILE A 74 1.94 -35.63 -6.61
N SER A 75 1.30 -36.77 -6.92
CA SER A 75 -0.07 -37.03 -6.48
CA SER A 75 -0.07 -36.96 -6.48
C SER A 75 -0.17 -37.12 -4.96
N ILE A 76 0.83 -37.72 -4.30
CA ILE A 76 0.73 -37.89 -2.86
C ILE A 76 0.88 -36.55 -2.14
N ILE A 77 1.87 -35.75 -2.56
CA ILE A 77 2.02 -34.43 -1.95
C ILE A 77 0.79 -33.56 -2.25
N LYS A 78 0.26 -33.64 -3.47
CA LYS A 78 -0.96 -32.89 -3.76
C LYS A 78 -2.09 -33.34 -2.85
N SER A 79 -2.21 -34.64 -2.59
CA SER A 79 -3.34 -35.14 -1.81
C SER A 79 -3.32 -34.59 -0.37
N SER A 80 -2.15 -34.18 0.12
CA SER A 80 -2.07 -33.69 1.50
C SER A 80 -2.92 -32.47 1.73
N GLU A 81 -3.19 -31.69 0.69
CA GLU A 81 -3.86 -30.43 0.96
C GLU A 81 -5.31 -30.64 1.35
N HIS A 82 -5.87 -31.82 1.13
CA HIS A 82 -7.24 -32.14 1.55
C HIS A 82 -7.33 -32.75 2.93
N MET A 83 -6.22 -33.03 3.58
CA MET A 83 -6.23 -33.88 4.76
C MET A 83 -6.50 -33.12 6.04
N LYS A 84 -7.16 -33.80 6.97
CA LYS A 84 -7.26 -33.26 8.31
C LYS A 84 -5.91 -33.40 9.02
N PRO A 85 -5.69 -32.59 10.06
CA PRO A 85 -4.38 -32.63 10.75
C PRO A 85 -3.89 -34.01 11.14
N ARG A 86 -4.76 -34.89 11.63
CA ARG A 86 -4.32 -36.24 12.00
C ARG A 86 -3.68 -36.97 10.83
N ASP A 87 -4.27 -36.82 9.64
CA ASP A 87 -3.76 -37.50 8.45
C ASP A 87 -2.51 -36.81 7.90
N LEU A 88 -2.44 -35.48 8.00
CA LEU A 88 -1.19 -34.77 7.69
C LEU A 88 -0.05 -35.26 8.58
N ASN A 89 -0.33 -35.47 9.87
CA ASN A 89 0.72 -35.94 10.77
C ASN A 89 1.19 -37.33 10.35
N ARG A 90 0.24 -38.22 10.03
CA ARG A 90 0.60 -39.57 9.59
C ARG A 90 1.44 -39.53 8.32
N LEU A 91 1.01 -38.75 7.33
CA LEU A 91 1.73 -38.71 6.07
C LEU A 91 3.15 -38.16 6.27
N GLY A 92 3.28 -37.06 7.00
CA GLY A 92 4.60 -36.51 7.22
C GLY A 92 5.55 -37.48 7.89
N ASP A 93 5.04 -38.25 8.86
CA ASP A 93 5.84 -39.22 9.60
C ASP A 93 6.35 -40.36 8.73
N GLU A 94 5.80 -40.55 7.52
CA GLU A 94 6.29 -41.59 6.61
C GLU A 94 7.59 -41.22 5.93
N TYR A 95 7.97 -39.94 5.96
CA TYR A 95 9.18 -39.46 5.33
C TYR A 95 10.25 -39.20 6.39
N ASN A 96 11.48 -38.99 5.92
CA ASN A 96 12.58 -38.60 6.79
C ASN A 96 12.53 -37.09 6.94
N SER A 97 12.23 -36.61 8.15
CA SER A 97 12.30 -35.19 8.52
C SER A 97 11.41 -34.31 7.65
N ILE A 98 10.10 -34.54 7.73
CA ILE A 98 9.10 -33.76 6.99
C ILE A 98 7.94 -33.43 7.90
N PHE A 99 7.51 -32.18 7.87
CA PHE A 99 6.20 -31.78 8.39
C PHE A 99 5.36 -31.23 7.25
N ILE A 100 4.06 -31.45 7.32
CA ILE A 100 3.16 -31.02 6.25
C ILE A 100 1.96 -30.31 6.86
N SER A 101 1.55 -29.18 6.24
CA SER A 101 0.29 -28.53 6.56
C SER A 101 -0.57 -28.44 5.30
N ASN A 102 -1.79 -27.96 5.45
N ASN A 102 -1.80 -27.95 5.47
CA ASN A 102 -2.69 -27.89 4.30
CA ASN A 102 -2.73 -27.79 4.37
C ASN A 102 -2.21 -26.92 3.22
C ASN A 102 -2.13 -26.98 3.23
N GLU A 103 -1.29 -26.01 3.55
CA GLU A 103 -0.75 -25.06 2.61
C GLU A 103 0.57 -25.51 1.98
N SER A 104 1.13 -26.65 2.41
CA SER A 104 2.49 -27.04 1.97
C SER A 104 2.59 -27.21 0.45
N TYR A 105 1.65 -27.94 -0.15
CA TYR A 105 1.70 -28.17 -1.59
C TYR A 105 1.70 -26.84 -2.36
N THR A 106 0.78 -25.94 -2.02
CA THR A 106 0.75 -24.66 -2.71
C THR A 106 2.07 -23.91 -2.54
N CYS A 107 2.61 -23.90 -1.31
CA CYS A 107 3.89 -23.21 -1.09
C CYS A 107 5.01 -23.82 -1.91
N ALA A 108 5.09 -25.15 -1.98
CA ALA A 108 6.10 -25.81 -2.80
C ALA A 108 5.95 -25.45 -4.27
N LEU A 109 4.69 -25.37 -4.77
CA LEU A 109 4.46 -24.93 -6.15
C LEU A 109 4.95 -23.50 -6.37
N LEU A 110 4.76 -22.61 -5.40
CA LEU A 110 5.18 -21.21 -5.56
C LEU A 110 6.70 -21.08 -5.49
N ALA A 111 7.34 -21.90 -4.64
CA ALA A 111 8.79 -21.86 -4.58
C ALA A 111 9.39 -22.22 -5.93
N ALA A 112 8.88 -23.30 -6.55
CA ALA A 112 9.43 -23.74 -7.83
C ALA A 112 9.08 -22.75 -8.94
N GLY A 113 7.82 -22.30 -9.02
CA GLY A 113 7.41 -21.40 -10.08
C GLY A 113 8.13 -20.07 -10.01
N SER A 114 8.39 -19.59 -8.78
CA SER A 114 9.17 -18.36 -8.60
C SER A 114 10.55 -18.52 -9.24
N CYS A 115 11.17 -19.67 -9.03
CA CYS A 115 12.47 -19.92 -9.62
C CYS A 115 12.39 -20.07 -11.13
N PHE A 116 11.33 -20.69 -11.67
CA PHE A 116 11.17 -20.76 -13.12
C PHE A 116 11.06 -19.36 -13.71
N ASN A 117 10.25 -18.48 -13.08
CA ASN A 117 10.13 -17.11 -13.60
C ASN A 117 11.47 -16.39 -13.53
N SER A 118 12.25 -16.68 -12.48
CA SER A 118 13.58 -16.06 -12.38
C SER A 118 14.53 -16.58 -13.46
N ALA A 119 14.54 -17.89 -13.69
CA ALA A 119 15.40 -18.43 -14.76
C ALA A 119 14.98 -17.89 -16.12
N GLN A 120 13.67 -17.78 -16.36
CA GLN A 120 13.18 -17.22 -17.62
C GLN A 120 13.62 -15.77 -17.79
N ALA A 121 13.52 -14.96 -16.73
CA ALA A 121 13.95 -13.56 -16.82
C ALA A 121 15.43 -13.46 -17.17
N ILE A 122 16.26 -14.34 -16.60
CA ILE A 122 17.68 -14.34 -16.89
C ILE A 122 17.95 -14.76 -18.32
N LEU A 123 17.33 -15.87 -18.74
CA LEU A 123 17.69 -16.46 -20.01
C LEU A 123 17.16 -15.65 -21.17
N THR A 124 16.09 -14.88 -20.97
CA THR A 124 15.54 -13.99 -22.00
C THR A 124 16.17 -12.61 -21.97
N GLY A 125 17.11 -12.36 -21.06
CA GLY A 125 17.80 -11.10 -20.98
C GLY A 125 17.07 -9.98 -20.28
N GLN A 126 15.95 -10.27 -19.60
CA GLN A 126 15.26 -9.23 -18.87
C GLN A 126 16.06 -8.77 -17.65
N VAL A 127 16.80 -9.69 -17.02
CA VAL A 127 17.73 -9.39 -15.94
C VAL A 127 19.00 -10.17 -16.22
N ARG A 128 20.10 -9.72 -15.61
CA ARG A 128 21.36 -10.45 -15.75
C ARG A 128 21.42 -11.64 -14.79
N ASN A 129 20.91 -11.44 -13.58
CA ASN A 129 21.01 -12.42 -12.51
C ASN A 129 19.83 -12.21 -11.57
N ALA A 130 19.73 -13.02 -10.53
CA ALA A 130 18.52 -12.91 -9.71
C ALA A 130 18.68 -13.69 -8.42
N VAL A 131 17.84 -13.36 -7.45
N VAL A 131 17.86 -13.32 -7.44
CA VAL A 131 17.78 -14.00 -6.15
CA VAL A 131 17.76 -14.01 -6.15
C VAL A 131 16.33 -14.38 -5.85
C VAL A 131 16.31 -14.42 -5.92
N ALA A 132 16.13 -15.58 -5.30
CA ALA A 132 14.82 -16.14 -5.04
C ALA A 132 14.73 -16.49 -3.56
N ILE A 133 13.89 -15.75 -2.85
CA ILE A 133 13.73 -15.89 -1.40
C ILE A 133 12.49 -16.77 -1.21
N VAL A 134 12.71 -18.09 -1.18
CA VAL A 134 11.65 -19.07 -1.29
C VAL A 134 11.76 -20.11 -0.17
N ARG A 135 10.61 -20.70 0.17
CA ARG A 135 10.50 -21.88 1.02
C ARG A 135 9.19 -22.55 0.69
N PRO A 136 9.04 -23.86 0.97
CA PRO A 136 10.04 -24.76 1.58
C PRO A 136 11.23 -25.00 0.63
N PRO A 137 12.31 -25.51 1.18
CA PRO A 137 13.51 -25.80 0.37
C PRO A 137 13.33 -27.01 -0.52
N GLY A 138 14.37 -27.31 -1.32
CA GLY A 138 14.23 -28.31 -2.36
C GLY A 138 15.26 -29.43 -2.46
N HIS A 139 16.52 -29.21 -2.03
CA HIS A 139 17.60 -30.05 -2.56
C HIS A 139 17.64 -31.46 -1.98
N HIS A 140 16.92 -31.73 -0.87
CA HIS A 140 16.82 -33.10 -0.39
C HIS A 140 15.71 -33.89 -1.07
N ALA A 141 14.83 -33.24 -1.83
CA ALA A 141 13.71 -33.96 -2.43
C ALA A 141 14.20 -34.80 -3.60
N GLU A 142 13.70 -36.03 -3.67
CA GLU A 142 14.11 -37.02 -4.65
C GLU A 142 13.04 -37.12 -5.75
N LYS A 143 13.35 -37.84 -6.83
CA LYS A 143 12.32 -38.07 -7.84
C LYS A 143 11.02 -38.56 -7.22
N ASP A 144 11.10 -39.51 -6.28
CA ASP A 144 9.94 -40.23 -5.82
C ASP A 144 9.61 -39.98 -4.35
N THR A 145 10.28 -39.04 -3.67
CA THR A 145 9.98 -38.88 -2.25
C THR A 145 10.41 -37.50 -1.75
N ALA A 146 9.74 -37.09 -0.67
CA ALA A 146 10.09 -35.89 0.08
C ALA A 146 11.10 -36.25 1.17
N CYS A 147 11.87 -35.25 1.59
CA CYS A 147 12.91 -35.50 2.58
C CYS A 147 13.44 -34.19 3.11
N GLY A 148 13.78 -34.14 4.40
CA GLY A 148 14.58 -33.04 4.92
C GLY A 148 14.02 -31.65 4.68
N PHE A 149 12.73 -31.50 4.95
CA PHE A 149 11.99 -30.23 4.84
C PHE A 149 11.64 -29.90 3.39
N CYS A 150 11.94 -30.78 2.42
CA CYS A 150 11.84 -30.49 0.99
C CYS A 150 10.82 -31.40 0.34
N PHE A 151 9.97 -30.83 -0.51
CA PHE A 151 8.92 -31.59 -1.17
C PHE A 151 9.21 -31.84 -2.64
N PHE A 152 9.60 -30.80 -3.38
CA PHE A 152 9.99 -30.89 -4.77
C PHE A 152 11.35 -30.23 -4.91
N ASN A 153 12.17 -30.73 -5.83
CA ASN A 153 13.54 -30.24 -5.89
C ASN A 153 13.59 -29.00 -6.77
N THR A 154 13.40 -27.85 -6.14
CA THR A 154 13.28 -26.57 -6.85
C THR A 154 14.47 -26.32 -7.78
N ALA A 155 15.69 -26.52 -7.30
CA ALA A 155 16.86 -26.23 -8.13
C ALA A 155 16.95 -27.20 -9.32
N ALA A 156 16.72 -28.48 -9.07
CA ALA A 156 16.77 -29.45 -10.16
C ALA A 156 15.70 -29.15 -11.21
N LEU A 157 14.49 -28.83 -10.73
CA LEU A 157 13.39 -28.51 -11.65
C LEU A 157 13.73 -27.27 -12.45
N THR A 158 14.40 -26.30 -11.81
CA THR A 158 14.75 -25.08 -12.52
C THR A 158 15.76 -25.38 -13.62
N ALA A 159 16.70 -26.30 -13.37
CA ALA A 159 17.65 -26.65 -14.42
C ALA A 159 16.93 -27.29 -15.61
N ARG A 160 15.99 -28.19 -15.34
CA ARG A 160 15.24 -28.78 -16.45
C ARG A 160 14.27 -27.79 -17.10
N TYR A 161 13.71 -26.88 -16.32
CA TYR A 161 12.86 -25.84 -16.91
C TYR A 161 13.68 -24.98 -17.86
N ALA A 162 14.89 -24.58 -17.44
CA ALA A 162 15.78 -23.79 -18.30
C ALA A 162 16.06 -24.51 -19.62
N GLN A 163 16.37 -25.81 -19.56
CA GLN A 163 16.60 -26.56 -20.79
C GLN A 163 15.33 -26.58 -21.65
N SER A 164 14.16 -26.66 -21.00
CA SER A 164 12.91 -26.76 -21.74
C SER A 164 12.58 -25.49 -22.52
N ILE A 165 13.09 -24.33 -22.08
CA ILE A 165 12.83 -23.07 -22.79
C ILE A 165 14.01 -22.64 -23.65
N THR A 166 15.04 -23.49 -23.74
CA THR A 166 16.17 -23.22 -24.62
C THR A 166 16.42 -24.45 -25.49
N ARG A 167 17.37 -25.30 -25.10
CA ARG A 167 17.63 -26.56 -25.78
C ARG A 167 17.98 -27.58 -24.73
N GLU A 168 17.75 -28.86 -25.05
CA GLU A 168 17.94 -29.91 -24.05
C GLU A 168 19.35 -29.93 -23.50
N SER A 169 20.36 -29.56 -24.30
CA SER A 169 21.75 -29.67 -23.90
C SER A 169 22.31 -28.41 -23.25
N LEU A 170 21.46 -27.41 -22.95
CA LEU A 170 21.92 -26.24 -22.21
C LEU A 170 22.72 -26.68 -20.98
N ARG A 171 23.93 -26.15 -20.84
CA ARG A 171 24.83 -26.56 -19.76
C ARG A 171 24.49 -25.76 -18.52
N VAL A 172 24.04 -26.45 -17.47
CA VAL A 172 23.63 -25.81 -16.22
C VAL A 172 24.56 -26.30 -15.12
N LEU A 173 25.18 -25.36 -14.42
CA LEU A 173 25.95 -25.66 -13.20
C LEU A 173 25.05 -25.41 -11.99
N ILE A 174 24.97 -26.39 -11.10
CA ILE A 174 24.33 -26.20 -9.79
C ILE A 174 25.43 -26.26 -8.74
N VAL A 175 25.68 -25.15 -8.06
CA VAL A 175 26.59 -25.10 -6.92
C VAL A 175 25.73 -25.09 -5.66
N ASP A 176 25.93 -26.08 -4.81
CA ASP A 176 25.12 -26.29 -3.61
C ASP A 176 26.01 -26.01 -2.38
N TRP A 177 25.91 -24.82 -1.82
CA TRP A 177 26.69 -24.44 -0.65
C TRP A 177 25.90 -24.53 0.66
N ASP A 178 24.68 -25.05 0.62
CA ASP A 178 24.01 -25.45 1.87
C ASP A 178 24.93 -26.41 2.62
N VAL A 179 24.88 -26.36 3.96
CA VAL A 179 25.79 -27.20 4.75
C VAL A 179 25.53 -28.70 4.57
N HIS A 180 24.34 -29.08 4.09
CA HIS A 180 23.96 -30.47 3.89
C HIS A 180 24.11 -30.87 2.42
N HIS A 181 24.36 -32.17 2.22
CA HIS A 181 24.42 -32.68 0.86
C HIS A 181 23.04 -32.65 0.20
N GLY A 182 22.98 -32.14 -1.03
CA GLY A 182 21.74 -32.22 -1.78
C GLY A 182 21.57 -33.57 -2.43
N ASN A 183 21.19 -34.57 -1.62
CA ASN A 183 21.07 -35.94 -2.11
C ASN A 183 20.14 -36.01 -3.32
N GLY A 184 19.05 -35.24 -3.31
CA GLY A 184 18.10 -35.32 -4.41
C GLY A 184 18.67 -34.78 -5.70
N THR A 185 19.36 -33.65 -5.62
CA THR A 185 19.96 -33.06 -6.82
C THR A 185 21.02 -33.98 -7.41
N GLN A 186 21.88 -34.55 -6.55
CA GLN A 186 22.86 -35.51 -7.03
C GLN A 186 22.18 -36.64 -7.78
N HIS A 187 21.15 -37.25 -7.17
CA HIS A 187 20.54 -38.42 -7.77
C HIS A 187 19.84 -38.06 -9.08
N ILE A 188 19.14 -36.94 -9.11
CA ILE A 188 18.39 -36.58 -10.31
C ILE A 188 19.31 -36.45 -11.52
N PHE A 189 20.52 -35.92 -11.31
CA PHE A 189 21.45 -35.62 -12.40
C PHE A 189 22.62 -36.58 -12.48
N GLU A 190 22.56 -37.69 -11.74
CA GLU A 190 23.75 -38.52 -11.56
C GLU A 190 24.29 -39.07 -12.88
N GLU A 191 23.42 -39.31 -13.86
CA GLU A 191 23.84 -39.87 -15.14
C GLU A 191 23.88 -38.83 -16.25
N ASP A 192 23.87 -37.56 -15.89
CA ASP A 192 23.63 -36.47 -16.84
C ASP A 192 24.88 -35.62 -16.94
N ASP A 193 25.39 -35.43 -18.16
CA ASP A 193 26.52 -34.56 -18.41
C ASP A 193 26.13 -33.15 -18.83
N SER A 194 24.83 -32.83 -18.85
CA SER A 194 24.41 -31.47 -19.16
C SER A 194 24.22 -30.62 -17.92
N VAL A 195 24.15 -31.25 -16.75
CA VAL A 195 23.99 -30.53 -15.48
C VAL A 195 25.12 -30.96 -14.56
N LEU A 196 26.05 -30.05 -14.31
CA LEU A 196 27.17 -30.29 -13.41
C LEU A 196 26.72 -29.92 -12.01
N TYR A 197 26.77 -30.89 -11.09
CA TYR A 197 26.38 -30.68 -9.70
C TYR A 197 27.64 -30.63 -8.84
N ILE A 198 27.85 -29.52 -8.14
CA ILE A 198 28.96 -29.38 -7.20
C ILE A 198 28.40 -29.06 -5.83
N SER A 199 28.64 -29.94 -4.86
CA SER A 199 28.15 -29.71 -3.50
C SER A 199 29.33 -29.63 -2.53
N LEU A 200 29.26 -28.66 -1.63
CA LEU A 200 30.16 -28.57 -0.46
C LEU A 200 29.23 -28.91 0.74
N HIS A 201 29.68 -29.79 1.62
CA HIS A 201 28.76 -30.15 2.71
C HIS A 201 29.53 -30.76 3.87
N ARG A 202 29.01 -30.51 5.07
CA ARG A 202 29.50 -31.23 6.24
C ARG A 202 29.12 -32.70 6.11
N TYR A 203 30.10 -33.58 6.28
CA TYR A 203 29.92 -35.00 6.01
C TYR A 203 30.15 -35.85 7.26
N GLU A 204 31.27 -35.63 7.95
CA GLU A 204 31.61 -36.38 9.18
C GLU A 204 31.51 -37.89 8.99
N ASP A 205 32.14 -38.39 7.92
CA ASP A 205 32.17 -39.83 7.63
C ASP A 205 30.79 -40.46 7.51
N GLY A 206 29.84 -39.67 7.02
CA GLY A 206 28.48 -40.12 6.83
C GLY A 206 27.58 -39.98 8.03
N ALA A 207 28.06 -39.37 9.11
CA ALA A 207 27.26 -39.26 10.32
C ALA A 207 26.26 -38.11 10.26
N PHE A 208 26.54 -37.09 9.46
CA PHE A 208 25.74 -35.88 9.48
C PHE A 208 24.59 -36.04 8.48
N PHE A 209 23.46 -35.40 8.79
CA PHE A 209 22.30 -35.47 7.89
C PHE A 209 22.74 -35.07 6.47
N PRO A 210 22.29 -35.79 5.42
CA PRO A 210 21.30 -36.88 5.40
C PRO A 210 21.84 -38.30 5.57
N ASN A 211 23.05 -38.42 6.16
CA ASN A 211 23.52 -39.68 6.75
C ASN A 211 23.81 -40.76 5.72
N SER A 212 24.28 -40.39 4.53
CA SER A 212 24.53 -41.37 3.48
C SER A 212 25.93 -41.22 2.91
N GLU A 213 26.57 -42.36 2.60
CA GLU A 213 27.84 -42.32 1.91
C GLU A 213 27.74 -41.85 0.46
N ASP A 214 26.52 -41.62 -0.05
CA ASP A 214 26.37 -41.02 -1.37
C ASP A 214 27.02 -39.65 -1.44
N ALA A 215 27.20 -39.00 -0.30
CA ALA A 215 27.79 -37.68 -0.26
C ALA A 215 29.30 -37.69 -0.28
N ASN A 216 29.94 -38.85 -0.36
CA ASN A 216 31.39 -38.84 -0.26
C ASN A 216 32.02 -38.45 -1.60
N TYR A 217 33.32 -38.11 -1.54
CA TYR A 217 34.02 -37.55 -2.70
C TYR A 217 34.17 -38.54 -3.84
N ASP A 218 34.07 -39.83 -3.57
CA ASP A 218 34.27 -40.81 -4.63
C ASP A 218 33.02 -41.07 -5.45
N LYS A 219 31.93 -40.37 -5.17
CA LYS A 219 30.71 -40.47 -5.98
C LYS A 219 30.85 -39.38 -7.04
N VAL A 220 31.35 -39.77 -8.22
CA VAL A 220 31.73 -38.81 -9.26
C VAL A 220 30.70 -38.74 -10.39
N GLY A 221 29.60 -39.47 -10.28
CA GLY A 221 28.63 -39.59 -11.35
C GLY A 221 28.70 -40.97 -12.00
N LEU A 222 27.68 -41.26 -12.80
CA LEU A 222 27.52 -42.57 -13.41
C LEU A 222 27.44 -42.42 -14.93
N GLY A 223 28.01 -43.40 -15.63
CA GLY A 223 27.89 -43.41 -17.08
C GLY A 223 28.44 -42.16 -17.72
N LYS A 224 27.64 -41.59 -18.63
CA LYS A 224 27.99 -40.33 -19.27
C LYS A 224 28.14 -39.21 -18.26
N GLY A 225 27.56 -39.37 -17.07
CA GLY A 225 27.69 -38.37 -16.02
C GLY A 225 28.95 -38.45 -15.20
N ARG A 226 29.86 -39.39 -15.48
CA ARG A 226 31.09 -39.48 -14.71
C ARG A 226 31.92 -38.21 -14.84
N GLY A 227 32.26 -37.62 -13.70
CA GLY A 227 32.94 -36.34 -13.62
C GLY A 227 32.03 -35.15 -13.40
N TYR A 228 30.72 -35.34 -13.58
CA TYR A 228 29.76 -34.25 -13.49
C TYR A 228 29.01 -34.25 -12.16
N ASN A 229 29.53 -34.97 -11.18
CA ASN A 229 29.06 -34.88 -9.79
C ASN A 229 30.28 -34.68 -8.91
N VAL A 230 30.39 -33.52 -8.29
CA VAL A 230 31.55 -33.14 -7.50
C VAL A 230 31.11 -32.94 -6.05
N ASN A 231 31.42 -33.91 -5.20
CA ASN A 231 31.12 -33.82 -3.76
C ASN A 231 32.37 -33.41 -3.01
N ILE A 232 32.28 -32.31 -2.26
CA ILE A 232 33.37 -31.80 -1.44
C ILE A 232 32.96 -31.97 0.02
N PRO A 233 33.30 -33.09 0.64
CA PRO A 233 32.81 -33.38 1.99
C PRO A 233 33.77 -32.97 3.10
N TRP A 234 33.26 -32.30 4.12
CA TRP A 234 34.07 -31.83 5.23
C TRP A 234 33.95 -32.80 6.40
N ASN A 235 35.08 -33.09 7.03
CA ASN A 235 35.13 -33.95 8.21
C ASN A 235 35.99 -33.29 9.27
N GLY A 236 35.49 -33.21 10.48
CA GLY A 236 36.32 -32.88 11.62
C GLY A 236 36.51 -31.40 11.94
N GLY A 237 36.54 -30.53 10.95
CA GLY A 237 36.80 -29.12 11.18
C GLY A 237 35.56 -28.24 11.21
N LYS A 238 35.65 -27.14 11.96
CA LYS A 238 34.63 -26.10 11.97
C LYS A 238 34.94 -25.15 10.81
N MET A 239 34.42 -25.50 9.65
CA MET A 239 34.86 -24.86 8.42
C MET A 239 34.25 -23.47 8.29
N GLY A 240 34.98 -22.59 7.59
CA GLY A 240 34.55 -21.21 7.42
C GLY A 240 35.12 -20.62 6.15
N ASP A 241 35.27 -19.29 6.15
CA ASP A 241 35.68 -18.56 4.94
C ASP A 241 36.95 -19.12 4.30
N PRO A 242 38.06 -19.34 5.03
CA PRO A 242 39.27 -19.81 4.34
C PRO A 242 39.08 -21.14 3.65
N GLU A 243 38.32 -22.05 4.26
CA GLU A 243 38.13 -23.37 3.69
C GLU A 243 37.23 -23.33 2.44
N TYR A 244 36.15 -22.54 2.51
CA TYR A 244 35.31 -22.40 1.33
C TYR A 244 36.03 -21.66 0.21
N MET A 245 36.79 -20.62 0.55
CA MET A 245 37.56 -19.91 -0.49
C MET A 245 38.58 -20.84 -1.14
N ALA A 246 39.19 -21.72 -0.36
CA ALA A 246 40.16 -22.64 -0.90
C ALA A 246 39.50 -23.69 -1.78
N ALA A 247 38.32 -24.16 -1.37
CA ALA A 247 37.58 -25.11 -2.20
C ALA A 247 37.17 -24.46 -3.53
N PHE A 248 36.81 -23.18 -3.50
CA PHE A 248 36.46 -22.50 -4.76
C PHE A 248 37.69 -22.35 -5.64
N HIS A 249 38.83 -22.01 -5.05
CA HIS A 249 40.04 -21.76 -5.82
C HIS A 249 40.56 -23.04 -6.49
N HIS A 250 40.59 -24.16 -5.75
CA HIS A 250 41.20 -25.39 -6.24
C HIS A 250 40.26 -26.30 -7.00
N LEU A 251 38.94 -26.18 -6.79
CA LEU A 251 38.02 -27.19 -7.28
C LEU A 251 36.84 -26.55 -8.02
N VAL A 252 36.04 -25.71 -7.31
CA VAL A 252 34.79 -25.25 -7.88
C VAL A 252 35.04 -24.42 -9.13
N MET A 253 35.89 -23.41 -9.03
CA MET A 253 36.09 -22.52 -10.18
C MET A 253 36.84 -23.19 -11.34
N PRO A 254 37.94 -23.95 -11.13
CA PRO A 254 38.57 -24.61 -12.29
C PRO A 254 37.65 -25.58 -13.00
N ILE A 255 36.90 -26.39 -12.26
CA ILE A 255 35.97 -27.32 -12.89
C ILE A 255 34.86 -26.54 -13.63
N ALA A 256 34.29 -25.53 -12.96
CA ALA A 256 33.19 -24.78 -13.57
C ALA A 256 33.65 -24.09 -14.84
N ARG A 257 34.83 -23.46 -14.82
CA ARG A 257 35.34 -22.80 -16.01
C ARG A 257 35.51 -23.78 -17.17
N GLU A 258 35.95 -25.00 -16.88
CA GLU A 258 36.13 -25.99 -17.94
C GLU A 258 34.79 -26.48 -18.46
N PHE A 259 33.80 -26.61 -17.57
CA PHE A 259 32.46 -27.00 -17.99
C PHE A 259 31.80 -25.92 -18.84
N ALA A 260 32.17 -24.66 -18.60
CA ALA A 260 31.63 -23.52 -19.33
C ALA A 260 30.10 -23.46 -19.27
N PRO A 261 29.51 -23.32 -18.09
CA PRO A 261 28.05 -23.34 -18.02
C PRO A 261 27.42 -22.16 -18.73
N GLU A 262 26.18 -22.38 -19.14
CA GLU A 262 25.38 -21.33 -19.75
C GLU A 262 24.39 -20.72 -18.77
N LEU A 263 24.24 -21.33 -17.60
CA LEU A 263 23.39 -20.83 -16.53
C LEU A 263 23.96 -21.42 -15.25
N VAL A 264 24.05 -20.60 -14.20
CA VAL A 264 24.48 -21.06 -12.88
C VAL A 264 23.31 -20.94 -11.93
N LEU A 265 22.97 -22.04 -11.26
CA LEU A 265 22.01 -22.05 -10.17
C LEU A 265 22.78 -22.29 -8.88
N VAL A 266 22.52 -21.49 -7.86
CA VAL A 266 23.07 -21.73 -6.53
C VAL A 266 21.97 -22.27 -5.63
N SER A 267 22.17 -23.51 -5.15
CA SER A 267 21.40 -24.02 -4.01
C SER A 267 22.00 -23.38 -2.79
N ALA A 268 21.47 -22.20 -2.46
CA ALA A 268 22.07 -21.30 -1.50
C ALA A 268 21.37 -21.46 -0.15
N GLY A 269 21.69 -22.55 0.54
CA GLY A 269 21.38 -22.60 1.96
C GLY A 269 22.37 -21.72 2.71
N PHE A 270 21.94 -21.20 3.85
CA PHE A 270 22.82 -20.39 4.68
C PHE A 270 23.03 -21.03 6.05
N ASP A 271 22.96 -22.35 6.07
CA ASP A 271 23.16 -23.13 7.29
C ASP A 271 24.61 -23.45 7.56
N ALA A 272 25.53 -23.13 6.62
CA ALA A 272 26.96 -23.13 6.95
C ALA A 272 27.40 -21.81 7.57
N ALA A 273 26.48 -20.89 7.83
CA ALA A 273 26.82 -19.56 8.31
C ALA A 273 27.23 -19.56 9.78
N ARG A 274 28.16 -18.68 10.09
CA ARG A 274 28.39 -18.28 11.47
C ARG A 274 27.07 -18.00 12.15
N GLY A 275 26.85 -18.62 13.32
CA GLY A 275 25.64 -18.45 14.07
C GLY A 275 24.57 -19.51 13.85
N ASP A 276 24.70 -20.35 12.82
CA ASP A 276 23.64 -21.33 12.57
C ASP A 276 23.61 -22.38 13.68
N PRO A 277 22.44 -22.65 14.26
CA PRO A 277 22.35 -23.62 15.36
C PRO A 277 22.45 -25.07 14.93
N LEU A 278 22.32 -25.36 13.64
CA LEU A 278 22.35 -26.73 13.15
C LEU A 278 23.65 -27.06 12.41
N GLY A 279 24.17 -26.12 11.63
CA GLY A 279 25.31 -26.44 10.78
C GLY A 279 26.63 -26.54 11.51
N GLY A 280 26.85 -25.69 12.51
CA GLY A 280 28.08 -25.75 13.28
C GLY A 280 29.30 -25.17 12.59
N PHE A 281 29.12 -24.43 11.49
CA PHE A 281 30.21 -23.87 10.71
C PHE A 281 30.24 -22.36 10.88
N GLN A 282 31.16 -21.67 10.18
CA GLN A 282 31.34 -20.25 10.47
C GLN A 282 31.62 -19.42 9.21
N VAL A 283 30.99 -19.75 8.09
CA VAL A 283 31.08 -18.87 6.92
C VAL A 283 30.43 -17.54 7.23
N THR A 284 31.10 -16.43 6.90
CA THR A 284 30.63 -15.09 7.23
C THR A 284 29.85 -14.49 6.06
N PRO A 285 29.11 -13.41 6.29
CA PRO A 285 28.40 -12.78 5.16
C PRO A 285 29.36 -12.29 4.09
N GLU A 286 30.54 -11.81 4.49
CA GLU A 286 31.56 -11.43 3.53
C GLU A 286 32.08 -12.65 2.76
N GLY A 287 32.15 -13.80 3.43
CA GLY A 287 32.51 -15.02 2.74
C GLY A 287 31.51 -15.40 1.67
N TYR A 288 30.22 -15.31 1.98
CA TYR A 288 29.22 -15.61 0.96
C TYR A 288 29.28 -14.61 -0.18
N ALA A 289 29.59 -13.35 0.12
CA ALA A 289 29.73 -12.35 -0.94
C ALA A 289 30.86 -12.74 -1.89
N HIS A 290 31.99 -13.18 -1.34
CA HIS A 290 33.09 -13.60 -2.20
C HIS A 290 32.75 -14.82 -3.04
N LEU A 291 32.01 -15.80 -2.48
CA LEU A 291 31.62 -16.94 -3.29
C LEU A 291 30.70 -16.52 -4.42
N THR A 292 29.74 -15.64 -4.13
CA THR A 292 28.84 -15.15 -5.17
C THR A 292 29.62 -14.45 -6.27
N HIS A 293 30.51 -13.55 -5.88
CA HIS A 293 31.26 -12.74 -6.84
C HIS A 293 32.10 -13.63 -7.74
N GLN A 294 32.64 -14.73 -7.21
CA GLN A 294 33.36 -15.66 -8.06
C GLN A 294 32.43 -16.32 -9.07
N LEU A 295 31.24 -16.74 -8.64
CA LEU A 295 30.33 -17.40 -9.56
C LEU A 295 29.86 -16.45 -10.66
N MET A 296 29.80 -15.15 -10.35
CA MET A 296 29.39 -14.15 -11.34
C MET A 296 30.34 -14.09 -12.54
N SER A 297 31.54 -14.64 -12.40
CA SER A 297 32.47 -14.68 -13.54
C SER A 297 32.15 -15.78 -14.52
N LEU A 298 31.17 -16.62 -14.24
CA LEU A 298 30.75 -17.72 -15.10
C LEU A 298 29.49 -17.34 -15.87
N ALA A 299 29.28 -18.02 -17.01
CA ALA A 299 28.01 -18.01 -17.74
C ALA A 299 27.57 -16.61 -18.16
N ALA A 300 28.54 -15.74 -18.48
CA ALA A 300 28.24 -14.33 -18.78
C ALA A 300 27.41 -13.66 -17.68
N GLY A 301 27.60 -14.13 -16.45
CA GLY A 301 26.92 -13.58 -15.29
C GLY A 301 25.55 -14.11 -15.00
N ARG A 302 25.09 -15.13 -15.73
N ARG A 302 25.09 -15.13 -15.73
CA ARG A 302 23.73 -15.65 -15.59
CA ARG A 302 23.72 -15.61 -15.59
C ARG A 302 23.69 -16.54 -14.36
C ARG A 302 23.65 -16.54 -14.38
N VAL A 303 23.40 -15.94 -13.21
CA VAL A 303 23.42 -16.62 -11.91
C VAL A 303 22.08 -16.40 -11.21
N LEU A 304 21.49 -17.49 -10.72
CA LEU A 304 20.26 -17.44 -9.91
C LEU A 304 20.55 -18.06 -8.56
N ILE A 305 20.38 -17.27 -7.50
CA ILE A 305 20.63 -17.71 -6.12
C ILE A 305 19.29 -18.12 -5.51
N ILE A 306 19.17 -19.41 -5.14
CA ILE A 306 17.93 -20.00 -4.63
C ILE A 306 18.10 -20.36 -3.17
N LEU A 307 17.28 -19.79 -2.29
CA LEU A 307 17.35 -20.15 -0.87
C LEU A 307 17.05 -21.64 -0.66
N GLU A 308 17.94 -22.31 0.10
CA GLU A 308 17.67 -23.66 0.60
C GLU A 308 17.47 -23.59 2.13
N GLY A 309 18.39 -24.12 2.92
CA GLY A 309 18.30 -24.07 4.37
C GLY A 309 18.92 -22.82 4.98
N GLY A 310 19.11 -22.88 6.31
CA GLY A 310 19.62 -21.73 7.04
C GLY A 310 18.65 -21.31 8.13
N TYR A 311 19.11 -21.35 9.40
CA TYR A 311 18.20 -21.37 10.52
C TYR A 311 18.44 -20.31 11.57
N ASN A 312 19.49 -19.50 11.46
CA ASN A 312 19.65 -18.32 12.29
C ASN A 312 19.11 -17.14 11.50
N LEU A 313 18.01 -16.55 11.97
CA LEU A 313 17.32 -15.53 11.17
C LEU A 313 18.22 -14.34 10.86
N THR A 314 19.04 -13.92 11.81
CA THR A 314 19.98 -12.83 11.54
C THR A 314 21.04 -13.27 10.54
N SER A 315 21.57 -14.47 10.70
CA SER A 315 22.65 -14.94 9.82
C SER A 315 22.18 -15.06 8.38
N ILE A 316 21.01 -15.67 8.17
CA ILE A 316 20.55 -15.88 6.79
C ILE A 316 20.19 -14.56 6.15
N SER A 317 19.67 -13.61 6.94
CA SER A 317 19.25 -12.33 6.39
C SER A 317 20.45 -11.51 5.94
N GLU A 318 21.49 -11.44 6.77
CA GLU A 318 22.70 -10.73 6.38
C GLU A 318 23.42 -11.44 5.25
N SER A 319 23.48 -12.78 5.30
CA SER A 319 24.26 -13.51 4.30
C SER A 319 23.62 -13.42 2.93
N MET A 320 22.32 -13.66 2.84
CA MET A 320 21.70 -13.60 1.53
C MET A 320 21.68 -12.18 0.98
N SER A 321 21.52 -11.18 1.85
CA SER A 321 21.55 -9.79 1.40
CA SER A 321 21.54 -9.79 1.39
C SER A 321 22.91 -9.44 0.82
N MET A 322 23.98 -9.95 1.41
CA MET A 322 25.31 -9.70 0.86
C MET A 322 25.44 -10.33 -0.52
N CYS A 323 24.84 -11.50 -0.73
CA CYS A 323 24.88 -12.10 -2.06
C CYS A 323 24.17 -11.22 -3.08
N THR A 324 23.00 -10.68 -2.73
CA THR A 324 22.29 -9.78 -3.63
C THR A 324 23.09 -8.52 -3.92
N SER A 325 23.75 -7.97 -2.89
CA SER A 325 24.63 -6.83 -3.10
C SER A 325 25.69 -7.13 -4.16
N MET A 326 26.24 -8.35 -4.16
CA MET A 326 27.23 -8.72 -5.17
C MET A 326 26.59 -8.84 -6.55
N LEU A 327 25.41 -9.45 -6.64
CA LEU A 327 24.73 -9.54 -7.94
C LEU A 327 24.48 -8.17 -8.53
N LEU A 328 24.21 -7.18 -7.67
CA LEU A 328 23.94 -5.82 -8.12
C LEU A 328 25.19 -5.08 -8.56
N GLY A 329 26.36 -5.68 -8.36
CA GLY A 329 27.61 -5.10 -8.80
C GLY A 329 28.39 -4.36 -7.74
N ASP A 330 28.01 -4.46 -6.47
CA ASP A 330 28.75 -3.76 -5.44
C ASP A 330 30.13 -4.39 -5.23
N SER A 331 31.08 -3.59 -4.77
CA SER A 331 32.43 -4.09 -4.55
C SER A 331 32.43 -5.15 -3.46
N PRO A 332 33.12 -6.26 -3.66
CA PRO A 332 33.20 -7.28 -2.62
C PRO A 332 33.84 -6.72 -1.36
N PRO A 333 33.29 -7.03 -0.20
CA PRO A 333 33.81 -6.46 1.05
C PRO A 333 35.17 -7.07 1.37
N SER A 334 35.94 -6.35 2.18
CA SER A 334 37.27 -6.85 2.47
C SER A 334 37.20 -8.13 3.29
N LEU A 335 38.16 -9.01 3.02
CA LEU A 335 38.31 -10.31 3.64
C LEU A 335 39.78 -10.46 3.96
N ASP A 336 40.08 -11.21 5.02
CA ASP A 336 41.47 -11.51 5.33
C ASP A 336 41.85 -12.78 4.58
N HIS A 337 42.36 -12.58 3.35
CA HIS A 337 42.62 -13.67 2.42
C HIS A 337 43.77 -14.58 2.85
N LEU A 338 44.66 -14.12 3.73
CA LEU A 338 45.88 -14.88 4.02
C LEU A 338 45.63 -16.08 4.93
N THR A 339 44.56 -16.05 5.74
CA THR A 339 44.31 -16.95 6.88
C THR A 339 44.59 -18.44 6.61
N PRO A 340 45.28 -19.12 7.53
CA PRO A 340 45.64 -20.52 7.30
C PRO A 340 44.45 -21.47 7.44
N LEU A 341 44.42 -22.48 6.55
CA LEU A 341 43.32 -23.42 6.49
C LEU A 341 43.35 -24.37 7.68
N LYS A 342 42.16 -24.81 8.09
CA LYS A 342 42.10 -25.97 8.95
C LYS A 342 42.65 -27.19 8.22
N THR A 343 43.37 -28.03 8.96
CA THR A 343 44.17 -29.08 8.34
C THR A 343 43.29 -30.11 7.64
N SER A 344 42.13 -30.42 8.21
CA SER A 344 41.25 -31.40 7.59
C SER A 344 40.63 -30.90 6.30
N ALA A 345 40.51 -29.57 6.12
CA ALA A 345 39.97 -29.06 4.87
C ALA A 345 40.90 -29.35 3.71
N THR A 346 42.22 -29.21 3.93
CA THR A 346 43.19 -29.53 2.89
C THR A 346 43.12 -31.01 2.51
N VAL A 347 42.94 -31.89 3.50
CA VAL A 347 42.75 -33.31 3.21
C VAL A 347 41.55 -33.54 2.31
N SER A 348 40.42 -32.91 2.65
CA SER A 348 39.22 -33.05 1.83
C SER A 348 39.45 -32.56 0.41
N ILE A 349 40.03 -31.36 0.27
CA ILE A 349 40.28 -30.81 -1.06
C ILE A 349 41.17 -31.74 -1.87
N ASN A 350 42.23 -32.28 -1.25
CA ASN A 350 43.11 -33.19 -1.99
C ASN A 350 42.41 -34.49 -2.37
N ASN A 351 41.49 -34.98 -1.53
CA ASN A 351 40.74 -36.17 -1.88
C ASN A 351 39.87 -35.91 -3.12
N VAL A 352 39.21 -34.74 -3.16
CA VAL A 352 38.40 -34.42 -4.33
C VAL A 352 39.26 -34.29 -5.58
N LEU A 353 40.40 -33.59 -5.46
CA LEU A 353 41.32 -33.48 -6.60
C LEU A 353 41.72 -34.86 -7.13
N ARG A 354 42.02 -35.80 -6.24
CA ARG A 354 42.42 -37.13 -6.69
C ARG A 354 41.29 -37.82 -7.44
N ALA A 355 40.05 -37.62 -6.98
CA ALA A 355 38.93 -38.28 -7.61
C ALA A 355 38.55 -37.66 -8.95
N HIS A 356 38.77 -36.35 -9.12
CA HIS A 356 38.29 -35.63 -10.29
C HIS A 356 39.36 -35.24 -11.30
N ALA A 357 40.64 -35.32 -10.94
CA ALA A 357 41.70 -35.14 -11.93
C ALA A 357 41.50 -35.98 -13.19
N PRO A 358 41.04 -37.23 -13.14
CA PRO A 358 40.84 -37.99 -14.40
C PRO A 358 39.85 -37.36 -15.36
N PHE A 359 38.94 -36.51 -14.88
CA PHE A 359 37.84 -36.01 -15.68
C PHE A 359 38.00 -34.56 -16.10
N TRP A 360 38.90 -33.81 -15.48
CA TRP A 360 39.01 -32.37 -15.67
C TRP A 360 40.47 -31.99 -15.88
N SER A 361 40.82 -31.67 -17.13
CA SER A 361 42.20 -31.31 -17.45
C SER A 361 42.70 -30.12 -16.63
N SER A 362 41.79 -29.26 -16.14
CA SER A 362 42.19 -28.11 -15.33
C SER A 362 42.75 -28.53 -13.98
N LEU A 363 42.52 -29.77 -13.58
CA LEU A 363 43.06 -30.31 -12.32
C LEU A 363 44.29 -31.18 -12.55
N ARG A 364 44.85 -31.18 -13.76
CA ARG A 364 46.05 -31.94 -14.06
C ARG A 364 47.21 -31.03 -14.49
N PRO B 8 4.31 3.61 35.99
CA PRO B 8 4.80 4.60 35.01
C PRO B 8 5.32 3.91 33.74
N ILE B 9 4.89 2.68 33.53
CA ILE B 9 5.40 1.83 32.46
C ILE B 9 4.22 1.42 31.57
N THR B 10 4.51 1.20 30.28
CA THR B 10 3.53 0.72 29.30
C THR B 10 3.90 -0.70 28.91
N GLY B 11 2.93 -1.60 28.99
CA GLY B 11 3.15 -2.95 28.52
C GLY B 11 2.75 -3.12 27.07
N LEU B 12 3.36 -4.11 26.43
CA LEU B 12 3.03 -4.45 25.05
C LEU B 12 3.03 -5.96 24.92
N VAL B 13 1.99 -6.51 24.32
CA VAL B 13 1.96 -7.94 24.00
C VAL B 13 1.79 -8.13 22.49
N TYR B 14 2.60 -9.01 21.94
CA TYR B 14 2.56 -9.38 20.54
C TYR B 14 3.17 -10.76 20.43
N ASP B 15 2.55 -11.64 19.65
CA ASP B 15 3.14 -12.96 19.41
C ASP B 15 2.88 -13.38 17.98
N GLN B 16 3.95 -13.73 17.26
CA GLN B 16 3.82 -14.08 15.84
C GLN B 16 2.99 -15.33 15.62
N ARG B 17 2.73 -16.14 16.66
CA ARG B 17 1.84 -17.27 16.47
C ARG B 17 0.45 -16.83 16.06
N MET B 18 0.02 -15.62 16.46
CA MET B 18 -1.31 -15.20 16.04
C MET B 18 -1.40 -14.92 14.54
N MET B 19 -0.28 -14.91 13.82
CA MET B 19 -0.32 -14.83 12.35
C MET B 19 -0.80 -16.11 11.71
N LEU B 20 -0.87 -17.23 12.45
CA LEU B 20 -1.11 -18.53 11.82
C LEU B 20 -2.54 -18.71 11.31
N HIS B 21 -3.51 -18.00 11.88
CA HIS B 21 -4.89 -18.01 11.43
C HIS B 21 -4.94 -17.29 10.10
N HIS B 22 -5.57 -17.90 9.09
CA HIS B 22 -5.66 -17.24 7.80
C HIS B 22 -6.78 -17.84 6.98
N ASN B 23 -7.16 -17.11 5.94
CA ASN B 23 -8.21 -17.53 5.01
C ASN B 23 -7.58 -18.43 3.95
N MET B 24 -7.88 -19.72 4.01
CA MET B 24 -7.17 -20.60 3.10
C MET B 24 -7.70 -20.56 1.69
N TRP B 25 -8.76 -19.79 1.43
CA TRP B 25 -9.32 -19.70 0.10
C TRP B 25 -9.13 -18.33 -0.52
N ASP B 26 -8.44 -17.41 0.17
CA ASP B 26 -8.18 -16.08 -0.38
C ASP B 26 -6.95 -15.53 0.31
N SER B 27 -5.85 -15.40 -0.45
CA SER B 27 -4.61 -14.86 0.10
C SER B 27 -4.61 -13.34 0.16
N HIS B 28 -5.70 -12.69 -0.23
CA HIS B 28 -5.79 -11.24 -0.23
C HIS B 28 -6.94 -10.77 0.66
N HIS B 29 -7.28 -11.56 1.66
CA HIS B 29 -8.40 -11.21 2.50
C HIS B 29 -8.03 -10.03 3.39
N PRO B 30 -8.98 -9.14 3.67
CA PRO B 30 -8.68 -8.01 4.55
C PRO B 30 -8.10 -8.43 5.90
N GLU B 31 -8.59 -9.51 6.50
CA GLU B 31 -8.16 -9.90 7.85
C GLU B 31 -6.91 -10.79 7.73
N LEU B 32 -5.82 -10.13 7.36
CA LEU B 32 -4.57 -10.69 6.88
C LEU B 32 -3.61 -10.94 8.04
N PRO B 33 -2.85 -12.03 8.05
CA PRO B 33 -1.84 -12.23 9.11
C PRO B 33 -0.90 -11.04 9.29
N GLN B 34 -0.54 -10.39 8.18
CA GLN B 34 0.40 -9.29 8.24
C GLN B 34 -0.16 -8.06 8.94
N ARG B 35 -1.46 -8.01 9.26
CA ARG B 35 -1.95 -6.87 10.04
C ARG B 35 -1.13 -6.71 11.32
N ILE B 36 -0.90 -7.81 12.04
CA ILE B 36 -0.25 -7.68 13.34
C ILE B 36 1.25 -7.53 13.22
N SER B 37 1.87 -8.22 12.26
CA SER B 37 3.32 -8.11 12.08
C SER B 37 3.70 -6.72 11.57
N ARG B 38 2.85 -6.10 10.72
CA ARG B 38 3.14 -4.74 10.29
C ARG B 38 3.02 -3.75 11.46
N ILE B 39 2.02 -3.92 12.31
CA ILE B 39 1.89 -3.03 13.47
C ILE B 39 3.10 -3.18 14.37
N PHE B 40 3.49 -4.44 14.67
CA PHE B 40 4.65 -4.68 15.52
C PHE B 40 5.92 -4.08 14.91
N SER B 41 6.14 -4.32 13.62
CA SER B 41 7.32 -3.78 12.96
CA SER B 41 7.33 -3.77 12.97
C SER B 41 7.36 -2.25 13.06
N ARG B 42 6.20 -1.60 12.92
CA ARG B 42 6.19 -0.14 13.01
C ARG B 42 6.59 0.31 14.41
N HIS B 43 6.15 -0.41 15.45
CA HIS B 43 6.60 -0.10 16.80
C HIS B 43 8.12 -0.20 16.92
N GLU B 44 8.74 -1.17 16.24
CA GLU B 44 10.20 -1.26 16.27
C GLU B 44 10.83 -0.08 15.52
N GLU B 45 10.33 0.23 14.34
CA GLU B 45 10.89 1.31 13.51
C GLU B 45 10.87 2.64 14.24
N LEU B 46 9.80 2.91 14.98
CA LEU B 46 9.62 4.17 15.69
C LEU B 46 10.25 4.14 17.07
N ARG B 47 10.93 3.05 17.43
CA ARG B 47 11.63 2.87 18.69
C ARG B 47 10.70 2.83 19.89
N LEU B 48 9.43 2.48 19.67
CA LEU B 48 8.46 2.36 20.75
C LEU B 48 8.59 1.01 21.48
N LEU B 49 8.91 -0.06 20.73
CA LEU B 49 8.90 -1.38 21.33
C LEU B 49 9.83 -1.45 22.53
N SER B 50 11.05 -0.91 22.38
CA SER B 50 12.04 -1.00 23.46
C SER B 50 11.72 -0.07 24.62
N ARG B 51 10.76 0.84 24.47
CA ARG B 51 10.33 1.67 25.58
C ARG B 51 9.24 1.00 26.42
N CYS B 52 8.70 -0.12 25.96
CA CYS B 52 7.63 -0.83 26.64
C CYS B 52 8.19 -2.02 27.39
N HIS B 53 7.40 -2.49 28.35
CA HIS B 53 7.66 -3.76 29.02
C HIS B 53 6.93 -4.85 28.25
N ARG B 54 7.66 -5.85 27.78
CA ARG B 54 7.07 -6.90 26.96
C ARG B 54 6.31 -7.88 27.86
N ILE B 55 5.01 -7.99 27.64
CA ILE B 55 4.14 -8.92 28.37
C ILE B 55 3.97 -10.16 27.51
N PRO B 56 4.16 -11.36 28.04
CA PRO B 56 4.07 -12.55 27.17
C PRO B 56 2.62 -12.90 26.88
N ALA B 57 2.40 -13.44 25.68
CA ALA B 57 1.13 -14.07 25.39
C ALA B 57 0.93 -15.33 26.23
N ARG B 58 -0.33 -15.68 26.45
CA ARG B 58 -0.65 -17.00 26.97
C ARG B 58 -1.98 -17.44 26.37
N LEU B 59 -2.28 -18.73 26.55
CA LEU B 59 -3.57 -19.27 26.13
C LEU B 59 -4.65 -18.95 27.16
N ALA B 60 -5.79 -18.48 26.69
CA ALA B 60 -6.97 -18.51 27.54
C ALA B 60 -7.34 -19.96 27.84
N THR B 61 -7.93 -20.18 29.01
CA THR B 61 -8.46 -21.49 29.35
C THR B 61 -9.92 -21.58 28.95
N GLU B 62 -10.44 -22.80 28.86
CA GLU B 62 -11.86 -22.92 28.53
C GLU B 62 -12.75 -22.37 29.65
N GLU B 63 -12.32 -22.48 30.91
CA GLU B 63 -13.06 -21.84 31.99
C GLU B 63 -13.12 -20.34 31.79
N GLU B 64 -12.02 -19.73 31.33
CA GLU B 64 -12.05 -18.30 31.06
C GLU B 64 -12.99 -17.97 29.90
N LEU B 65 -12.98 -18.77 28.83
CA LEU B 65 -13.89 -18.49 27.74
C LEU B 65 -15.35 -18.52 28.20
N ALA B 66 -15.65 -19.39 29.17
CA ALA B 66 -16.99 -19.52 29.71
C ALA B 66 -17.43 -18.32 30.53
N LEU B 67 -16.53 -17.38 30.86
CA LEU B 67 -16.97 -16.12 31.45
C LEU B 67 -17.97 -15.39 30.58
N CYS B 68 -17.89 -15.56 29.25
CA CYS B 68 -18.80 -14.90 28.32
C CYS B 68 -19.47 -15.83 27.31
N HIS B 69 -18.94 -17.01 27.03
CA HIS B 69 -19.44 -17.81 25.92
C HIS B 69 -20.06 -19.09 26.42
N SER B 70 -21.01 -19.59 25.63
CA SER B 70 -21.68 -20.86 25.95
C SER B 70 -20.75 -22.05 25.73
N SER B 71 -21.05 -23.15 26.44
N SER B 71 -21.04 -23.14 26.45
CA SER B 71 -20.25 -24.36 26.25
CA SER B 71 -20.28 -24.37 26.26
C SER B 71 -20.37 -24.89 24.83
C SER B 71 -20.36 -24.87 24.83
N LYS B 72 -21.55 -24.75 24.21
CA LYS B 72 -21.73 -25.20 22.83
C LYS B 72 -20.83 -24.44 21.88
N HIS B 73 -20.79 -23.11 22.00
CA HIS B 73 -19.98 -22.32 21.08
C HIS B 73 -18.50 -22.64 21.27
N ILE B 74 -18.04 -22.73 22.53
CA ILE B 74 -16.64 -23.09 22.77
C ILE B 74 -16.33 -24.43 22.13
N SER B 75 -17.22 -25.40 22.31
CA SER B 75 -16.95 -26.74 21.79
CA SER B 75 -16.99 -26.76 21.79
C SER B 75 -16.92 -26.78 20.26
N ILE B 76 -17.80 -26.01 19.60
CA ILE B 76 -17.82 -26.01 18.13
C ILE B 76 -16.55 -25.38 17.56
N ILE B 77 -16.14 -24.23 18.11
CA ILE B 77 -14.93 -23.61 17.60
C ILE B 77 -13.72 -24.49 17.90
N LYS B 78 -13.67 -25.07 19.11
CA LYS B 78 -12.55 -25.97 19.40
C LYS B 78 -12.53 -27.15 18.43
N SER B 79 -13.71 -27.66 18.05
CA SER B 79 -13.76 -28.84 17.17
C SER B 79 -13.19 -28.54 15.78
N SER B 80 -13.19 -27.28 15.37
CA SER B 80 -12.72 -26.96 14.03
C SER B 80 -11.26 -27.34 13.83
N GLU B 81 -10.46 -27.37 14.91
CA GLU B 81 -9.05 -27.59 14.69
C GLU B 81 -8.74 -29.00 14.21
N HIS B 82 -9.68 -29.93 14.29
CA HIS B 82 -9.50 -31.30 13.81
C HIS B 82 -9.97 -31.48 12.37
N MET B 83 -10.58 -30.47 11.76
CA MET B 83 -11.32 -30.69 10.53
C MET B 83 -10.44 -30.57 9.30
N LYS B 84 -10.88 -31.24 8.23
CA LYS B 84 -10.22 -31.15 6.93
C LYS B 84 -10.74 -29.85 6.29
N PRO B 85 -9.96 -29.27 5.35
CA PRO B 85 -10.36 -27.99 4.74
C PRO B 85 -11.79 -27.94 4.24
N ARG B 86 -12.30 -29.01 3.59
CA ARG B 86 -13.68 -28.96 3.11
C ARG B 86 -14.66 -28.74 4.25
N ASP B 87 -14.40 -29.36 5.41
CA ASP B 87 -15.29 -29.20 6.55
C ASP B 87 -15.08 -27.85 7.25
N LEU B 88 -13.85 -27.32 7.27
CA LEU B 88 -13.65 -25.96 7.77
C LEU B 88 -14.45 -24.97 6.93
N ASN B 89 -14.47 -25.17 5.60
CA ASN B 89 -15.21 -24.23 4.79
C ASN B 89 -16.70 -24.33 5.08
N ARG B 90 -17.23 -25.55 5.20
CA ARG B 90 -18.66 -25.71 5.50
C ARG B 90 -19.01 -25.08 6.84
N LEU B 91 -18.16 -25.26 7.84
CA LEU B 91 -18.45 -24.68 9.15
C LEU B 91 -18.41 -23.17 9.11
N GLY B 92 -17.37 -22.58 8.54
CA GLY B 92 -17.30 -21.14 8.50
C GLY B 92 -18.45 -20.51 7.74
N ASP B 93 -18.93 -21.19 6.69
CA ASP B 93 -19.99 -20.65 5.86
C ASP B 93 -21.31 -20.56 6.60
N GLU B 94 -21.46 -21.28 7.71
CA GLU B 94 -22.66 -21.22 8.53
C GLU B 94 -22.76 -19.94 9.36
N TYR B 95 -21.67 -19.20 9.51
CA TYR B 95 -21.66 -17.97 10.27
C TYR B 95 -21.70 -16.78 9.33
N ASN B 96 -21.98 -15.61 9.89
CA ASN B 96 -21.90 -14.35 9.14
C ASN B 96 -20.45 -13.90 9.11
N SER B 97 -19.85 -13.96 7.93
CA SER B 97 -18.53 -13.37 7.66
C SER B 97 -17.42 -13.98 8.54
N ILE B 98 -17.22 -15.29 8.40
CA ILE B 98 -16.18 -16.03 9.12
C ILE B 98 -15.44 -16.95 8.16
N PHE B 99 -14.10 -16.97 8.27
CA PHE B 99 -13.27 -18.03 7.73
C PHE B 99 -12.52 -18.70 8.86
N ILE B 100 -12.29 -20.00 8.72
CA ILE B 100 -11.68 -20.82 9.77
C ILE B 100 -10.55 -21.64 9.16
N SER B 101 -9.40 -21.66 9.83
CA SER B 101 -8.32 -22.59 9.52
C SER B 101 -8.03 -23.45 10.74
N ASN B 102 -7.15 -24.45 10.56
N ASN B 102 -7.17 -24.45 10.54
CA ASN B 102 -6.89 -25.36 11.68
CA ASN B 102 -6.82 -25.37 11.63
C ASN B 102 -6.22 -24.65 12.84
C ASN B 102 -6.29 -24.62 12.84
N GLU B 103 -5.62 -23.50 12.60
CA GLU B 103 -4.95 -22.72 13.62
C GLU B 103 -5.86 -21.71 14.31
N SER B 104 -7.09 -21.50 13.83
CA SER B 104 -7.90 -20.38 14.32
C SER B 104 -8.20 -20.48 15.82
N TYR B 105 -8.54 -21.68 16.31
CA TYR B 105 -8.89 -21.78 17.73
C TYR B 105 -7.72 -21.40 18.62
N THR B 106 -6.54 -21.92 18.31
CA THR B 106 -5.35 -21.57 19.10
C THR B 106 -5.08 -20.08 19.06
N CYS B 107 -5.19 -19.47 17.87
CA CYS B 107 -4.94 -18.04 17.77
C CYS B 107 -5.93 -17.23 18.59
N ALA B 108 -7.21 -17.63 18.56
CA ALA B 108 -8.20 -16.93 19.38
C ALA B 108 -7.93 -17.10 20.87
N LEU B 109 -7.44 -18.28 21.30
CA LEU B 109 -7.02 -18.45 22.69
C LEU B 109 -5.85 -17.54 23.04
N LEU B 110 -4.90 -17.39 22.12
CA LEU B 110 -3.75 -16.52 22.38
C LEU B 110 -4.15 -15.07 22.42
N ALA B 111 -5.08 -14.65 21.55
CA ALA B 111 -5.53 -13.27 21.57
C ALA B 111 -6.16 -12.93 22.92
N ALA B 112 -7.03 -13.82 23.42
CA ALA B 112 -7.70 -13.55 24.70
C ALA B 112 -6.71 -13.62 25.86
N GLY B 113 -5.88 -14.66 25.92
CA GLY B 113 -4.97 -14.79 27.04
C GLY B 113 -3.92 -13.67 27.10
N SER B 114 -3.49 -13.18 25.93
CA SER B 114 -2.60 -12.00 25.87
C SER B 114 -3.24 -10.82 26.56
N CYS B 115 -4.54 -10.62 26.35
CA CYS B 115 -5.24 -9.50 26.97
C CYS B 115 -5.45 -9.74 28.45
N PHE B 116 -5.67 -10.99 28.85
CA PHE B 116 -5.78 -11.26 30.28
C PHE B 116 -4.47 -10.93 30.98
N ASN B 117 -3.34 -11.33 30.40
CA ASN B 117 -2.05 -11.04 31.03
C ASN B 117 -1.80 -9.55 31.09
N SER B 118 -2.26 -8.81 30.06
CA SER B 118 -2.10 -7.36 30.08
C SER B 118 -2.97 -6.73 31.15
N ALA B 119 -4.22 -7.19 31.26
CA ALA B 119 -5.08 -6.66 32.32
C ALA B 119 -4.52 -6.96 33.69
N GLN B 120 -3.99 -8.18 33.90
CA GLN B 120 -3.39 -8.52 35.19
C GLN B 120 -2.18 -7.64 35.49
N ALA B 121 -1.34 -7.38 34.48
CA ALA B 121 -0.17 -6.53 34.69
C ALA B 121 -0.59 -5.10 35.10
N ILE B 122 -1.66 -4.57 34.49
CA ILE B 122 -2.17 -3.25 34.85
C ILE B 122 -2.73 -3.26 36.28
N LEU B 123 -3.60 -4.22 36.57
CA LEU B 123 -4.33 -4.21 37.84
C LEU B 123 -3.44 -4.54 39.04
N THR B 124 -2.33 -5.25 38.83
CA THR B 124 -1.38 -5.49 39.91
C THR B 124 -0.31 -4.42 40.01
N GLY B 125 -0.31 -3.42 39.11
CA GLY B 125 0.66 -2.35 39.14
C GLY B 125 1.98 -2.64 38.49
N GLN B 126 2.12 -3.76 37.77
CA GLN B 126 3.38 -4.01 37.07
C GLN B 126 3.58 -3.01 35.95
N VAL B 127 2.49 -2.60 35.30
CA VAL B 127 2.50 -1.52 34.32
C VAL B 127 1.31 -0.63 34.64
N ARG B 128 1.35 0.59 34.11
CA ARG B 128 0.21 1.49 34.25
C ARG B 128 -0.83 1.24 33.17
N ASN B 129 -0.38 0.97 31.94
CA ASN B 129 -1.27 0.85 30.79
C ASN B 129 -0.62 -0.14 29.84
N ALA B 130 -1.31 -0.51 28.76
CA ALA B 130 -0.74 -1.50 27.87
C ALA B 130 -1.45 -1.51 26.53
N VAL B 131 -0.78 -2.12 25.56
N VAL B 131 -0.76 -2.10 25.55
CA VAL B 131 -1.31 -2.29 24.22
CA VAL B 131 -1.28 -2.30 24.20
C VAL B 131 -1.17 -3.77 23.83
C VAL B 131 -1.18 -3.78 23.86
N ALA B 132 -2.18 -4.29 23.14
CA ALA B 132 -2.24 -5.70 22.76
C ALA B 132 -2.43 -5.78 21.26
N ILE B 133 -1.40 -6.24 20.57
CA ILE B 133 -1.40 -6.34 19.11
C ILE B 133 -1.80 -7.80 18.80
N VAL B 134 -3.11 -8.04 18.68
CA VAL B 134 -3.69 -9.37 18.66
C VAL B 134 -4.64 -9.55 17.48
N ARG B 135 -4.78 -10.80 17.04
CA ARG B 135 -5.81 -11.22 16.09
C ARG B 135 -6.05 -12.71 16.30
N PRO B 136 -7.20 -13.25 15.87
CA PRO B 136 -8.35 -12.57 15.27
C PRO B 136 -9.05 -11.62 16.25
N PRO B 137 -9.87 -10.72 15.72
CA PRO B 137 -10.57 -9.75 16.56
C PRO B 137 -11.70 -10.39 17.35
N GLY B 138 -12.36 -9.60 18.19
CA GLY B 138 -13.33 -10.16 19.13
C GLY B 138 -14.72 -9.55 19.20
N HIS B 139 -14.91 -8.27 18.83
CA HIS B 139 -16.08 -7.55 19.35
C HIS B 139 -17.41 -7.96 18.70
N HIS B 140 -17.39 -8.62 17.54
CA HIS B 140 -18.61 -9.12 16.93
C HIS B 140 -19.00 -10.49 17.47
N ALA B 141 -18.13 -11.14 18.24
CA ALA B 141 -18.45 -12.48 18.76
C ALA B 141 -19.48 -12.39 19.87
N GLU B 142 -20.50 -13.23 19.79
CA GLU B 142 -21.61 -13.27 20.72
C GLU B 142 -21.39 -14.41 21.69
N LYS B 143 -22.21 -14.45 22.75
CA LYS B 143 -22.14 -15.54 23.71
C LYS B 143 -22.14 -16.90 22.99
N ASP B 144 -22.99 -17.05 21.98
CA ASP B 144 -23.26 -18.34 21.39
C ASP B 144 -22.83 -18.45 19.93
N THR B 145 -22.12 -17.48 19.37
CA THR B 145 -21.78 -17.62 17.95
C THR B 145 -20.61 -16.73 17.57
N ALA B 146 -19.96 -17.12 16.48
CA ALA B 146 -18.90 -16.32 15.89
C ALA B 146 -19.51 -15.43 14.81
N CYS B 147 -18.83 -14.31 14.51
CA CYS B 147 -19.37 -13.36 13.56
C CYS B 147 -18.28 -12.38 13.14
N GLY B 148 -18.27 -11.98 11.86
CA GLY B 148 -17.46 -10.82 11.51
C GLY B 148 -15.98 -10.93 11.81
N PHE B 149 -15.38 -12.08 11.49
CA PHE B 149 -13.95 -12.37 11.68
C PHE B 149 -13.59 -12.65 13.13
N CYS B 150 -14.58 -12.70 14.03
CA CYS B 150 -14.36 -12.81 15.47
C CYS B 150 -14.89 -14.14 15.99
N PHE B 151 -14.11 -14.82 16.82
CA PHE B 151 -14.52 -16.10 17.41
C PHE B 151 -14.93 -16.00 18.87
N PHE B 152 -14.13 -15.36 19.70
CA PHE B 152 -14.43 -15.14 21.10
C PHE B 152 -14.28 -13.65 21.36
N ASN B 153 -15.08 -13.13 22.29
CA ASN B 153 -15.08 -11.69 22.49
C ASN B 153 -13.98 -11.30 23.46
N THR B 154 -12.79 -11.05 22.91
CA THR B 154 -11.60 -10.77 23.72
C THR B 154 -11.81 -9.64 24.72
N ALA B 155 -12.38 -8.52 24.28
CA ALA B 155 -12.57 -7.39 25.19
C ALA B 155 -13.57 -7.72 26.30
N ALA B 156 -14.70 -8.32 25.93
CA ALA B 156 -15.68 -8.70 26.94
C ALA B 156 -15.07 -9.69 27.93
N LEU B 157 -14.33 -10.66 27.42
CA LEU B 157 -13.71 -11.64 28.30
C LEU B 157 -12.71 -10.97 29.23
N THR B 158 -11.98 -9.98 28.73
CA THR B 158 -10.98 -9.31 29.55
C THR B 158 -11.66 -8.53 30.67
N ALA B 159 -12.83 -7.93 30.41
CA ALA B 159 -13.56 -7.25 31.48
C ALA B 159 -13.97 -8.23 32.57
N ARG B 160 -14.51 -9.39 32.17
CA ARG B 160 -14.87 -10.41 33.17
C ARG B 160 -13.65 -10.99 33.86
N TYR B 161 -12.54 -11.16 33.12
CA TYR B 161 -11.34 -11.67 33.78
C TYR B 161 -10.82 -10.66 34.81
N ALA B 162 -10.86 -9.38 34.46
CA ALA B 162 -10.45 -8.33 35.39
C ALA B 162 -11.28 -8.38 36.66
N GLN B 163 -12.61 -8.54 36.51
CA GLN B 163 -13.49 -8.66 37.68
C GLN B 163 -13.15 -9.89 38.51
N SER B 164 -12.77 -10.99 37.86
CA SER B 164 -12.45 -12.22 38.60
C SER B 164 -11.19 -12.09 39.46
N ILE B 165 -10.28 -11.16 39.15
CA ILE B 165 -9.04 -11.00 39.91
C ILE B 165 -9.06 -9.76 40.79
N THR B 166 -10.20 -9.07 40.87
CA THR B 166 -10.35 -7.92 41.75
C THR B 166 -11.62 -8.11 42.57
N ARG B 167 -12.75 -7.65 42.06
CA ARG B 167 -14.05 -7.92 42.64
C ARG B 167 -15.06 -7.96 41.51
N GLU B 168 -16.14 -8.71 41.71
CA GLU B 168 -17.12 -8.90 40.65
C GLU B 168 -17.67 -7.59 40.12
N SER B 169 -17.79 -6.57 40.97
CA SER B 169 -18.40 -5.30 40.61
C SER B 169 -17.40 -4.25 40.16
N LEU B 170 -16.15 -4.63 39.87
CA LEU B 170 -15.18 -3.70 39.35
C LEU B 170 -15.77 -2.95 38.16
N ARG B 171 -15.66 -1.63 38.18
CA ARG B 171 -16.27 -0.82 37.13
C ARG B 171 -15.35 -0.80 35.92
N VAL B 172 -15.77 -1.42 34.82
CA VAL B 172 -14.98 -1.48 33.59
C VAL B 172 -15.70 -0.65 32.52
N LEU B 173 -14.97 0.27 31.90
CA LEU B 173 -15.42 1.00 30.71
C LEU B 173 -14.80 0.34 29.48
N ILE B 174 -15.64 -0.03 28.52
CA ILE B 174 -15.17 -0.46 27.20
C ILE B 174 -15.55 0.62 26.21
N VAL B 175 -14.55 1.24 25.59
CA VAL B 175 -14.77 2.21 24.53
C VAL B 175 -14.40 1.51 23.25
N ASP B 176 -15.35 1.42 22.33
CA ASP B 176 -15.19 0.67 21.08
C ASP B 176 -15.18 1.68 19.93
N TRP B 177 -13.99 1.99 19.41
CA TRP B 177 -13.87 2.96 18.34
C TRP B 177 -13.60 2.32 16.99
N ASP B 178 -13.63 0.99 16.92
CA ASP B 178 -13.70 0.33 15.62
C ASP B 178 -14.88 0.93 14.85
N VAL B 179 -14.74 1.03 13.52
CA VAL B 179 -15.80 1.65 12.71
C VAL B 179 -17.12 0.89 12.77
N HIS B 180 -17.09 -0.39 13.15
CA HIS B 180 -18.30 -1.22 13.21
C HIS B 180 -18.81 -1.33 14.65
N HIS B 181 -20.11 -1.50 14.79
CA HIS B 181 -20.70 -1.75 16.11
C HIS B 181 -20.24 -3.08 16.67
N GLY B 182 -19.86 -3.08 17.94
CA GLY B 182 -19.51 -4.33 18.62
C GLY B 182 -20.77 -4.99 19.15
N ASN B 183 -21.52 -5.62 18.23
CA ASN B 183 -22.79 -6.24 18.61
C ASN B 183 -22.60 -7.22 19.75
N GLY B 184 -21.51 -7.99 19.72
CA GLY B 184 -21.32 -8.99 20.78
C GLY B 184 -21.09 -8.36 22.13
N THR B 185 -20.27 -7.30 22.18
CA THR B 185 -19.98 -6.68 23.46
C THR B 185 -21.23 -6.04 24.03
N GLN B 186 -22.01 -5.36 23.19
CA GLN B 186 -23.27 -4.78 23.66
C GLN B 186 -24.15 -5.85 24.28
N HIS B 187 -24.32 -6.98 23.60
CA HIS B 187 -25.25 -8.00 24.07
C HIS B 187 -24.77 -8.65 25.35
N ILE B 188 -23.46 -8.91 25.46
CA ILE B 188 -22.93 -9.56 26.63
C ILE B 188 -23.16 -8.74 27.88
N PHE B 189 -23.08 -7.41 27.77
CA PHE B 189 -23.21 -6.55 28.94
C PHE B 189 -24.51 -5.75 28.99
N GLU B 190 -25.49 -6.10 28.15
CA GLU B 190 -26.67 -5.23 27.99
C GLU B 190 -27.44 -5.05 29.29
N GLU B 191 -27.45 -6.05 30.17
CA GLU B 191 -28.17 -6.00 31.44
C GLU B 191 -27.27 -5.67 32.61
N ASP B 192 -26.06 -5.19 32.35
CA ASP B 192 -25.01 -5.10 33.38
C ASP B 192 -24.67 -3.64 33.62
N ASP B 193 -24.70 -3.22 34.88
CA ASP B 193 -24.28 -1.87 35.23
C ASP B 193 -22.84 -1.80 35.74
N SER B 194 -22.09 -2.91 35.75
CA SER B 194 -20.69 -2.86 36.13
C SER B 194 -19.77 -2.67 34.93
N VAL B 195 -20.26 -2.85 33.71
CA VAL B 195 -19.46 -2.67 32.50
C VAL B 195 -20.22 -1.69 31.63
N LEU B 196 -19.66 -0.50 31.45
CA LEU B 196 -20.23 0.53 30.60
C LEU B 196 -19.66 0.34 29.21
N TYR B 197 -20.51 0.12 28.22
CA TYR B 197 -20.11 -0.05 26.83
C TYR B 197 -20.45 1.22 26.05
N ILE B 198 -19.45 1.83 25.44
CA ILE B 198 -19.63 3.00 24.58
C ILE B 198 -19.02 2.69 23.23
N SER B 199 -19.85 2.68 22.19
CA SER B 199 -19.40 2.40 20.84
C SER B 199 -19.71 3.60 19.96
N LEU B 200 -18.74 3.91 19.11
CA LEU B 200 -18.89 4.88 18.01
C LEU B 200 -18.81 4.01 16.76
N HIS B 201 -19.68 4.24 15.80
CA HIS B 201 -19.66 3.35 14.65
C HIS B 201 -20.41 3.94 13.47
N ARG B 202 -19.96 3.57 12.28
CA ARG B 202 -20.71 3.85 11.07
C ARG B 202 -21.98 3.00 11.07
N TYR B 203 -23.13 3.65 10.95
CA TYR B 203 -24.44 3.02 11.09
C TYR B 203 -25.25 3.06 9.80
N GLU B 204 -25.33 4.23 9.16
CA GLU B 204 -26.07 4.39 7.90
C GLU B 204 -27.48 3.82 7.99
N ASP B 205 -28.19 4.23 9.03
CA ASP B 205 -29.59 3.84 9.22
C ASP B 205 -29.77 2.32 9.21
N GLY B 206 -28.77 1.61 9.73
CA GLY B 206 -28.81 0.16 9.84
C GLY B 206 -28.30 -0.58 8.62
N ALA B 207 -27.79 0.12 7.61
CA ALA B 207 -27.35 -0.55 6.39
C ALA B 207 -25.90 -1.03 6.43
N PHE B 208 -25.09 -0.52 7.33
CA PHE B 208 -23.69 -0.88 7.37
C PHE B 208 -23.49 -2.10 8.27
N PHE B 209 -22.51 -2.92 7.94
CA PHE B 209 -22.23 -4.10 8.75
C PHE B 209 -22.06 -3.69 10.21
N PRO B 210 -22.65 -4.45 11.17
CA PRO B 210 -23.32 -5.74 11.03
C PRO B 210 -24.84 -5.69 10.79
N ASN B 211 -25.35 -4.58 10.28
CA ASN B 211 -26.67 -4.54 9.63
C ASN B 211 -27.84 -4.69 10.60
N SER B 212 -27.70 -4.20 11.83
CA SER B 212 -28.74 -4.40 12.84
C SER B 212 -29.08 -3.08 13.50
N GLU B 213 -30.39 -2.85 13.69
N GLU B 213 -30.39 -2.84 13.69
CA GLU B 213 -30.85 -1.70 14.46
CA GLU B 213 -30.84 -1.69 14.45
C GLU B 213 -30.45 -1.75 15.93
C GLU B 213 -30.45 -1.75 15.93
N ASP B 214 -29.85 -2.86 16.41
CA ASP B 214 -29.34 -2.89 17.77
C ASP B 214 -28.27 -1.82 17.99
N ALA B 215 -27.67 -1.33 16.91
CA ALA B 215 -26.60 -0.34 16.99
C ALA B 215 -27.10 1.09 17.08
N ASN B 216 -28.42 1.30 17.08
CA ASN B 216 -28.90 2.67 17.10
C ASN B 216 -28.81 3.31 18.49
N TYR B 217 -28.93 4.65 18.52
CA TYR B 217 -28.75 5.41 19.75
C TYR B 217 -29.81 5.10 20.81
N ASP B 218 -30.96 4.58 20.43
CA ASP B 218 -32.02 4.35 21.41
C ASP B 218 -31.86 3.03 22.16
N LYS B 219 -30.81 2.28 21.89
CA LYS B 219 -30.54 1.04 22.63
C LYS B 219 -29.63 1.43 23.78
N VAL B 220 -30.24 1.65 24.96
CA VAL B 220 -29.57 2.26 26.10
C VAL B 220 -29.21 1.24 27.17
N GLY B 221 -29.48 -0.03 26.94
CA GLY B 221 -29.34 -1.02 27.98
C GLY B 221 -30.69 -1.49 28.51
N LEU B 222 -30.63 -2.59 29.26
CA LEU B 222 -31.82 -3.29 29.72
C LEU B 222 -31.75 -3.45 31.24
N GLY B 223 -32.90 -3.27 31.90
CA GLY B 223 -32.97 -3.51 33.33
C GLY B 223 -32.02 -2.62 34.11
N LYS B 224 -31.26 -3.26 35.02
CA LYS B 224 -30.23 -2.56 35.76
C LYS B 224 -29.19 -1.92 34.84
N GLY B 225 -29.04 -2.44 33.64
CA GLY B 225 -28.10 -1.85 32.70
C GLY B 225 -28.61 -0.66 31.94
N ARG B 226 -29.82 -0.16 32.22
CA ARG B 226 -30.28 1.02 31.49
C ARG B 226 -29.36 2.21 31.76
N GLY B 227 -28.84 2.81 30.69
CA GLY B 227 -27.86 3.88 30.77
C GLY B 227 -26.44 3.43 30.56
N TYR B 228 -26.18 2.12 30.62
CA TYR B 228 -24.82 1.60 30.58
C TYR B 228 -24.45 1.05 29.20
N ASN B 229 -25.23 1.39 28.18
CA ASN B 229 -24.93 1.03 26.80
C ASN B 229 -25.14 2.29 25.98
N VAL B 230 -24.07 2.83 25.42
CA VAL B 230 -24.11 4.12 24.73
C VAL B 230 -23.65 3.89 23.30
N ASN B 231 -24.58 3.92 22.36
CA ASN B 231 -24.28 3.81 20.93
C ASN B 231 -24.27 5.20 20.30
N ILE B 232 -23.19 5.51 19.60
CA ILE B 232 -23.04 6.77 18.88
C ILE B 232 -22.96 6.44 17.39
N PRO B 233 -24.11 6.45 16.70
CA PRO B 233 -24.15 5.96 15.32
C PRO B 233 -23.99 7.07 14.32
N TRP B 234 -23.08 6.89 13.37
CA TRP B 234 -22.85 7.88 12.31
C TRP B 234 -23.63 7.53 11.05
N ASN B 235 -24.21 8.56 10.42
CA ASN B 235 -24.97 8.41 9.19
C ASN B 235 -24.57 9.51 8.22
N GLY B 236 -24.48 9.16 6.93
CA GLY B 236 -24.42 10.14 5.86
C GLY B 236 -23.32 11.16 6.01
N GLY B 237 -22.09 10.69 6.08
CA GLY B 237 -20.96 11.57 6.29
C GLY B 237 -19.66 10.84 6.47
N LYS B 238 -18.58 11.38 5.89
CA LYS B 238 -17.25 10.77 5.98
C LYS B 238 -16.62 11.30 7.25
N MET B 239 -16.87 10.61 8.36
CA MET B 239 -16.53 11.19 9.64
C MET B 239 -15.04 11.11 9.89
N GLY B 240 -14.54 12.05 10.68
CA GLY B 240 -13.11 12.14 10.93
C GLY B 240 -12.82 12.72 12.28
N ASP B 241 -11.62 13.28 12.43
CA ASP B 241 -11.18 13.80 13.74
C ASP B 241 -12.17 14.77 14.36
N PRO B 242 -12.71 15.78 13.64
CA PRO B 242 -13.66 16.69 14.33
C PRO B 242 -14.83 15.98 14.99
N GLU B 243 -15.43 15.03 14.28
CA GLU B 243 -16.62 14.37 14.80
C GLU B 243 -16.28 13.44 15.97
N TYR B 244 -15.18 12.70 15.87
CA TYR B 244 -14.77 11.82 16.98
C TYR B 244 -14.38 12.64 18.21
N MET B 245 -13.63 13.74 18.02
CA MET B 245 -13.24 14.58 19.14
C MET B 245 -14.47 15.22 19.79
N ALA B 246 -15.46 15.61 18.97
CA ALA B 246 -16.68 16.18 19.53
C ALA B 246 -17.48 15.13 20.28
N ALA B 247 -17.56 13.89 19.76
CA ALA B 247 -18.28 12.84 20.48
C ALA B 247 -17.63 12.58 21.83
N PHE B 248 -16.30 12.64 21.90
CA PHE B 248 -15.63 12.47 23.19
C PHE B 248 -15.92 13.64 24.11
N HIS B 249 -15.95 14.86 23.57
CA HIS B 249 -16.17 16.03 24.43
C HIS B 249 -17.58 16.05 25.02
N HIS B 250 -18.59 15.76 24.20
CA HIS B 250 -19.98 15.89 24.62
C HIS B 250 -20.54 14.63 25.27
N LEU B 251 -20.00 13.44 24.94
CA LEU B 251 -20.64 12.20 25.34
C LEU B 251 -19.68 11.28 26.07
N VAL B 252 -18.62 10.81 25.38
CA VAL B 252 -17.78 9.75 25.96
C VAL B 252 -17.18 10.18 27.28
N MET B 253 -16.56 11.36 27.31
CA MET B 253 -15.83 11.78 28.50
C MET B 253 -16.75 12.21 29.64
N PRO B 254 -17.82 12.98 29.42
CA PRO B 254 -18.71 13.26 30.55
C PRO B 254 -19.33 12.02 31.15
N ILE B 255 -19.79 11.08 30.34
CA ILE B 255 -20.38 9.85 30.89
C ILE B 255 -19.31 9.01 31.59
N ALA B 256 -18.15 8.85 30.95
CA ALA B 256 -17.11 8.02 31.56
C ALA B 256 -16.65 8.60 32.89
N ARG B 257 -16.52 9.93 32.98
CA ARG B 257 -16.09 10.52 34.25
C ARG B 257 -17.11 10.26 35.34
N GLU B 258 -18.40 10.30 34.99
CA GLU B 258 -19.44 10.08 35.99
C GLU B 258 -19.48 8.63 36.43
N PHE B 259 -19.24 7.72 35.49
CA PHE B 259 -19.15 6.29 35.80
C PHE B 259 -17.94 5.98 36.69
N ALA B 260 -16.86 6.72 36.51
CA ALA B 260 -15.63 6.56 37.28
C ALA B 260 -15.09 5.13 37.17
N PRO B 261 -14.69 4.72 35.97
CA PRO B 261 -14.20 3.35 35.78
C PRO B 261 -12.92 3.11 36.57
N GLU B 262 -12.73 1.84 36.92
CA GLU B 262 -11.50 1.36 37.53
C GLU B 262 -10.54 0.72 36.54
N LEU B 263 -11.00 0.49 35.31
CA LEU B 263 -10.20 -0.07 34.24
C LEU B 263 -10.88 0.37 32.97
N VAL B 264 -10.10 0.81 31.99
CA VAL B 264 -10.61 1.16 30.67
C VAL B 264 -10.04 0.16 29.67
N LEU B 265 -10.91 -0.47 28.90
CA LEU B 265 -10.53 -1.29 27.75
C LEU B 265 -10.95 -0.56 26.50
N VAL B 266 -10.07 -0.50 25.51
CA VAL B 266 -10.42 0.05 24.21
C VAL B 266 -10.50 -1.09 23.21
N SER B 267 -11.68 -1.29 22.62
CA SER B 267 -11.82 -2.12 21.44
C SER B 267 -11.37 -1.22 20.30
N ALA B 268 -10.05 -1.28 20.05
CA ALA B 268 -9.35 -0.34 19.19
C ALA B 268 -9.20 -0.97 17.80
N GLY B 269 -10.29 -0.96 17.05
CA GLY B 269 -10.17 -1.17 15.62
C GLY B 269 -9.66 0.11 14.99
N PHE B 270 -8.93 -0.01 13.88
CA PHE B 270 -8.42 1.14 13.17
C PHE B 270 -9.00 1.22 11.76
N ASP B 271 -10.21 0.70 11.62
CA ASP B 271 -10.93 0.70 10.35
C ASP B 271 -11.74 1.98 10.10
N ALA B 272 -11.81 2.89 11.08
CA ALA B 272 -12.29 4.24 10.80
C ALA B 272 -11.18 5.17 10.32
N ALA B 273 -9.98 4.63 10.12
CA ALA B 273 -8.83 5.45 9.77
C ALA B 273 -8.88 5.92 8.34
N ARG B 274 -8.33 7.11 8.10
CA ARG B 274 -8.06 7.54 6.73
C ARG B 274 -7.25 6.48 6.00
N GLY B 275 -7.71 6.12 4.80
CA GLY B 275 -7.09 5.09 4.00
C GLY B 275 -7.70 3.71 4.14
N ASP B 276 -8.54 3.47 5.13
CA ASP B 276 -9.12 2.14 5.26
C ASP B 276 -10.03 1.82 4.09
N PRO B 277 -9.85 0.68 3.42
CA PRO B 277 -10.68 0.36 2.25
C PRO B 277 -12.10 -0.06 2.58
N LEU B 278 -12.35 -0.47 3.83
CA LEU B 278 -13.67 -0.93 4.25
C LEU B 278 -14.46 0.13 5.01
N GLY B 279 -13.80 0.92 5.85
CA GLY B 279 -14.52 1.83 6.73
C GLY B 279 -15.05 3.08 6.07
N GLY B 280 -14.29 3.67 5.14
CA GLY B 280 -14.75 4.85 4.44
C GLY B 280 -14.70 6.13 5.22
N PHE B 281 -14.00 6.16 6.35
CA PHE B 281 -13.90 7.34 7.21
C PHE B 281 -12.48 7.89 7.16
N GLN B 282 -12.19 8.92 7.98
CA GLN B 282 -10.92 9.61 7.81
C GLN B 282 -10.33 10.06 9.14
N VAL B 283 -10.50 9.24 10.20
CA VAL B 283 -9.77 9.52 11.44
C VAL B 283 -8.27 9.39 11.21
N THR B 284 -7.50 10.36 11.66
CA THR B 284 -6.05 10.38 11.42
C THR B 284 -5.30 9.75 12.61
N PRO B 285 -4.01 9.43 12.44
CA PRO B 285 -3.25 8.90 13.59
C PRO B 285 -3.22 9.86 14.76
N GLU B 286 -3.15 11.17 14.46
CA GLU B 286 -3.19 12.17 15.53
C GLU B 286 -4.56 12.18 16.21
N GLY B 287 -5.62 11.94 15.44
CA GLY B 287 -6.94 11.79 16.03
C GLY B 287 -7.00 10.65 17.04
N TYR B 288 -6.50 9.48 16.65
CA TYR B 288 -6.49 8.37 17.61
C TYR B 288 -5.61 8.69 18.82
N ALA B 289 -4.49 9.41 18.60
CA ALA B 289 -3.63 9.81 19.72
C ALA B 289 -4.40 10.70 20.68
N HIS B 290 -5.18 11.63 20.14
CA HIS B 290 -5.97 12.50 21.01
C HIS B 290 -6.98 11.68 21.81
N LEU B 291 -7.68 10.74 21.16
CA LEU B 291 -8.65 9.92 21.87
C LEU B 291 -7.99 9.11 22.98
N THR B 292 -6.83 8.51 22.70
CA THR B 292 -6.12 7.74 23.71
C THR B 292 -5.75 8.62 24.90
N HIS B 293 -5.22 9.80 24.62
CA HIS B 293 -4.79 10.70 25.68
C HIS B 293 -5.97 11.15 26.54
N GLN B 294 -7.15 11.35 25.94
CA GLN B 294 -8.34 11.63 26.74
C GLN B 294 -8.65 10.48 27.69
N LEU B 295 -8.62 9.24 27.18
CA LEU B 295 -8.97 8.10 28.02
C LEU B 295 -7.97 7.88 29.15
N MET B 296 -6.71 8.29 28.96
CA MET B 296 -5.70 8.18 29.99
C MET B 296 -6.03 9.02 31.23
N SER B 297 -6.96 9.99 31.12
CA SER B 297 -7.35 10.77 32.29
C SER B 297 -8.32 10.02 33.19
N LEU B 298 -8.73 8.80 32.80
CA LEU B 298 -9.68 8.00 33.55
C LEU B 298 -8.94 6.86 34.25
N ALA B 299 -9.59 6.34 35.31
CA ALA B 299 -9.18 5.08 35.91
C ALA B 299 -7.73 5.13 36.40
N ALA B 300 -7.26 6.30 36.84
CA ALA B 300 -5.87 6.46 37.30
C ALA B 300 -4.89 6.05 36.21
N GLY B 301 -5.29 6.21 34.95
CA GLY B 301 -4.44 5.86 33.81
C GLY B 301 -4.48 4.40 33.39
N ARG B 302 -5.34 3.57 33.97
CA ARG B 302 -5.33 2.13 33.71
C ARG B 302 -6.12 1.83 32.43
N VAL B 303 -5.40 1.87 31.31
CA VAL B 303 -5.97 1.74 29.96
C VAL B 303 -5.29 0.60 29.22
N LEU B 304 -6.10 -0.29 28.64
CA LEU B 304 -5.60 -1.38 27.79
C LEU B 304 -6.19 -1.24 26.41
N ILE B 305 -5.35 -1.06 25.40
CA ILE B 305 -5.75 -0.86 24.01
C ILE B 305 -5.66 -2.20 23.30
N ILE B 306 -6.81 -2.73 22.85
CA ILE B 306 -6.89 -4.06 22.23
C ILE B 306 -7.21 -3.90 20.73
N LEU B 307 -6.37 -4.44 19.87
CA LEU B 307 -6.63 -4.34 18.43
C LEU B 307 -7.90 -5.12 18.07
N GLU B 308 -8.79 -4.47 17.29
CA GLU B 308 -9.94 -5.15 16.69
C GLU B 308 -9.74 -5.19 15.18
N GLY B 309 -10.51 -4.43 14.41
CA GLY B 309 -10.37 -4.36 12.96
C GLY B 309 -9.36 -3.32 12.48
N GLY B 310 -9.34 -3.11 11.17
CA GLY B 310 -8.40 -2.17 10.57
C GLY B 310 -7.62 -2.85 9.46
N TYR B 311 -7.74 -2.35 8.22
CA TYR B 311 -7.38 -3.12 7.04
C TYR B 311 -6.40 -2.44 6.11
N ASN B 312 -6.05 -1.18 6.33
CA ASN B 312 -4.96 -0.57 5.57
C ASN B 312 -3.70 -0.73 6.42
N LEU B 313 -2.75 -1.55 5.93
CA LEU B 313 -1.60 -1.93 6.77
C LEU B 313 -0.80 -0.71 7.22
N THR B 314 -0.64 0.28 6.35
CA THR B 314 0.05 1.50 6.75
C THR B 314 -0.78 2.29 7.77
N SER B 315 -2.09 2.43 7.51
CA SER B 315 -2.93 3.22 8.40
C SER B 315 -2.98 2.62 9.80
N ILE B 316 -3.15 1.29 9.89
CA ILE B 316 -3.27 0.71 11.23
C ILE B 316 -1.95 0.76 11.96
N SER B 317 -0.83 0.65 11.23
CA SER B 317 0.47 0.65 11.89
C SER B 317 0.79 2.01 12.45
N GLU B 318 0.51 3.07 11.69
N GLU B 318 0.49 3.07 11.69
CA GLU B 318 0.74 4.43 12.17
CA GLU B 318 0.75 4.42 12.19
C GLU B 318 -0.22 4.78 13.29
C GLU B 318 -0.22 4.79 13.29
N SER B 319 -1.48 4.37 13.16
CA SER B 319 -2.50 4.76 14.13
C SER B 319 -2.26 4.07 15.47
N MET B 320 -2.01 2.77 15.44
CA MET B 320 -1.83 2.10 16.72
C MET B 320 -0.52 2.51 17.38
N SER B 321 0.53 2.76 16.59
CA SER B 321 1.79 3.23 17.15
CA SER B 321 1.77 3.20 17.19
C SER B 321 1.62 4.57 17.84
N MET B 322 0.74 5.39 17.28
CA MET B 322 0.46 6.71 17.82
C MET B 322 -0.18 6.56 19.19
N CYS B 323 -1.07 5.58 19.31
CA CYS B 323 -1.72 5.34 20.60
C CYS B 323 -0.70 4.91 21.64
N THR B 324 0.21 4.00 21.26
CA THR B 324 1.27 3.56 22.18
C THR B 324 2.15 4.72 22.61
N SER B 325 2.48 5.61 21.68
CA SER B 325 3.25 6.80 22.02
C SER B 325 2.55 7.62 23.11
N MET B 326 1.21 7.73 23.02
CA MET B 326 0.47 8.44 24.06
C MET B 326 0.55 7.71 25.39
N LEU B 327 0.39 6.38 25.36
CA LEU B 327 0.45 5.63 26.60
C LEU B 327 1.80 5.79 27.28
N LEU B 328 2.87 5.93 26.50
CA LEU B 328 4.21 6.09 27.02
C LEU B 328 4.45 7.49 27.57
N GLY B 329 3.49 8.40 27.41
CA GLY B 329 3.58 9.73 27.98
C GLY B 329 4.03 10.81 27.02
N ASP B 330 4.12 10.51 25.72
CA ASP B 330 4.55 11.53 24.77
C ASP B 330 3.48 12.61 24.64
N SER B 331 3.90 13.82 24.30
CA SER B 331 2.93 14.92 24.31
C SER B 331 1.93 14.75 23.18
N PRO B 332 0.64 15.02 23.44
CA PRO B 332 -0.37 14.75 22.42
C PRO B 332 -0.33 15.77 21.30
N PRO B 333 -0.78 15.41 20.12
CA PRO B 333 -0.67 16.31 18.95
C PRO B 333 -1.74 17.38 18.99
N SER B 334 -1.38 18.55 18.48
CA SER B 334 -2.32 19.65 18.37
C SER B 334 -3.27 19.39 17.21
N LEU B 335 -4.57 19.56 17.45
CA LEU B 335 -5.57 19.35 16.41
C LEU B 335 -6.47 20.58 16.32
N ASP B 336 -7.28 20.59 15.26
CA ASP B 336 -8.18 21.71 14.97
C ASP B 336 -9.53 21.42 15.63
N HIS B 337 -9.77 22.06 16.77
CA HIS B 337 -11.04 21.94 17.50
C HIS B 337 -12.08 22.96 17.05
N LEU B 338 -11.70 23.88 16.17
CA LEU B 338 -12.66 24.84 15.60
C LEU B 338 -13.32 24.34 14.33
N THR B 339 -12.89 23.21 13.77
CA THR B 339 -13.50 22.70 12.55
C THR B 339 -14.96 22.36 12.81
N PRO B 340 -15.91 22.98 12.11
CA PRO B 340 -17.31 22.61 12.32
C PRO B 340 -17.56 21.16 11.91
N LEU B 341 -18.46 20.51 12.65
CA LEU B 341 -18.78 19.12 12.36
C LEU B 341 -19.69 19.04 11.16
N LYS B 342 -19.63 17.91 10.48
CA LYS B 342 -20.68 17.57 9.54
C LYS B 342 -22.04 17.60 10.23
N THR B 343 -23.05 18.13 9.53
CA THR B 343 -24.35 18.34 10.17
C THR B 343 -24.89 17.05 10.77
N SER B 344 -24.78 15.94 10.04
CA SER B 344 -25.36 14.69 10.55
C SER B 344 -24.65 14.22 11.82
N ALA B 345 -23.38 14.58 12.02
CA ALA B 345 -22.70 14.20 13.25
C ALA B 345 -23.25 14.97 14.44
N THR B 346 -23.59 16.25 14.23
CA THR B 346 -24.28 16.97 15.29
C THR B 346 -25.64 16.34 15.58
N VAL B 347 -26.36 15.92 14.54
CA VAL B 347 -27.65 15.26 14.72
C VAL B 347 -27.48 13.98 15.54
N SER B 348 -26.48 13.16 15.20
CA SER B 348 -26.25 11.92 15.96
C SER B 348 -25.92 12.21 17.41
N ILE B 349 -24.97 13.11 17.65
CA ILE B 349 -24.57 13.43 19.02
C ILE B 349 -25.78 13.91 19.85
N ASN B 350 -26.60 14.77 19.27
CA ASN B 350 -27.77 15.25 20.02
C ASN B 350 -28.81 14.15 20.25
N ASN B 351 -28.95 13.20 19.32
CA ASN B 351 -29.84 12.08 19.56
C ASN B 351 -29.34 11.24 20.73
N VAL B 352 -28.02 11.03 20.81
CA VAL B 352 -27.49 10.27 21.93
C VAL B 352 -27.65 11.03 23.24
N LEU B 353 -27.39 12.34 23.21
CA LEU B 353 -27.57 13.16 24.41
C LEU B 353 -29.00 13.07 24.93
N ARG B 354 -29.98 13.17 24.04
CA ARG B 354 -31.37 13.07 24.49
C ARG B 354 -31.69 11.68 25.04
N ALA B 355 -31.09 10.65 24.46
CA ALA B 355 -31.38 9.30 24.94
C ALA B 355 -30.77 9.02 26.31
N HIS B 356 -29.62 9.63 26.61
CA HIS B 356 -28.89 9.30 27.82
C HIS B 356 -28.96 10.35 28.93
N ALA B 357 -29.46 11.55 28.64
CA ALA B 357 -29.68 12.53 29.70
C ALA B 357 -30.47 11.98 30.88
N PRO B 358 -31.48 11.12 30.70
CA PRO B 358 -32.21 10.61 31.87
C PRO B 358 -31.34 9.81 32.81
N PHE B 359 -30.22 9.27 32.34
CA PHE B 359 -29.41 8.35 33.14
C PHE B 359 -28.15 8.96 33.71
N TRP B 360 -27.71 10.13 33.21
CA TRP B 360 -26.39 10.68 33.53
C TRP B 360 -26.54 12.15 33.85
N SER B 361 -26.39 12.52 35.13
CA SER B 361 -26.55 13.92 35.52
C SER B 361 -25.55 14.83 34.82
N SER B 362 -24.40 14.30 34.38
CA SER B 362 -23.42 15.10 33.64
C SER B 362 -23.97 15.60 32.31
N LEU B 363 -25.03 14.98 31.81
CA LEU B 363 -25.65 15.39 30.57
C LEU B 363 -26.89 16.27 30.79
N ARG B 364 -27.17 16.64 32.02
CA ARG B 364 -28.34 17.44 32.39
C ARG B 364 -27.91 18.77 32.98
N PRO C 8 -42.19 -1.56 -33.13
CA PRO C 8 -40.87 -1.93 -32.61
C PRO C 8 -40.99 -3.04 -31.56
N ILE C 9 -40.05 -3.98 -31.58
CA ILE C 9 -40.07 -5.13 -30.70
C ILE C 9 -38.85 -5.02 -29.79
N THR C 10 -39.01 -5.41 -28.52
CA THR C 10 -37.89 -5.50 -27.58
C THR C 10 -37.55 -6.96 -27.36
N GLY C 11 -36.27 -7.31 -27.55
CA GLY C 11 -35.78 -8.65 -27.25
C GLY C 11 -35.33 -8.81 -25.80
N LEU C 12 -35.41 -10.04 -25.29
CA LEU C 12 -34.89 -10.34 -23.97
C LEU C 12 -34.20 -11.69 -24.03
N VAL C 13 -32.99 -11.78 -23.49
CA VAL C 13 -32.25 -13.02 -23.42
C VAL C 13 -31.94 -13.32 -21.95
N TYR C 14 -32.19 -14.57 -21.56
CA TYR C 14 -31.93 -15.05 -20.20
C TYR C 14 -31.87 -16.55 -20.26
N ASP C 15 -30.85 -17.12 -19.62
CA ASP C 15 -30.72 -18.57 -19.56
C ASP C 15 -30.31 -18.92 -18.15
N GLN C 16 -31.16 -19.68 -17.44
CA GLN C 16 -30.90 -19.95 -16.02
C GLN C 16 -29.62 -20.75 -15.81
N ARG C 17 -29.10 -21.38 -16.87
CA ARG C 17 -27.83 -22.09 -16.74
C ARG C 17 -26.67 -21.17 -16.40
N MET C 18 -26.78 -19.85 -16.65
CA MET C 18 -25.74 -18.94 -16.17
C MET C 18 -25.64 -18.89 -14.65
N MET C 19 -26.59 -19.48 -13.93
CA MET C 19 -26.50 -19.58 -12.48
C MET C 19 -25.52 -20.66 -12.02
N LEU C 20 -24.98 -21.48 -12.95
CA LEU C 20 -24.10 -22.56 -12.56
C LEU C 20 -22.77 -22.04 -12.01
N HIS C 21 -22.33 -20.87 -12.47
CA HIS C 21 -21.10 -20.27 -11.97
C HIS C 21 -21.32 -19.85 -10.52
N HIS C 22 -20.48 -20.32 -9.61
CA HIS C 22 -20.73 -19.97 -8.21
C HIS C 22 -19.42 -20.01 -7.45
N ASN C 23 -19.46 -19.46 -6.24
CA ASN C 23 -18.29 -19.40 -5.35
C ASN C 23 -18.34 -20.60 -4.41
N MET C 24 -17.45 -21.58 -4.66
CA MET C 24 -17.46 -22.81 -3.87
C MET C 24 -17.02 -22.60 -2.42
N TRP C 25 -16.45 -21.44 -2.09
CA TRP C 25 -15.90 -21.23 -0.77
C TRP C 25 -16.61 -20.16 0.02
N ASP C 26 -17.58 -19.45 -0.57
CA ASP C 26 -18.38 -18.45 0.13
C ASP C 26 -19.74 -18.42 -0.57
N SER C 27 -20.71 -19.14 -0.01
CA SER C 27 -22.01 -19.18 -0.65
C SER C 27 -22.74 -17.86 -0.59
N HIS C 28 -22.23 -16.90 0.18
CA HIS C 28 -22.83 -15.58 0.33
C HIS C 28 -22.06 -14.49 -0.39
N HIS C 29 -21.16 -14.87 -1.28
CA HIS C 29 -20.38 -13.88 -2.03
C HIS C 29 -21.35 -12.99 -2.81
N PRO C 30 -21.10 -11.68 -2.87
CA PRO C 30 -22.06 -10.76 -3.52
C PRO C 30 -22.52 -11.15 -4.93
N GLU C 31 -21.63 -11.73 -5.75
CA GLU C 31 -21.94 -12.00 -7.17
C GLU C 31 -22.70 -13.33 -7.22
N LEU C 32 -23.93 -13.29 -6.78
CA LEU C 32 -24.75 -14.48 -6.49
C LEU C 32 -25.43 -14.98 -7.76
N PRO C 33 -25.54 -16.31 -7.90
CA PRO C 33 -26.33 -16.84 -9.01
C PRO C 33 -27.72 -16.24 -9.11
N GLN C 34 -28.39 -16.04 -7.97
CA GLN C 34 -29.75 -15.57 -8.01
C GLN C 34 -29.87 -14.10 -8.41
N ARG C 35 -28.76 -13.38 -8.65
CA ARG C 35 -28.89 -12.06 -9.25
C ARG C 35 -29.72 -12.11 -10.53
N ILE C 36 -29.42 -13.07 -11.41
CA ILE C 36 -30.10 -13.10 -12.70
C ILE C 36 -31.50 -13.67 -12.59
N SER C 37 -31.70 -14.71 -11.74
CA SER C 37 -33.04 -15.27 -11.59
C SER C 37 -33.99 -14.27 -10.90
N ARG C 38 -33.50 -13.46 -9.97
CA ARG C 38 -34.37 -12.44 -9.36
C ARG C 38 -34.77 -11.39 -10.37
N ILE C 39 -33.83 -10.94 -11.22
CA ILE C 39 -34.19 -9.96 -12.24
C ILE C 39 -35.22 -10.56 -13.19
N PHE C 40 -35.00 -11.79 -13.63
CA PHE C 40 -35.91 -12.43 -14.58
C PHE C 40 -37.28 -12.61 -13.96
N SER C 41 -37.34 -13.10 -12.72
N SER C 41 -37.34 -13.09 -12.71
CA SER C 41 -38.62 -13.27 -12.05
CA SER C 41 -38.65 -13.30 -12.10
C SER C 41 -39.37 -11.96 -11.93
C SER C 41 -39.39 -11.97 -11.87
N ARG C 42 -38.66 -10.87 -11.65
CA ARG C 42 -39.35 -9.58 -11.52
C ARG C 42 -39.91 -9.12 -12.87
N HIS C 43 -39.23 -9.43 -13.98
CA HIS C 43 -39.81 -9.17 -15.30
C HIS C 43 -41.11 -9.93 -15.50
N GLU C 44 -41.19 -11.17 -15.02
CA GLU C 44 -42.43 -11.93 -15.07
C GLU C 44 -43.50 -11.31 -14.19
N GLU C 45 -43.15 -10.98 -12.95
CA GLU C 45 -44.11 -10.44 -11.99
C GLU C 45 -44.72 -9.14 -12.51
N LEU C 46 -43.91 -8.32 -13.17
CA LEU C 46 -44.36 -7.05 -13.70
C LEU C 46 -44.98 -7.18 -15.09
N ARG C 47 -45.11 -8.41 -15.59
CA ARG C 47 -45.73 -8.68 -16.88
C ARG C 47 -44.97 -8.04 -18.03
N LEU C 48 -43.66 -7.88 -17.87
CA LEU C 48 -42.81 -7.37 -18.93
C LEU C 48 -42.29 -8.48 -19.83
N LEU C 49 -42.04 -9.68 -19.27
CA LEU C 49 -41.43 -10.74 -20.07
C LEU C 49 -42.29 -11.08 -21.29
N SER C 50 -43.61 -11.18 -21.10
CA SER C 50 -44.49 -11.58 -22.19
C SER C 50 -44.63 -10.51 -23.26
N ARG C 51 -44.21 -9.28 -22.98
CA ARG C 51 -44.20 -8.22 -23.97
C ARG C 51 -42.94 -8.23 -24.82
N CYS C 52 -41.94 -9.05 -24.46
CA CYS C 52 -40.69 -9.08 -25.20
C CYS C 52 -40.64 -10.30 -26.10
N HIS C 53 -39.83 -10.19 -27.14
CA HIS C 53 -39.47 -11.34 -27.95
C HIS C 53 -38.30 -12.05 -27.30
N ARG C 54 -38.46 -13.35 -27.02
CA ARG C 54 -37.41 -14.10 -26.37
C ARG C 54 -36.31 -14.48 -27.37
N ILE C 55 -35.09 -13.98 -27.14
CA ILE C 55 -33.94 -14.27 -27.98
C ILE C 55 -33.22 -15.45 -27.34
N PRO C 56 -32.82 -16.48 -28.09
CA PRO C 56 -32.17 -17.61 -27.46
C PRO C 56 -30.74 -17.27 -27.03
N ALA C 57 -30.33 -17.84 -25.91
CA ALA C 57 -28.93 -17.78 -25.52
C ALA C 57 -28.12 -18.77 -26.36
N ARG C 58 -26.82 -18.51 -26.47
CA ARG C 58 -25.89 -19.46 -27.09
C ARG C 58 -24.51 -19.25 -26.49
N LEU C 59 -23.63 -20.21 -26.74
CA LEU C 59 -22.23 -20.07 -26.37
C LEU C 59 -21.49 -19.20 -27.39
N ALA C 60 -20.70 -18.25 -26.90
CA ALA C 60 -19.65 -17.67 -27.73
C ALA C 60 -18.68 -18.78 -28.15
N THR C 61 -18.07 -18.61 -29.32
CA THR C 61 -17.02 -19.52 -29.74
C THR C 61 -15.65 -18.97 -29.34
N GLU C 62 -14.65 -19.86 -29.34
CA GLU C 62 -13.28 -19.41 -29.06
C GLU C 62 -12.80 -18.38 -30.07
N GLU C 63 -13.17 -18.54 -31.34
CA GLU C 63 -12.81 -17.54 -32.34
C GLU C 63 -13.42 -16.19 -32.01
N GLU C 64 -14.68 -16.18 -31.55
CA GLU C 64 -15.28 -14.92 -31.13
C GLU C 64 -14.57 -14.32 -29.92
N LEU C 65 -14.13 -15.16 -28.97
CA LEU C 65 -13.41 -14.60 -27.82
C LEU C 65 -12.14 -13.90 -28.24
N ALA C 66 -11.50 -14.39 -29.32
CA ALA C 66 -10.27 -13.81 -29.84
C ALA C 66 -10.48 -12.44 -30.48
N LEU C 67 -11.73 -11.99 -30.64
CA LEU C 67 -11.96 -10.61 -31.07
C LEU C 67 -11.33 -9.62 -30.10
N CYS C 68 -11.29 -9.98 -28.81
CA CYS C 68 -10.75 -9.08 -27.79
C CYS C 68 -9.72 -9.73 -26.87
N HIS C 69 -9.63 -11.06 -26.78
CA HIS C 69 -8.79 -11.70 -25.76
C HIS C 69 -7.64 -12.48 -26.37
N SER C 70 -6.57 -12.60 -25.60
CA SER C 70 -5.41 -13.34 -26.04
C SER C 70 -5.67 -14.84 -26.03
N SER C 71 -4.90 -15.55 -26.87
CA SER C 71 -5.03 -17.00 -26.88
C SER C 71 -4.66 -17.60 -25.53
N LYS C 72 -3.65 -17.05 -24.85
CA LYS C 72 -3.26 -17.58 -23.54
C LYS C 72 -4.39 -17.42 -22.52
N HIS C 73 -5.02 -16.24 -22.49
CA HIS C 73 -6.11 -16.04 -21.54
C HIS C 73 -7.29 -16.96 -21.84
N ILE C 74 -7.67 -17.07 -23.11
CA ILE C 74 -8.75 -17.98 -23.49
C ILE C 74 -8.43 -19.40 -23.02
N SER C 75 -7.20 -19.86 -23.27
CA SER C 75 -6.84 -21.24 -22.97
CA SER C 75 -6.82 -21.23 -22.97
C SER C 75 -6.87 -21.51 -21.47
N ILE C 76 -6.42 -20.54 -20.67
CA ILE C 76 -6.41 -20.74 -19.21
C ILE C 76 -7.83 -20.83 -18.66
N ILE C 77 -8.69 -19.88 -19.06
CA ILE C 77 -10.05 -19.96 -18.54
C ILE C 77 -10.75 -21.21 -19.06
N LYS C 78 -10.53 -21.56 -20.34
CA LYS C 78 -11.11 -22.79 -20.87
C LYS C 78 -10.67 -24.00 -20.05
N SER C 79 -9.42 -24.02 -19.60
CA SER C 79 -8.91 -25.18 -18.87
C SER C 79 -9.58 -25.36 -17.51
N SER C 80 -10.19 -24.30 -16.96
CA SER C 80 -10.78 -24.42 -15.64
C SER C 80 -12.00 -25.34 -15.62
N GLU C 81 -12.59 -25.63 -16.78
CA GLU C 81 -13.76 -26.51 -16.81
C GLU C 81 -13.42 -27.88 -16.24
N HIS C 82 -12.14 -28.27 -16.34
CA HIS C 82 -11.72 -29.61 -15.97
C HIS C 82 -10.95 -29.66 -14.66
N MET C 83 -10.85 -28.54 -13.95
CA MET C 83 -10.05 -28.50 -12.74
C MET C 83 -10.81 -28.99 -11.52
N LYS C 84 -10.05 -29.60 -10.60
CA LYS C 84 -10.52 -29.99 -9.29
C LYS C 84 -10.59 -28.75 -8.38
N PRO C 85 -11.39 -28.82 -7.31
CA PRO C 85 -11.59 -27.61 -6.47
C PRO C 85 -10.36 -26.85 -6.02
N ARG C 86 -9.33 -27.51 -5.49
CA ARG C 86 -8.21 -26.72 -4.99
C ARG C 86 -7.40 -26.12 -6.12
N ASP C 87 -7.41 -26.74 -7.30
CA ASP C 87 -6.76 -26.11 -8.45
C ASP C 87 -7.58 -24.91 -8.91
N LEU C 88 -8.91 -25.02 -8.88
CA LEU C 88 -9.74 -23.84 -9.17
C LEU C 88 -9.46 -22.72 -8.19
N ASN C 89 -9.28 -23.04 -6.91
CA ASN C 89 -9.04 -21.99 -5.92
C ASN C 89 -7.70 -21.33 -6.18
N ARG C 90 -6.67 -22.14 -6.48
CA ARG C 90 -5.37 -21.59 -6.81
C ARG C 90 -5.42 -20.68 -8.02
N LEU C 91 -6.13 -21.08 -9.08
CA LEU C 91 -6.20 -20.25 -10.29
C LEU C 91 -6.92 -18.93 -9.99
N GLY C 92 -8.08 -19.01 -9.35
CA GLY C 92 -8.82 -17.79 -9.02
C GLY C 92 -8.02 -16.83 -8.16
N ASP C 93 -7.23 -17.37 -7.23
CA ASP C 93 -6.44 -16.53 -6.34
C ASP C 93 -5.32 -15.80 -7.05
N GLU C 94 -4.99 -16.21 -8.28
CA GLU C 94 -3.98 -15.49 -9.07
C GLU C 94 -4.50 -14.19 -9.65
N TYR C 95 -5.80 -13.97 -9.65
CA TYR C 95 -6.39 -12.77 -10.22
C TYR C 95 -6.87 -11.86 -9.10
N ASN C 96 -7.18 -10.61 -9.47
CA ASN C 96 -7.79 -9.66 -8.54
C ASN C 96 -9.29 -9.94 -8.48
N SER C 97 -9.78 -10.42 -7.34
CA SER C 97 -11.24 -10.53 -7.10
C SER C 97 -11.94 -11.43 -8.11
N ILE C 98 -11.52 -12.69 -8.16
CA ILE C 98 -12.11 -13.71 -9.03
C ILE C 98 -12.32 -14.99 -8.23
N PHE C 99 -13.52 -15.59 -8.36
CA PHE C 99 -13.78 -16.97 -7.98
C PHE C 99 -14.17 -17.76 -9.22
N ILE C 100 -13.77 -19.03 -9.23
CA ILE C 100 -13.97 -19.88 -10.40
C ILE C 100 -14.52 -21.22 -9.93
N SER C 101 -15.55 -21.71 -10.62
CA SER C 101 -16.02 -23.08 -10.49
C SER C 101 -15.89 -23.77 -11.85
N ASN C 102 -16.23 -25.06 -11.88
N ASN C 102 -16.16 -25.08 -11.86
CA ASN C 102 -16.09 -25.84 -13.11
CA ASN C 102 -15.96 -25.77 -13.13
C ASN C 102 -16.99 -25.35 -14.23
C ASN C 102 -17.04 -25.46 -14.16
N GLU C 103 -17.99 -24.58 -13.87
N GLU C 103 -17.97 -24.56 -13.84
CA GLU C 103 -18.92 -24.11 -14.84
CA GLU C 103 -18.99 -24.11 -14.76
C GLU C 103 -18.72 -22.65 -15.23
C GLU C 103 -18.73 -22.69 -15.24
N SER C 104 -17.71 -22.02 -14.70
CA SER C 104 -17.50 -20.59 -14.93
C SER C 104 -17.24 -20.27 -16.40
N TYR C 105 -16.35 -21.03 -17.05
CA TYR C 105 -16.02 -20.79 -18.44
C TYR C 105 -17.27 -20.85 -19.32
N THR C 106 -18.04 -21.94 -19.19
CA THR C 106 -19.26 -22.07 -19.98
C THR C 106 -20.25 -20.94 -19.71
N CYS C 107 -20.40 -20.52 -18.43
CA CYS C 107 -21.28 -19.40 -18.13
C CYS C 107 -20.80 -18.12 -18.78
N ALA C 108 -19.48 -17.87 -18.76
CA ALA C 108 -18.96 -16.68 -19.42
C ALA C 108 -19.20 -16.73 -20.92
N LEU C 109 -19.10 -17.93 -21.51
CA LEU C 109 -19.39 -18.09 -22.94
C LEU C 109 -20.87 -17.82 -23.23
N LEU C 110 -21.75 -18.25 -22.32
N LEU C 110 -21.75 -18.27 -22.33
CA LEU C 110 -23.19 -18.06 -22.51
CA LEU C 110 -23.19 -18.04 -22.52
C LEU C 110 -23.58 -16.59 -22.35
C LEU C 110 -23.53 -16.56 -22.40
N ALA C 111 -22.90 -15.88 -21.45
CA ALA C 111 -23.19 -14.47 -21.29
C ALA C 111 -22.83 -13.73 -22.57
N ALA C 112 -21.66 -14.04 -23.13
CA ALA C 112 -21.25 -13.35 -24.35
C ALA C 112 -22.10 -13.75 -25.55
N GLY C 113 -22.33 -15.05 -25.75
CA GLY C 113 -23.11 -15.50 -26.89
C GLY C 113 -24.54 -14.97 -26.88
N SER C 114 -25.14 -14.86 -25.69
CA SER C 114 -26.47 -14.24 -25.53
C SER C 114 -26.47 -12.82 -26.05
N CYS C 115 -25.43 -12.05 -25.71
CA CYS C 115 -25.33 -10.69 -26.18
C CYS C 115 -25.07 -10.63 -27.68
N PHE C 116 -24.27 -11.56 -28.22
CA PHE C 116 -24.07 -11.60 -29.67
C PHE C 116 -25.40 -11.84 -30.39
N ASN C 117 -26.18 -12.82 -29.93
CA ASN C 117 -27.48 -13.06 -30.56
C ASN C 117 -28.38 -11.83 -30.45
N SER C 118 -28.31 -11.12 -29.33
CA SER C 118 -29.13 -9.93 -29.19
C SER C 118 -28.68 -8.82 -30.13
N ALA C 119 -27.37 -8.58 -30.24
CA ALA C 119 -26.87 -7.59 -31.18
C ALA C 119 -27.22 -7.94 -32.61
N GLN C 120 -27.11 -9.22 -32.95
CA GLN C 120 -27.48 -9.63 -34.31
C GLN C 120 -28.97 -9.36 -34.57
N ALA C 121 -29.82 -9.64 -33.60
CA ALA C 121 -31.25 -9.41 -33.78
C ALA C 121 -31.55 -7.94 -33.98
N ILE C 122 -30.84 -7.06 -33.26
CA ILE C 122 -31.00 -5.62 -33.44
C ILE C 122 -30.52 -5.18 -34.82
N LEU C 123 -29.30 -5.61 -35.20
CA LEU C 123 -28.67 -5.05 -36.40
C LEU C 123 -29.33 -5.55 -37.67
N THR C 124 -30.01 -6.70 -37.62
CA THR C 124 -30.76 -7.20 -38.77
C THR C 124 -32.23 -6.80 -38.72
N GLY C 125 -32.64 -6.03 -37.73
CA GLY C 125 -34.00 -5.55 -37.73
C GLY C 125 -35.04 -6.52 -37.20
N GLN C 126 -34.62 -7.62 -36.56
N GLN C 126 -34.62 -7.61 -36.55
CA GLN C 126 -35.60 -8.52 -35.96
CA GLN C 126 -35.59 -8.53 -35.97
C GLN C 126 -36.26 -7.90 -34.74
C GLN C 126 -36.23 -7.95 -34.72
N VAL C 127 -35.47 -7.17 -33.95
CA VAL C 127 -35.98 -6.39 -32.81
C VAL C 127 -35.37 -5.00 -32.92
N ARG C 128 -36.01 -4.03 -32.24
CA ARG C 128 -35.45 -2.68 -32.21
C ARG C 128 -34.38 -2.53 -31.14
N ASN C 129 -34.58 -3.17 -29.98
CA ASN C 129 -33.68 -3.00 -28.85
C ASN C 129 -33.78 -4.28 -28.03
N ALA C 130 -32.94 -4.39 -26.99
CA ALA C 130 -32.95 -5.66 -26.25
C ALA C 130 -32.28 -5.50 -24.90
N VAL C 131 -32.59 -6.46 -24.02
CA VAL C 131 -32.03 -6.52 -22.67
C VAL C 131 -31.44 -7.91 -22.48
N ALA C 132 -30.26 -7.98 -21.84
CA ALA C 132 -29.53 -9.23 -21.65
C ALA C 132 -29.29 -9.43 -20.17
N ILE C 133 -29.98 -10.43 -19.58
CA ILE C 133 -29.89 -10.69 -18.14
C ILE C 133 -28.86 -11.80 -17.99
N VAL C 134 -27.60 -11.41 -17.83
CA VAL C 134 -26.47 -12.34 -17.96
C VAL C 134 -25.51 -12.21 -16.79
N ARG C 135 -24.82 -13.30 -16.49
CA ARG C 135 -23.69 -13.29 -15.56
C ARG C 135 -22.79 -14.45 -15.96
N PRO C 136 -21.49 -14.42 -15.57
CA PRO C 136 -20.74 -13.38 -14.83
C PRO C 136 -20.61 -12.11 -15.68
N PRO C 137 -20.31 -11.00 -15.02
CA PRO C 137 -20.16 -9.71 -15.73
C PRO C 137 -18.89 -9.67 -16.55
N GLY C 138 -18.65 -8.55 -17.23
CA GLY C 138 -17.56 -8.49 -18.17
C GLY C 138 -16.61 -7.31 -18.14
N HIS C 139 -17.04 -6.15 -17.63
CA HIS C 139 -16.31 -4.92 -18.00
C HIS C 139 -14.93 -4.77 -17.34
N HIS C 140 -14.60 -5.52 -16.30
CA HIS C 140 -13.24 -5.47 -15.75
C HIS C 140 -12.29 -6.43 -16.44
N ALA C 141 -12.79 -7.33 -17.30
CA ALA C 141 -11.89 -8.28 -17.93
C ALA C 141 -11.07 -7.58 -19.02
N GLU C 142 -9.78 -7.89 -19.03
CA GLU C 142 -8.82 -7.29 -19.96
C GLU C 142 -8.52 -8.29 -21.08
N LYS C 143 -7.81 -7.81 -22.11
CA LYS C 143 -7.39 -8.70 -23.19
C LYS C 143 -6.74 -9.96 -22.65
N ASP C 144 -5.87 -9.83 -21.65
CA ASP C 144 -5.05 -10.94 -21.20
C ASP C 144 -5.33 -11.39 -19.77
N THR C 145 -6.39 -10.94 -19.11
CA THR C 145 -6.57 -11.38 -17.72
C THR C 145 -8.03 -11.19 -17.29
N ALA C 146 -8.41 -11.97 -16.27
CA ALA C 146 -9.69 -11.85 -15.58
C ALA C 146 -9.53 -10.90 -14.39
N CYS C 147 -10.65 -10.28 -13.98
CA CYS C 147 -10.57 -9.30 -12.90
C CYS C 147 -11.99 -8.97 -12.43
N GLY C 148 -12.15 -8.80 -11.11
CA GLY C 148 -13.36 -8.16 -10.63
C GLY C 148 -14.64 -8.86 -11.03
N PHE C 149 -14.67 -10.18 -10.88
CA PHE C 149 -15.83 -11.05 -11.11
C PHE C 149 -15.99 -11.31 -12.60
N CYS C 150 -15.12 -10.79 -13.47
CA CYS C 150 -15.29 -10.86 -14.92
C CYS C 150 -14.21 -11.72 -15.58
N PHE C 151 -14.61 -12.60 -16.51
CA PHE C 151 -13.68 -13.46 -17.23
C PHE C 151 -13.39 -12.99 -18.64
N PHE C 152 -14.44 -12.68 -19.39
CA PHE C 152 -14.33 -12.15 -20.74
C PHE C 152 -15.13 -10.87 -20.81
N ASN C 153 -14.71 -9.93 -21.65
CA ASN C 153 -15.36 -8.63 -21.64
C ASN C 153 -16.54 -8.67 -22.61
N THR C 154 -17.70 -9.06 -22.07
CA THR C 154 -18.91 -9.25 -22.86
C THR C 154 -19.27 -8.04 -23.70
N ALA C 155 -19.29 -6.84 -23.11
CA ALA C 155 -19.65 -5.66 -23.88
C ALA C 155 -18.63 -5.38 -24.98
N ALA C 156 -17.33 -5.48 -24.68
CA ALA C 156 -16.35 -5.22 -25.72
C ALA C 156 -16.44 -6.26 -26.83
N LEU C 157 -16.62 -7.53 -26.46
CA LEU C 157 -16.77 -8.58 -27.46
C LEU C 157 -18.00 -8.31 -28.32
N THR C 158 -19.08 -7.82 -27.70
CA THR C 158 -20.30 -7.57 -28.44
C THR C 158 -20.10 -6.45 -29.45
N ALA C 159 -19.34 -5.41 -29.07
CA ALA C 159 -19.02 -4.36 -30.03
C ALA C 159 -18.26 -4.91 -31.23
N ARG C 160 -17.22 -5.71 -30.98
CA ARG C 160 -16.45 -6.29 -32.09
C ARG C 160 -17.26 -7.30 -32.88
N TYR C 161 -18.11 -8.09 -32.21
CA TYR C 161 -18.99 -9.01 -32.91
C TYR C 161 -19.95 -8.23 -33.82
N ALA C 162 -20.54 -7.15 -33.30
CA ALA C 162 -21.44 -6.34 -34.10
C ALA C 162 -20.72 -5.81 -35.32
N GLN C 163 -19.48 -5.33 -35.15
CA GLN C 163 -18.72 -4.87 -36.31
C GLN C 163 -18.48 -6.00 -37.32
N SER C 164 -18.24 -7.21 -36.84
CA SER C 164 -17.95 -8.33 -37.73
C SER C 164 -19.16 -8.72 -38.59
N ILE C 165 -20.35 -8.37 -38.21
CA ILE C 165 -21.54 -8.72 -38.94
C ILE C 165 -22.21 -7.55 -39.65
N THR C 166 -21.53 -6.43 -39.65
CA THR C 166 -22.00 -5.24 -40.34
C THR C 166 -20.80 -4.62 -41.10
N ARG C 167 -20.11 -3.73 -40.44
CA ARG C 167 -18.88 -3.13 -40.98
C ARG C 167 -17.87 -2.97 -39.86
N GLU C 168 -16.60 -3.01 -40.22
N GLU C 168 -16.69 -2.92 -40.14
CA GLU C 168 -15.55 -2.69 -39.30
CA GLU C 168 -15.59 -2.66 -39.24
C GLU C 168 -15.69 -1.26 -38.82
C GLU C 168 -15.64 -1.21 -38.81
N SER C 169 -16.18 -0.36 -39.68
CA SER C 169 -16.44 1.01 -39.22
C SER C 169 -17.77 1.27 -38.48
N LEU C 170 -18.61 0.25 -38.23
CA LEU C 170 -19.82 0.47 -37.43
C LEU C 170 -19.52 1.25 -36.16
N ARG C 171 -20.18 2.39 -35.98
CA ARG C 171 -19.94 3.25 -34.81
C ARG C 171 -20.71 2.68 -33.62
N VAL C 172 -19.98 2.22 -32.61
CA VAL C 172 -20.60 1.66 -31.42
C VAL C 172 -20.30 2.57 -30.24
N LEU C 173 -21.35 2.95 -29.49
CA LEU C 173 -21.18 3.68 -28.23
C LEU C 173 -21.40 2.68 -27.11
N ILE C 174 -20.46 2.60 -26.18
CA ILE C 174 -20.64 1.84 -24.93
C ILE C 174 -20.78 2.85 -23.82
N VAL C 175 -21.94 2.86 -23.17
CA VAL C 175 -22.16 3.67 -21.97
C VAL C 175 -22.12 2.71 -20.80
N ASP C 176 -21.20 2.96 -19.87
CA ASP C 176 -20.97 2.07 -18.73
C ASP C 176 -21.41 2.81 -17.48
N TRP C 177 -22.60 2.47 -16.98
CA TRP C 177 -23.13 3.13 -15.79
C TRP C 177 -23.01 2.29 -14.52
N ASP C 178 -22.33 1.14 -14.61
CA ASP C 178 -21.91 0.44 -13.42
C ASP C 178 -21.13 1.42 -12.53
N VAL C 179 -21.24 1.26 -11.20
CA VAL C 179 -20.57 2.20 -10.30
C VAL C 179 -19.05 2.13 -10.41
N HIS C 180 -18.51 1.04 -10.96
CA HIS C 180 -17.06 0.87 -11.10
C HIS C 180 -16.61 1.20 -12.52
N HIS C 181 -15.36 1.63 -12.64
CA HIS C 181 -14.78 1.88 -13.94
C HIS C 181 -14.57 0.57 -14.69
N GLY C 182 -14.94 0.56 -15.96
CA GLY C 182 -14.72 -0.57 -16.84
C GLY C 182 -13.31 -0.54 -17.40
N ASN C 183 -12.34 -0.88 -16.55
CA ASN C 183 -10.93 -0.81 -16.97
C ASN C 183 -10.67 -1.63 -18.22
N GLY C 184 -11.25 -2.83 -18.31
CA GLY C 184 -11.04 -3.65 -19.46
C GLY C 184 -11.58 -3.01 -20.73
N THR C 185 -12.79 -2.44 -20.65
CA THR C 185 -13.38 -1.86 -21.85
C THR C 185 -12.57 -0.65 -22.31
N GLN C 186 -12.19 0.21 -21.38
CA GLN C 186 -11.34 1.34 -21.74
C GLN C 186 -10.08 0.90 -22.46
N HIS C 187 -9.39 -0.11 -21.90
CA HIS C 187 -8.12 -0.53 -22.48
C HIS C 187 -8.31 -1.18 -23.85
N ILE C 188 -9.34 -2.00 -23.99
CA ILE C 188 -9.57 -2.67 -25.27
C ILE C 188 -9.76 -1.66 -26.38
N PHE C 189 -10.45 -0.55 -26.12
CA PHE C 189 -10.78 0.40 -27.17
C PHE C 189 -9.97 1.69 -27.10
N GLU C 190 -8.89 1.72 -26.31
CA GLU C 190 -8.26 2.99 -25.99
C GLU C 190 -7.71 3.69 -27.22
N GLU C 191 -7.28 2.93 -28.23
CA GLU C 191 -6.71 3.49 -29.44
C GLU C 191 -7.70 3.49 -30.60
N ASP C 192 -9.00 3.34 -30.33
CA ASP C 192 -9.97 3.09 -31.37
C ASP C 192 -10.99 4.23 -31.40
N ASP C 193 -11.22 4.77 -32.60
CA ASP C 193 -12.23 5.81 -32.78
C ASP C 193 -13.55 5.26 -33.33
N SER C 194 -13.66 3.94 -33.54
CA SER C 194 -14.92 3.35 -33.97
C SER C 194 -15.82 2.94 -32.79
N VAL C 195 -15.25 2.87 -31.58
CA VAL C 195 -16.00 2.52 -30.38
C VAL C 195 -15.75 3.63 -29.37
N LEU C 196 -16.77 4.40 -29.08
CA LEU C 196 -16.73 5.45 -28.08
C LEU C 196 -17.09 4.84 -26.74
N TYR C 197 -16.19 4.92 -25.76
CA TYR C 197 -16.43 4.42 -24.41
C TYR C 197 -16.69 5.60 -23.47
N ILE C 198 -17.84 5.59 -22.78
CA ILE C 198 -18.18 6.60 -21.79
C ILE C 198 -18.50 5.88 -20.48
N SER C 199 -17.71 6.12 -19.45
CA SER C 199 -17.95 5.52 -18.14
C SER C 199 -18.27 6.58 -17.10
N LEU C 200 -19.21 6.26 -16.23
CA LEU C 200 -19.58 7.08 -15.07
C LEU C 200 -19.17 6.16 -13.92
N HIS C 201 -18.44 6.66 -12.91
CA HIS C 201 -17.99 5.71 -11.89
C HIS C 201 -17.54 6.45 -10.64
N ARG C 202 -17.75 5.79 -9.52
CA ARG C 202 -17.16 6.23 -8.27
C ARG C 202 -15.64 6.04 -8.34
N TYR C 203 -14.92 7.13 -8.07
CA TYR C 203 -13.47 7.15 -8.27
C TYR C 203 -12.73 7.40 -6.97
N GLU C 204 -13.13 8.41 -6.21
CA GLU C 204 -12.53 8.72 -4.91
C GLU C 204 -11.00 8.88 -5.01
N ASP C 205 -10.58 9.65 -6.02
CA ASP C 205 -9.16 9.96 -6.25
C ASP C 205 -8.32 8.69 -6.41
N GLY C 206 -8.90 7.68 -7.08
CA GLY C 206 -8.21 6.42 -7.30
C GLY C 206 -8.30 5.40 -6.19
N ALA C 207 -9.02 5.70 -5.10
CA ALA C 207 -9.09 4.76 -3.99
C ALA C 207 -10.16 3.69 -4.14
N PHE C 208 -11.18 3.92 -4.96
CA PHE C 208 -12.27 2.95 -5.09
C PHE C 208 -11.90 1.90 -6.12
N PHE C 209 -12.39 0.67 -5.93
CA PHE C 209 -12.09 -0.39 -6.88
C PHE C 209 -12.48 0.06 -8.30
N PRO C 210 -11.63 -0.20 -9.33
CA PRO C 210 -10.42 -1.04 -9.35
C PRO C 210 -9.09 -0.33 -9.07
N ASN C 211 -9.15 0.82 -8.39
CA ASN C 211 -7.99 1.37 -7.68
C ASN C 211 -6.91 1.89 -8.62
N SER C 212 -7.29 2.43 -9.77
CA SER C 212 -6.32 2.87 -10.76
C SER C 212 -6.64 4.28 -11.25
N GLU C 213 -5.60 5.10 -11.41
CA GLU C 213 -5.78 6.43 -12.00
C GLU C 213 -6.11 6.36 -13.48
N ASP C 214 -6.12 5.17 -14.08
CA ASP C 214 -6.62 5.03 -15.45
C ASP C 214 -8.06 5.52 -15.58
N ALA C 215 -8.80 5.54 -14.46
CA ALA C 215 -10.21 5.93 -14.44
C ALA C 215 -10.43 7.43 -14.35
N ASN C 216 -9.36 8.22 -14.30
CA ASN C 216 -9.55 9.66 -14.12
C ASN C 216 -9.97 10.34 -15.42
N TYR C 217 -10.46 11.58 -15.29
CA TYR C 217 -11.02 12.31 -16.43
C TYR C 217 -9.99 12.68 -17.49
N ASP C 218 -8.71 12.68 -17.15
CA ASP C 218 -7.68 13.09 -18.11
C ASP C 218 -7.25 11.96 -19.03
N LYS C 219 -7.81 10.77 -18.86
CA LYS C 219 -7.52 9.64 -19.75
C LYS C 219 -8.55 9.72 -20.86
N VAL C 220 -8.16 10.33 -21.97
CA VAL C 220 -9.06 10.69 -23.06
C VAL C 220 -8.94 9.78 -24.27
N GLY C 221 -8.08 8.77 -24.21
CA GLY C 221 -7.81 7.90 -25.34
C GLY C 221 -6.42 8.18 -25.92
N LEU C 222 -6.02 7.27 -26.81
CA LEU C 222 -4.66 7.28 -27.36
C LEU C 222 -4.72 7.30 -28.87
N GLY C 223 -3.78 8.01 -29.49
CA GLY C 223 -3.69 7.95 -30.94
C GLY C 223 -4.97 8.45 -31.60
N LYS C 224 -5.43 7.72 -32.62
CA LYS C 224 -6.68 8.10 -33.24
C LYS C 224 -7.85 7.97 -32.29
N GLY C 225 -7.65 7.28 -31.18
CA GLY C 225 -8.68 7.20 -30.16
C GLY C 225 -8.80 8.39 -29.23
N ARG C 226 -7.96 9.43 -29.39
CA ARG C 226 -8.04 10.60 -28.52
C ARG C 226 -9.41 11.28 -28.66
N GLY C 227 -10.08 11.47 -27.53
CA GLY C 227 -11.44 11.97 -27.51
C GLY C 227 -12.50 10.88 -27.41
N TYR C 228 -12.13 9.62 -27.64
CA TYR C 228 -13.12 8.54 -27.72
C TYR C 228 -13.14 7.69 -26.45
N ASN C 229 -12.53 8.17 -25.38
CA ASN C 229 -12.63 7.57 -24.05
C ASN C 229 -13.01 8.68 -23.09
N VAL C 230 -14.21 8.60 -22.53
CA VAL C 230 -14.73 9.65 -21.66
C VAL C 230 -14.97 9.05 -20.27
N ASN C 231 -14.13 9.41 -19.31
CA ASN C 231 -14.29 8.99 -17.92
C ASN C 231 -14.92 10.12 -17.11
N ILE C 232 -16.03 9.82 -16.44
CA ILE C 232 -16.73 10.78 -15.59
C ILE C 232 -16.58 10.29 -14.15
N PRO C 233 -15.56 10.76 -13.42
CA PRO C 233 -15.23 10.17 -12.11
C PRO C 233 -15.83 10.94 -10.95
N TRP C 234 -16.55 10.25 -10.08
CA TRP C 234 -17.16 10.92 -8.95
C TRP C 234 -16.25 10.85 -7.72
N ASN C 235 -16.19 11.95 -6.97
CA ASN C 235 -15.43 12.00 -5.72
C ASN C 235 -16.29 12.61 -4.63
N GLY C 236 -16.11 12.12 -3.41
CA GLY C 236 -16.56 12.84 -2.23
C GLY C 236 -18.05 13.08 -2.16
N GLY C 237 -18.81 12.00 -2.15
CA GLY C 237 -20.25 12.19 -2.16
C GLY C 237 -21.02 10.99 -2.64
N LYS C 238 -22.17 10.76 -2.01
CA LYS C 238 -23.13 9.76 -2.49
C LYS C 238 -23.88 10.39 -3.64
N MET C 239 -23.62 9.94 -4.85
CA MET C 239 -24.22 10.51 -6.04
C MET C 239 -25.52 9.78 -6.35
N GLY C 240 -26.39 10.47 -7.07
CA GLY C 240 -27.71 9.95 -7.33
C GLY C 240 -28.29 10.53 -8.59
N ASP C 241 -29.63 10.53 -8.69
CA ASP C 241 -30.29 10.94 -9.93
C ASP C 241 -29.86 12.32 -10.42
N PRO C 242 -29.82 13.37 -9.58
CA PRO C 242 -29.45 14.68 -10.14
C PRO C 242 -28.09 14.68 -10.81
N GLU C 243 -27.12 13.99 -10.22
CA GLU C 243 -25.77 13.99 -10.78
C GLU C 243 -25.69 13.17 -12.06
N TYR C 244 -26.34 12.01 -12.09
CA TYR C 244 -26.38 11.21 -13.31
C TYR C 244 -27.13 11.94 -14.42
N MET C 245 -28.25 12.59 -14.09
CA MET C 245 -28.99 13.34 -15.10
C MET C 245 -28.15 14.48 -15.65
N ALA C 246 -27.43 15.17 -14.78
CA ALA C 246 -26.59 16.28 -15.22
C ALA C 246 -25.43 15.79 -16.07
N ALA C 247 -24.81 14.67 -15.69
CA ALA C 247 -23.72 14.14 -16.50
C ALA C 247 -24.22 13.79 -17.88
N PHE C 248 -25.46 13.28 -17.98
CA PHE C 248 -26.00 12.96 -19.29
C PHE C 248 -26.27 14.24 -20.10
N HIS C 249 -26.82 15.27 -19.43
CA HIS C 249 -27.15 16.52 -20.09
C HIS C 249 -25.91 17.25 -20.60
N HIS C 250 -24.86 17.32 -19.78
CA HIS C 250 -23.69 18.14 -20.12
C HIS C 250 -22.64 17.37 -20.92
N LEU C 251 -22.59 16.05 -20.78
CA LEU C 251 -21.50 15.25 -21.35
C LEU C 251 -21.98 14.11 -22.24
N VAL C 252 -22.70 13.13 -21.66
CA VAL C 252 -22.99 11.90 -22.38
C VAL C 252 -23.78 12.20 -23.65
N MET C 253 -24.88 12.94 -23.52
CA MET C 253 -25.74 13.15 -24.68
C MET C 253 -25.14 14.07 -25.75
N PRO C 254 -24.48 15.19 -25.38
CA PRO C 254 -23.85 16.00 -26.45
C PRO C 254 -22.75 15.26 -27.20
N ILE C 255 -21.89 14.55 -26.48
CA ILE C 255 -20.85 13.77 -27.14
C ILE C 255 -21.48 12.65 -27.96
N ALA C 256 -22.44 11.92 -27.38
CA ALA C 256 -23.02 10.79 -28.11
C ALA C 256 -23.73 11.24 -29.39
N ARG C 257 -24.45 12.37 -29.32
CA ARG C 257 -25.14 12.86 -30.52
C ARG C 257 -24.15 13.27 -31.60
N GLU C 258 -23.01 13.87 -31.19
CA GLU C 258 -21.97 14.21 -32.18
C GLU C 258 -21.33 12.96 -32.80
N PHE C 259 -21.09 11.92 -31.99
CA PHE C 259 -20.51 10.68 -32.50
C PHE C 259 -21.49 9.96 -33.42
N ALA C 260 -22.80 10.09 -33.14
CA ALA C 260 -23.86 9.48 -33.93
C ALA C 260 -23.68 7.97 -34.03
N PRO C 261 -23.71 7.26 -32.91
CA PRO C 261 -23.53 5.82 -32.97
C PRO C 261 -24.64 5.14 -33.77
N GLU C 262 -24.29 3.97 -34.30
CA GLU C 262 -25.23 3.09 -34.98
C GLU C 262 -25.74 1.96 -34.10
N LEU C 263 -25.09 1.74 -32.95
CA LEU C 263 -25.52 0.77 -31.96
C LEU C 263 -25.07 1.32 -30.62
N VAL C 264 -25.93 1.24 -29.61
CA VAL C 264 -25.57 1.61 -28.24
C VAL C 264 -25.59 0.34 -27.41
N LEU C 265 -24.48 0.06 -26.73
CA LEU C 265 -24.40 -0.99 -25.72
C LEU C 265 -24.32 -0.33 -24.37
N VAL C 266 -25.16 -0.77 -23.43
CA VAL C 266 -25.08 -0.28 -22.07
C VAL C 266 -24.42 -1.34 -21.22
N SER C 267 -23.25 -1.01 -20.67
CA SER C 267 -22.68 -1.82 -19.60
C SER C 267 -23.47 -1.43 -18.35
N ALA C 268 -24.57 -2.15 -18.14
CA ALA C 268 -25.60 -1.75 -17.19
C ALA C 268 -25.39 -2.54 -15.90
N GLY C 269 -24.40 -2.13 -15.12
CA GLY C 269 -24.40 -2.51 -13.72
C GLY C 269 -25.44 -1.72 -12.96
N PHE C 270 -25.97 -2.34 -11.91
CA PHE C 270 -26.93 -1.64 -11.05
C PHE C 270 -26.38 -1.46 -9.64
N ASP C 271 -25.05 -1.40 -9.51
CA ASP C 271 -24.40 -1.20 -8.22
C ASP C 271 -24.25 0.28 -7.85
N ALA C 272 -24.66 1.21 -8.73
CA ALA C 272 -24.86 2.59 -8.28
C ALA C 272 -26.27 2.82 -7.74
N ALA C 273 -27.06 1.76 -7.58
CA ALA C 273 -28.46 1.89 -7.20
C ALA C 273 -28.60 2.19 -5.71
N ARG C 274 -29.65 2.95 -5.38
CA ARG C 274 -30.10 3.04 -4.00
C ARG C 274 -30.26 1.65 -3.42
N GLY C 275 -29.62 1.42 -2.25
CA GLY C 275 -29.66 0.14 -1.58
C GLY C 275 -28.48 -0.76 -1.84
N ASP C 276 -27.62 -0.45 -2.81
CA ASP C 276 -26.52 -1.35 -3.09
C ASP C 276 -25.53 -1.33 -1.94
N PRO C 277 -25.15 -2.49 -1.40
CA PRO C 277 -24.27 -2.52 -0.23
C PRO C 277 -22.81 -2.25 -0.55
N LEU C 278 -22.42 -2.27 -1.83
CA LEU C 278 -21.06 -2.06 -2.28
C LEU C 278 -20.85 -0.67 -2.88
N GLY C 279 -21.81 -0.17 -3.65
CA GLY C 279 -21.59 1.06 -4.37
C GLY C 279 -21.72 2.33 -3.54
N GLY C 280 -22.64 2.34 -2.57
CA GLY C 280 -22.80 3.52 -1.74
C GLY C 280 -23.50 4.68 -2.41
N PHE C 281 -24.11 4.48 -3.57
CA PHE C 281 -24.77 5.55 -4.31
C PHE C 281 -26.29 5.38 -4.21
N GLN C 282 -27.04 6.25 -4.92
N GLN C 282 -27.01 6.26 -4.95
CA GLN C 282 -28.47 6.23 -4.70
CA GLN C 282 -28.43 6.48 -4.69
C GLN C 282 -29.27 6.51 -5.97
C GLN C 282 -29.26 6.57 -5.98
N VAL C 283 -28.78 6.07 -7.12
CA VAL C 283 -29.58 6.16 -8.34
C VAL C 283 -30.85 5.32 -8.16
N THR C 284 -32.01 5.90 -8.49
CA THR C 284 -33.29 5.23 -8.28
C THR C 284 -33.72 4.47 -9.52
N PRO C 285 -34.73 3.61 -9.43
CA PRO C 285 -35.17 2.89 -10.63
C PRO C 285 -35.69 3.85 -11.67
N GLU C 286 -36.34 4.93 -11.23
CA GLU C 286 -36.79 5.99 -12.13
C GLU C 286 -35.59 6.68 -12.78
N GLY C 287 -34.49 6.84 -12.03
CA GLY C 287 -33.28 7.38 -12.60
C GLY C 287 -32.76 6.53 -13.76
N TYR C 288 -32.67 5.22 -13.55
CA TYR C 288 -32.20 4.34 -14.61
C TYR C 288 -33.16 4.36 -15.81
N ALA C 289 -34.46 4.49 -15.55
CA ALA C 289 -35.41 4.62 -16.63
C ALA C 289 -35.16 5.89 -17.43
N HIS C 290 -34.89 7.01 -16.74
CA HIS C 290 -34.57 8.24 -17.43
C HIS C 290 -33.33 8.07 -18.31
N LEU C 291 -32.28 7.45 -17.76
CA LEU C 291 -31.06 7.29 -18.55
C LEU C 291 -31.31 6.40 -19.76
N THR C 292 -32.08 5.31 -19.60
CA THR C 292 -32.38 4.42 -20.71
C THR C 292 -33.13 5.18 -21.78
N HIS C 293 -34.14 5.95 -21.38
CA HIS C 293 -34.95 6.68 -22.35
C HIS C 293 -34.12 7.72 -23.09
N GLN C 294 -33.14 8.35 -22.43
CA GLN C 294 -32.22 9.25 -23.13
C GLN C 294 -31.43 8.51 -24.21
N LEU C 295 -30.86 7.35 -23.85
CA LEU C 295 -30.06 6.61 -24.82
C LEU C 295 -30.89 6.11 -25.99
N MET C 296 -32.19 5.87 -25.78
CA MET C 296 -33.07 5.43 -26.86
C MET C 296 -33.20 6.47 -27.97
N SER C 297 -32.83 7.73 -27.71
CA SER C 297 -32.84 8.75 -28.75
C SER C 297 -31.65 8.67 -29.69
N LEU C 298 -30.71 7.76 -29.43
CA LEU C 298 -29.51 7.56 -30.23
C LEU C 298 -29.67 6.31 -31.09
N ALA C 299 -28.90 6.26 -32.19
CA ALA C 299 -28.79 5.03 -32.98
C ALA C 299 -30.14 4.51 -33.48
N ALA C 300 -31.07 5.43 -33.77
CA ALA C 300 -32.42 5.03 -34.19
C ALA C 300 -33.06 4.04 -33.21
N GLY C 301 -32.68 4.15 -31.93
CA GLY C 301 -33.25 3.30 -30.92
C GLY C 301 -32.59 1.95 -30.74
N ARG C 302 -31.49 1.68 -31.46
CA ARG C 302 -30.82 0.37 -31.42
C ARG C 302 -29.92 0.31 -30.17
N VAL C 303 -30.52 -0.11 -29.05
CA VAL C 303 -29.89 -0.15 -27.73
C VAL C 303 -29.96 -1.57 -27.19
N LEU C 304 -28.82 -2.08 -26.70
CA LEU C 304 -28.75 -3.36 -26.01
C LEU C 304 -28.25 -3.09 -24.60
N ILE C 305 -29.07 -3.44 -23.60
CA ILE C 305 -28.74 -3.26 -22.19
C ILE C 305 -28.17 -4.57 -21.64
N ILE C 306 -26.93 -4.56 -21.16
CA ILE C 306 -26.21 -5.77 -20.75
C ILE C 306 -25.94 -5.70 -19.24
N LEU C 307 -26.43 -6.68 -18.47
CA LEU C 307 -26.16 -6.64 -17.03
C LEU C 307 -24.65 -6.74 -16.76
N GLU C 308 -24.15 -5.88 -15.87
CA GLU C 308 -22.80 -5.96 -15.31
C GLU C 308 -22.92 -6.30 -13.82
N GLY C 309 -22.56 -5.37 -12.91
CA GLY C 309 -22.68 -5.57 -11.47
C GLY C 309 -24.04 -5.16 -10.91
N GLY C 310 -24.12 -5.16 -9.57
CA GLY C 310 -25.38 -4.85 -8.91
C GLY C 310 -25.69 -5.93 -7.89
N TYR C 311 -25.75 -5.57 -6.59
CA TYR C 311 -25.66 -6.57 -5.51
C TYR C 311 -26.79 -6.55 -4.53
N ASN C 312 -27.72 -5.61 -4.62
CA ASN C 312 -28.96 -5.65 -3.84
C ASN C 312 -30.01 -6.26 -4.76
N LEU C 313 -30.47 -7.47 -4.42
CA LEU C 313 -31.31 -8.23 -5.35
C LEU C 313 -32.59 -7.49 -5.68
N THR C 314 -33.18 -6.78 -4.71
CA THR C 314 -34.39 -6.04 -4.97
C THR C 314 -34.08 -4.81 -5.82
N SER C 315 -32.99 -4.10 -5.52
CA SER C 315 -32.63 -2.92 -6.28
C SER C 315 -32.36 -3.26 -7.75
N ILE C 316 -31.59 -4.32 -8.00
CA ILE C 316 -31.24 -4.61 -9.40
C ILE C 316 -32.46 -5.09 -10.16
N SER C 317 -33.36 -5.81 -9.48
CA SER C 317 -34.53 -6.34 -10.16
C SER C 317 -35.47 -5.21 -10.56
N GLU C 318 -35.69 -4.24 -9.66
N GLU C 318 -35.71 -4.27 -9.63
CA GLU C 318 -36.57 -3.14 -9.99
CA GLU C 318 -36.55 -3.12 -9.95
C GLU C 318 -35.92 -2.18 -10.99
C GLU C 318 -35.90 -2.23 -11.00
N SER C 319 -34.61 -1.98 -10.86
CA SER C 319 -33.91 -1.07 -11.77
C SER C 319 -33.86 -1.61 -13.19
N MET C 320 -33.44 -2.87 -13.35
CA MET C 320 -33.36 -3.40 -14.71
C MET C 320 -34.75 -3.53 -15.33
N SER C 321 -35.75 -3.88 -14.53
CA SER C 321 -37.11 -3.97 -15.07
CA SER C 321 -37.10 -3.97 -15.07
C SER C 321 -37.59 -2.62 -15.57
N MET C 322 -37.27 -1.55 -14.85
N MET C 322 -37.28 -1.54 -14.83
CA MET C 322 -37.64 -0.22 -15.32
CA MET C 322 -37.64 -0.20 -15.31
C MET C 322 -36.97 0.10 -16.64
C MET C 322 -36.98 0.09 -16.64
N CYS C 323 -35.71 -0.32 -16.80
CA CYS C 323 -35.04 -0.11 -18.10
C CYS C 323 -35.77 -0.86 -19.21
N THR C 324 -36.17 -2.11 -18.97
CA THR C 324 -36.89 -2.85 -20.00
C THR C 324 -38.22 -2.19 -20.33
N SER C 325 -38.94 -1.70 -19.31
CA SER C 325 -40.18 -0.94 -19.53
C SER C 325 -39.95 0.24 -20.47
N MET C 326 -38.83 0.95 -20.30
CA MET C 326 -38.50 2.03 -21.22
C MET C 326 -38.28 1.52 -22.65
N LEU C 327 -37.51 0.42 -22.79
CA LEU C 327 -37.25 -0.11 -24.13
C LEU C 327 -38.55 -0.48 -24.84
N LEU C 328 -39.53 -0.95 -24.07
CA LEU C 328 -40.81 -1.34 -24.61
C LEU C 328 -41.69 -0.18 -24.99
N GLY C 329 -41.26 1.05 -24.71
CA GLY C 329 -42.00 2.24 -25.09
C GLY C 329 -42.85 2.87 -24.01
N ASP C 330 -42.76 2.41 -22.77
CA ASP C 330 -43.55 3.02 -21.71
C ASP C 330 -43.02 4.42 -21.39
N SER C 331 -43.91 5.28 -20.89
CA SER C 331 -43.50 6.65 -20.65
C SER C 331 -42.54 6.73 -19.47
N PRO C 332 -41.47 7.51 -19.59
CA PRO C 332 -40.52 7.63 -18.48
C PRO C 332 -41.11 8.41 -17.32
N PRO C 333 -40.79 8.05 -16.09
CA PRO C 333 -41.28 8.83 -14.95
C PRO C 333 -40.65 10.22 -14.96
N SER C 334 -41.45 11.20 -14.54
CA SER C 334 -41.02 12.59 -14.51
C SER C 334 -40.08 12.81 -13.31
N LEU C 335 -38.91 13.41 -13.58
CA LEU C 335 -37.89 13.71 -12.58
C LEU C 335 -37.67 15.21 -12.50
N ASP C 336 -37.08 15.67 -11.39
CA ASP C 336 -36.80 17.09 -11.19
C ASP C 336 -35.41 17.41 -11.73
N HIS C 337 -35.36 18.09 -12.87
CA HIS C 337 -34.09 18.47 -13.47
C HIS C 337 -33.48 19.72 -12.84
N LEU C 338 -34.12 20.29 -11.82
CA LEU C 338 -33.64 21.50 -11.16
C LEU C 338 -33.14 21.23 -9.76
N THR C 339 -33.12 19.98 -9.32
CA THR C 339 -32.49 19.66 -8.04
C THR C 339 -31.00 19.99 -8.13
N PRO C 340 -30.46 20.79 -7.22
CA PRO C 340 -29.04 21.14 -7.34
C PRO C 340 -28.14 19.95 -7.10
N LEU C 341 -26.96 19.99 -7.72
CA LEU C 341 -26.01 18.90 -7.60
C LEU C 341 -25.18 19.07 -6.35
N LYS C 342 -24.71 17.94 -5.83
CA LYS C 342 -23.67 17.98 -4.82
C LYS C 342 -22.42 18.64 -5.42
N THR C 343 -21.76 19.46 -4.61
CA THR C 343 -20.72 20.35 -5.13
C THR C 343 -19.62 19.61 -5.88
N SER C 344 -19.19 18.45 -5.35
CA SER C 344 -18.09 17.74 -6.00
C SER C 344 -18.51 17.16 -7.35
N ALA C 345 -19.81 16.96 -7.57
CA ALA C 345 -20.24 16.48 -8.87
C ALA C 345 -20.09 17.57 -9.93
N THR C 346 -20.40 18.81 -9.59
CA THR C 346 -20.12 19.93 -10.49
C THR C 346 -18.63 20.01 -10.80
N VAL C 347 -17.79 19.85 -9.79
CA VAL C 347 -16.34 19.82 -10.03
C VAL C 347 -15.97 18.73 -11.02
N SER C 348 -16.51 17.52 -10.83
CA SER C 348 -16.20 16.42 -11.75
C SER C 348 -16.65 16.71 -13.16
N ILE C 349 -17.90 17.13 -13.34
CA ILE C 349 -18.43 17.40 -14.68
C ILE C 349 -17.59 18.46 -15.37
N ASN C 350 -17.19 19.50 -14.64
CA ASN C 350 -16.39 20.56 -15.25
C ASN C 350 -15.00 20.07 -15.63
N ASN C 351 -14.41 19.18 -14.82
CA ASN C 351 -13.13 18.59 -15.20
C ASN C 351 -13.24 17.80 -16.50
N VAL C 352 -14.32 17.05 -16.66
CA VAL C 352 -14.47 16.27 -17.88
C VAL C 352 -14.70 17.18 -19.06
N LEU C 353 -15.52 18.23 -18.87
CA LEU C 353 -15.77 19.17 -19.96
C LEU C 353 -14.47 19.80 -20.44
N ARG C 354 -13.58 20.18 -19.52
N ARG C 354 -13.57 20.17 -19.52
CA ARG C 354 -12.31 20.76 -19.94
CA ARG C 354 -12.31 20.76 -19.95
C ARG C 354 -11.44 19.75 -20.69
C ARG C 354 -11.40 19.76 -20.65
N ALA C 355 -11.47 18.49 -20.25
CA ALA C 355 -10.66 17.46 -20.91
C ALA C 355 -11.12 17.18 -22.33
N HIS C 356 -12.44 17.25 -22.58
CA HIS C 356 -12.98 16.79 -23.84
C HIS C 356 -13.44 17.88 -24.79
N ALA C 357 -13.58 19.12 -24.32
CA ALA C 357 -13.90 20.21 -25.23
C ALA C 357 -12.98 20.26 -26.46
N PRO C 358 -11.67 19.98 -26.36
CA PRO C 358 -10.84 19.98 -27.57
C PRO C 358 -11.26 18.97 -28.62
N PHE C 359 -12.02 17.94 -28.26
CA PHE C 359 -12.34 16.87 -29.18
C PHE C 359 -13.76 16.90 -29.69
N TRP C 360 -14.65 17.64 -29.04
CA TRP C 360 -16.08 17.58 -29.33
C TRP C 360 -16.62 19.00 -29.47
N SER C 361 -16.99 19.37 -30.70
CA SER C 361 -17.48 20.71 -30.98
C SER C 361 -18.73 21.04 -30.18
N SER C 362 -19.54 20.02 -29.87
CA SER C 362 -20.77 20.20 -29.10
C SER C 362 -20.49 20.68 -27.68
N LEU C 363 -19.27 20.52 -27.19
CA LEU C 363 -18.92 21.03 -25.88
C LEU C 363 -18.33 22.44 -25.93
N ARG C 364 -18.10 22.98 -27.12
CA ARG C 364 -17.48 24.29 -27.24
C ARG C 364 -18.50 25.38 -27.58
N PRO D 8 -6.13 24.93 -12.39
CA PRO D 8 -5.64 25.82 -11.34
C PRO D 8 -4.38 26.57 -11.79
N ILE D 9 -4.10 27.72 -11.19
CA ILE D 9 -2.91 28.45 -11.61
C ILE D 9 -1.80 28.43 -10.57
N THR D 10 -2.03 27.86 -9.38
CA THR D 10 -0.97 27.73 -8.39
C THR D 10 -0.60 26.26 -8.22
N GLY D 11 0.70 25.99 -8.33
CA GLY D 11 1.22 24.65 -8.10
C GLY D 11 1.52 24.39 -6.63
N LEU D 12 1.47 23.11 -6.24
CA LEU D 12 1.84 22.71 -4.89
C LEU D 12 2.61 21.41 -5.00
N VAL D 13 3.78 21.33 -4.38
CA VAL D 13 4.53 20.07 -4.32
C VAL D 13 4.74 19.69 -2.85
N TYR D 14 4.46 18.42 -2.56
CA TYR D 14 4.64 17.85 -1.22
C TYR D 14 4.75 16.35 -1.41
N ASP D 15 5.76 15.76 -0.79
CA ASP D 15 5.90 14.31 -0.86
C ASP D 15 6.29 13.81 0.51
N GLN D 16 5.48 12.91 1.06
N GLN D 16 5.48 12.90 1.06
CA GLN D 16 5.72 12.44 2.42
CA GLN D 16 5.69 12.40 2.41
C GLN D 16 7.02 11.67 2.59
C GLN D 16 7.04 11.72 2.58
N ARG D 17 7.66 11.25 1.49
CA ARG D 17 8.98 10.61 1.59
C ARG D 17 10.00 11.56 2.21
N MET D 18 9.81 12.88 2.08
CA MET D 18 10.77 13.79 2.70
C MET D 18 10.72 13.74 4.23
N MET D 19 9.72 13.06 4.83
CA MET D 19 9.70 12.86 6.27
C MET D 19 10.72 11.84 6.76
N LEU D 20 11.33 11.05 5.87
CA LEU D 20 12.16 9.94 6.34
C LEU D 20 13.52 10.40 6.88
N HIS D 21 13.99 11.58 6.48
CA HIS D 21 15.17 12.20 7.10
C HIS D 21 14.89 12.50 8.57
N HIS D 22 15.70 11.98 9.48
CA HIS D 22 15.40 12.21 10.88
C HIS D 22 16.67 12.12 11.71
N ASN D 23 16.57 12.64 12.93
CA ASN D 23 17.67 12.66 13.88
C ASN D 23 17.59 11.41 14.75
N MET D 24 18.52 10.48 14.52
CA MET D 24 18.52 9.18 15.19
C MET D 24 18.93 9.28 16.66
N TRP D 25 19.48 10.41 17.10
CA TRP D 25 20.01 10.52 18.45
C TRP D 25 19.28 11.56 19.31
N ASP D 26 18.35 12.31 18.73
CA ASP D 26 17.55 13.24 19.51
C ASP D 26 16.18 13.29 18.83
N SER D 27 15.20 12.57 19.40
CA SER D 27 13.90 12.53 18.75
C SER D 27 13.15 13.84 18.90
N HIS D 28 13.66 14.78 19.68
CA HIS D 28 13.01 16.05 19.90
C HIS D 28 13.73 17.18 19.18
N HIS D 29 14.66 16.86 18.29
CA HIS D 29 15.39 17.90 17.57
C HIS D 29 14.42 18.78 16.80
N PRO D 30 14.60 20.11 16.82
CA PRO D 30 13.63 21.04 16.17
C PRO D 30 13.29 20.72 14.71
N GLU D 31 14.22 20.21 13.91
CA GLU D 31 13.96 20.03 12.47
C GLU D 31 13.26 18.69 12.24
N LEU D 32 11.96 18.65 12.63
CA LEU D 32 11.19 17.42 12.76
C LEU D 32 10.58 17.02 11.41
N PRO D 33 10.44 15.71 11.17
CA PRO D 33 9.68 15.27 9.98
C PRO D 33 8.30 15.88 9.88
N GLN D 34 7.67 16.10 11.04
CA GLN D 34 6.29 16.57 11.08
C GLN D 34 6.15 18.03 10.65
N ARG D 35 7.27 18.68 10.37
CA ARG D 35 7.25 20.05 9.90
C ARG D 35 6.55 20.18 8.53
N ILE D 36 6.75 19.21 7.65
CA ILE D 36 6.12 19.25 6.34
C ILE D 36 4.73 18.61 6.34
N SER D 37 4.53 17.54 7.13
CA SER D 37 3.21 16.93 7.19
C SER D 37 2.18 17.82 7.89
N ARG D 38 2.59 18.60 8.90
CA ARG D 38 1.66 19.55 9.50
C ARG D 38 1.30 20.67 8.51
N ILE D 39 2.27 21.16 7.74
CA ILE D 39 1.94 22.20 6.78
C ILE D 39 0.98 21.65 5.73
N PHE D 40 1.25 20.45 5.25
CA PHE D 40 0.39 19.84 4.25
C PHE D 40 -1.01 19.59 4.79
N SER D 41 -1.12 19.07 6.02
CA SER D 41 -2.42 18.85 6.63
C SER D 41 -3.21 20.14 6.72
N ARG D 42 -2.56 21.22 7.12
CA ARG D 42 -3.26 22.49 7.26
C ARG D 42 -3.76 22.98 5.91
N HIS D 43 -2.99 22.74 4.83
CA HIS D 43 -3.48 23.07 3.50
C HIS D 43 -4.73 22.28 3.15
N GLU D 44 -4.80 21.01 3.56
CA GLU D 44 -6.03 20.24 3.34
C GLU D 44 -7.17 20.79 4.18
N GLU D 45 -6.90 21.03 5.46
CA GLU D 45 -7.95 21.50 6.36
C GLU D 45 -8.56 22.80 5.87
N LEU D 46 -7.73 23.70 5.33
CA LEU D 46 -8.17 25.01 4.86
C LEU D 46 -8.71 24.98 3.44
N ARG D 47 -8.78 23.80 2.83
CA ARG D 47 -9.29 23.59 1.49
C ARG D 47 -8.46 24.29 0.42
N LEU D 48 -7.18 24.53 0.73
CA LEU D 48 -6.26 25.09 -0.24
C LEU D 48 -5.73 24.03 -1.21
N LEU D 49 -5.49 22.81 -0.72
CA LEU D 49 -4.90 21.78 -1.56
C LEU D 49 -5.70 21.56 -2.83
N SER D 50 -7.02 21.46 -2.71
CA SER D 50 -7.85 21.16 -3.87
C SER D 50 -7.93 22.33 -4.85
N ARG D 51 -7.46 23.51 -4.46
CA ARG D 51 -7.39 24.66 -5.36
C ARG D 51 -6.10 24.71 -6.15
N CYS D 52 -5.14 23.85 -5.84
CA CYS D 52 -3.83 23.87 -6.46
C CYS D 52 -3.68 22.74 -7.46
N HIS D 53 -2.78 22.93 -8.41
CA HIS D 53 -2.33 21.87 -9.29
C HIS D 53 -1.19 21.13 -8.60
N ARG D 54 -1.36 19.83 -8.37
CA ARG D 54 -0.33 19.06 -7.66
C ARG D 54 0.83 18.75 -8.61
N ILE D 55 2.00 19.25 -8.27
CA ILE D 55 3.24 19.03 -9.03
C ILE D 55 3.99 17.89 -8.35
N PRO D 56 4.45 16.88 -9.08
CA PRO D 56 5.12 15.76 -8.43
C PRO D 56 6.53 16.10 -7.98
N ALA D 57 6.94 15.49 -6.87
CA ALA D 57 8.35 15.51 -6.51
C ALA D 57 9.14 14.62 -7.45
N ARG D 58 10.43 14.91 -7.54
CA ARG D 58 11.36 14.00 -8.20
C ARG D 58 12.72 14.19 -7.56
N LEU D 59 13.61 13.24 -7.83
CA LEU D 59 14.99 13.37 -7.39
C LEU D 59 15.72 14.36 -8.30
N ALA D 60 16.41 15.33 -7.69
CA ALA D 60 17.46 16.03 -8.42
C ALA D 60 18.49 15.01 -8.88
N THR D 61 19.13 15.28 -10.01
CA THR D 61 20.22 14.42 -10.46
C THR D 61 21.54 14.96 -9.96
N GLU D 62 22.56 14.09 -9.98
CA GLU D 62 23.88 14.54 -9.54
C GLU D 62 24.39 15.66 -10.43
N GLU D 63 24.08 15.60 -11.72
CA GLU D 63 24.46 16.68 -12.63
C GLU D 63 23.80 17.99 -12.23
N GLU D 64 22.53 17.95 -11.82
CA GLU D 64 21.87 19.16 -11.33
C GLU D 64 22.52 19.69 -10.05
N LEU D 65 22.92 18.80 -9.13
CA LEU D 65 23.56 19.28 -7.91
C LEU D 65 24.86 20.02 -8.23
N ALA D 66 25.55 19.63 -9.30
CA ALA D 66 26.79 20.30 -9.65
C ALA D 66 26.58 21.70 -10.22
N LEU D 67 25.32 22.14 -10.40
CA LEU D 67 25.09 23.54 -10.75
C LEU D 67 25.62 24.46 -9.66
N CYS D 68 25.61 24.00 -8.40
CA CYS D 68 26.09 24.81 -7.29
C CYS D 68 27.10 24.11 -6.39
N HIS D 69 27.19 22.78 -6.41
CA HIS D 69 27.96 22.08 -5.40
C HIS D 69 29.16 21.35 -5.99
N SER D 70 30.20 21.21 -5.18
CA SER D 70 31.41 20.54 -5.63
C SER D 70 31.20 19.03 -5.74
N SER D 71 32.05 18.40 -6.56
CA SER D 71 31.97 16.94 -6.72
C SER D 71 32.26 16.24 -5.40
N LYS D 72 33.22 16.76 -4.62
CA LYS D 72 33.54 16.14 -3.34
C LYS D 72 32.35 16.20 -2.37
N HIS D 73 31.66 17.34 -2.33
CA HIS D 73 30.55 17.47 -1.41
C HIS D 73 29.39 16.57 -1.83
N ILE D 74 29.08 16.52 -3.13
CA ILE D 74 28.03 15.63 -3.61
C ILE D 74 28.35 14.19 -3.25
N SER D 75 29.62 13.78 -3.46
N SER D 75 29.61 13.78 -3.46
CA SER D 75 29.98 12.38 -3.25
CA SER D 75 29.99 12.39 -3.26
C SER D 75 29.90 12.00 -1.78
C SER D 75 29.91 12.00 -1.79
N ILE D 76 30.28 12.91 -0.88
CA ILE D 76 30.22 12.59 0.55
C ILE D 76 28.77 12.43 1.00
N ILE D 77 27.90 13.38 0.66
CA ILE D 77 26.52 13.21 1.11
C ILE D 77 25.88 12.00 0.45
N LYS D 78 26.15 11.78 -0.85
CA LYS D 78 25.67 10.57 -1.49
C LYS D 78 26.08 9.31 -0.73
N SER D 79 27.33 9.28 -0.23
CA SER D 79 27.82 8.08 0.41
C SER D 79 27.12 7.80 1.74
N SER D 80 26.49 8.82 2.33
CA SER D 80 25.84 8.62 3.62
C SER D 80 24.64 7.69 3.53
N GLU D 81 24.06 7.53 2.34
CA GLU D 81 22.91 6.65 2.19
C GLU D 81 23.22 5.21 2.66
N HIS D 82 24.48 4.79 2.53
CA HIS D 82 24.84 3.41 2.82
C HIS D 82 25.63 3.25 4.11
N MET D 83 25.72 4.29 4.94
CA MET D 83 26.49 4.24 6.16
C MET D 83 25.66 3.71 7.31
N LYS D 84 26.34 3.06 8.24
CA LYS D 84 25.70 2.56 9.44
C LYS D 84 25.61 3.68 10.47
N PRO D 85 24.78 3.51 11.51
CA PRO D 85 24.50 4.65 12.42
C PRO D 85 25.70 5.39 13.00
N ARG D 86 26.68 4.70 13.58
CA ARG D 86 27.76 5.45 14.21
C ARG D 86 28.63 6.16 13.18
N ASP D 87 28.71 5.64 11.95
CA ASP D 87 29.42 6.36 10.89
C ASP D 87 28.64 7.59 10.49
N LEU D 88 27.31 7.48 10.47
CA LEU D 88 26.47 8.66 10.20
C LEU D 88 26.64 9.72 11.27
N ASN D 89 26.74 9.30 12.53
CA ASN D 89 26.94 10.25 13.60
C ASN D 89 28.28 10.93 13.46
N ARG D 90 29.33 10.15 13.14
CA ARG D 90 30.64 10.74 12.93
C ARG D 90 30.63 11.74 11.80
N LEU D 91 29.97 11.40 10.68
CA LEU D 91 29.99 12.32 9.54
C LEU D 91 29.22 13.60 9.88
N GLY D 92 28.04 13.45 10.49
CA GLY D 92 27.26 14.63 10.84
C GLY D 92 28.03 15.56 11.78
N ASP D 93 28.78 14.98 12.70
CA ASP D 93 29.52 15.77 13.68
C ASP D 93 30.67 16.57 13.07
N GLU D 94 31.07 16.26 11.84
CA GLU D 94 32.11 17.01 11.14
C GLU D 94 31.61 18.35 10.61
N TYR D 95 30.30 18.57 10.59
CA TYR D 95 29.71 19.80 10.11
C TYR D 95 29.15 20.60 11.28
N ASN D 96 28.84 21.86 10.99
CA ASN D 96 28.16 22.73 11.96
C ASN D 96 26.67 22.44 11.87
N SER D 97 26.12 21.86 12.94
CA SER D 97 24.68 21.71 13.13
C SER D 97 24.00 20.86 12.07
N ILE D 98 24.46 19.62 11.93
CA ILE D 98 23.93 18.67 10.96
C ILE D 98 23.71 17.33 11.66
N PHE D 99 22.54 16.73 11.42
CA PHE D 99 22.28 15.32 11.68
C PHE D 99 21.96 14.62 10.37
N ILE D 100 22.35 13.34 10.28
CA ILE D 100 22.21 12.57 9.04
C ILE D 100 21.63 11.20 9.37
N SER D 101 20.64 10.77 8.59
CA SER D 101 20.19 9.38 8.57
C SER D 101 20.38 8.81 7.17
N ASN D 102 20.06 7.52 7.00
N ASN D 102 20.10 7.53 6.99
CA ASN D 102 20.28 6.88 5.71
CA ASN D 102 20.36 6.96 5.67
C ASN D 102 19.40 7.46 4.61
C ASN D 102 19.34 7.37 4.61
N GLU D 103 18.31 8.14 4.98
CA GLU D 103 17.39 8.73 4.03
C GLU D 103 17.69 10.19 3.75
N SER D 104 18.67 10.80 4.43
CA SER D 104 18.91 12.24 4.28
C SER D 104 19.25 12.63 2.85
N TYR D 105 20.17 11.90 2.21
CA TYR D 105 20.53 12.19 0.83
C TYR D 105 19.31 12.16 -0.09
N THR D 106 18.50 11.09 0.00
CA THR D 106 17.31 10.99 -0.85
C THR D 106 16.35 12.15 -0.59
N CYS D 107 16.18 12.52 0.68
CA CYS D 107 15.26 13.60 0.99
C CYS D 107 15.77 14.93 0.43
N ALA D 108 17.08 15.20 0.55
CA ALA D 108 17.62 16.44 0.01
C ALA D 108 17.50 16.45 -1.51
N LEU D 109 17.64 15.29 -2.17
CA LEU D 109 17.42 15.22 -3.61
C LEU D 109 15.98 15.51 -3.97
N LEU D 110 15.03 14.95 -3.19
CA LEU D 110 13.62 15.21 -3.44
C LEU D 110 13.26 16.67 -3.21
N ALA D 111 13.86 17.30 -2.21
CA ALA D 111 13.53 18.70 -1.96
C ALA D 111 13.95 19.54 -3.15
N ALA D 112 15.16 19.31 -3.65
CA ALA D 112 15.64 20.06 -4.80
C ALA D 112 14.85 19.74 -6.06
N GLY D 113 14.63 18.45 -6.35
CA GLY D 113 13.91 18.10 -7.57
C GLY D 113 12.48 18.60 -7.58
N SER D 114 11.83 18.60 -6.41
CA SER D 114 10.49 19.21 -6.28
C SER D 114 10.49 20.65 -6.72
N CYS D 115 11.50 21.42 -6.30
CA CYS D 115 11.60 22.82 -6.68
C CYS D 115 11.94 22.98 -8.16
N PHE D 116 12.78 22.10 -8.72
CA PHE D 116 13.02 22.16 -10.16
C PHE D 116 11.72 21.96 -10.93
N ASN D 117 10.94 20.93 -10.56
CA ASN D 117 9.68 20.70 -11.28
C ASN D 117 8.76 21.90 -11.15
N SER D 118 8.75 22.54 -9.98
CA SER D 118 7.90 23.72 -9.77
C SER D 118 8.38 24.88 -10.63
N ALA D 119 9.69 25.13 -10.67
CA ALA D 119 10.20 26.21 -11.51
C ALA D 119 9.94 25.94 -12.99
N GLN D 120 10.11 24.68 -13.42
CA GLN D 120 9.80 24.33 -14.80
C GLN D 120 8.34 24.60 -15.11
N ALA D 121 7.43 24.24 -14.20
CA ALA D 121 6.01 24.47 -14.43
C ALA D 121 5.71 25.96 -14.55
N ILE D 122 6.35 26.78 -13.72
CA ILE D 122 6.16 28.23 -13.75
C ILE D 122 6.68 28.81 -15.06
N LEU D 123 7.84 28.34 -15.52
CA LEU D 123 8.51 28.94 -16.68
C LEU D 123 7.98 28.44 -18.01
N THR D 124 7.23 27.34 -18.03
CA THR D 124 6.67 26.81 -19.27
C THR D 124 5.17 26.98 -19.35
N GLY D 125 4.60 27.94 -18.61
CA GLY D 125 3.20 28.28 -18.74
C GLY D 125 2.22 27.29 -18.18
N GLN D 126 2.65 26.40 -17.30
CA GLN D 126 1.74 25.41 -16.71
C GLN D 126 1.04 25.93 -15.47
N VAL D 127 1.75 26.70 -14.64
CA VAL D 127 1.18 27.39 -13.48
C VAL D 127 1.78 28.78 -13.45
N ARG D 128 1.10 29.69 -12.73
CA ARG D 128 1.65 31.03 -12.56
C ARG D 128 2.65 31.08 -11.41
N ASN D 129 2.41 30.32 -10.35
CA ASN D 129 3.25 30.38 -9.16
C ASN D 129 3.11 29.05 -8.46
N ALA D 130 3.87 28.86 -7.36
CA ALA D 130 3.85 27.55 -6.71
C ALA D 130 4.40 27.64 -5.30
N VAL D 131 4.02 26.64 -4.48
CA VAL D 131 4.55 26.46 -3.13
C VAL D 131 5.17 25.08 -3.04
N ALA D 132 6.33 25.00 -2.37
CA ALA D 132 7.08 23.75 -2.22
C ALA D 132 7.25 23.46 -0.74
N ILE D 133 6.57 22.42 -0.27
CA ILE D 133 6.57 22.03 1.14
C ILE D 133 7.61 20.93 1.27
N VAL D 134 8.86 21.34 1.53
CA VAL D 134 10.01 20.45 1.39
C VAL D 134 10.90 20.52 2.62
N ARG D 135 11.64 19.45 2.84
CA ARG D 135 12.71 19.37 3.85
C ARG D 135 13.65 18.26 3.42
N PRO D 136 14.92 18.29 3.86
CA PRO D 136 15.56 19.30 4.74
C PRO D 136 15.73 20.64 4.01
N PRO D 137 15.96 21.69 4.78
CA PRO D 137 16.14 23.02 4.18
C PRO D 137 17.45 23.16 3.41
N GLY D 138 17.66 24.34 2.83
CA GLY D 138 18.80 24.51 1.93
C GLY D 138 19.72 25.69 2.15
N HIS D 139 19.24 26.81 2.71
CA HIS D 139 19.96 28.06 2.47
C HIS D 139 21.30 28.19 3.21
N HIS D 140 21.59 27.37 4.23
CA HIS D 140 22.90 27.37 4.86
C HIS D 140 23.93 26.50 4.12
N ALA D 141 23.50 25.67 3.16
CA ALA D 141 24.43 24.80 2.47
C ALA D 141 25.28 25.62 1.50
N GLU D 142 26.59 25.36 1.54
CA GLU D 142 27.60 26.03 0.73
C GLU D 142 27.96 25.15 -0.45
N LYS D 143 28.77 25.71 -1.36
CA LYS D 143 29.23 24.93 -2.50
C LYS D 143 29.85 23.62 -2.04
N ASP D 144 30.68 23.67 -1.00
CA ASP D 144 31.51 22.55 -0.61
C ASP D 144 31.15 21.96 0.75
N THR D 145 30.05 22.35 1.39
CA THR D 145 29.80 21.79 2.72
C THR D 145 28.34 21.91 3.11
N ALA D 146 27.93 21.04 4.03
CA ALA D 146 26.61 21.10 4.65
C ALA D 146 26.71 21.95 5.92
N CYS D 147 25.56 22.52 6.32
CA CYS D 147 25.56 23.41 7.48
C CYS D 147 24.13 23.68 7.91
N GLY D 148 23.90 23.76 9.23
CA GLY D 148 22.65 24.34 9.71
C GLY D 148 21.40 23.65 9.20
N PHE D 149 21.39 22.32 9.26
CA PHE D 149 20.25 21.45 8.90
C PHE D 149 20.15 21.29 7.38
N CYS D 150 21.06 21.89 6.61
CA CYS D 150 20.96 21.95 5.14
C CYS D 150 22.10 21.19 4.48
N PHE D 151 21.75 20.37 3.47
CA PHE D 151 22.71 19.58 2.72
C PHE D 151 23.08 20.16 1.35
N PHE D 152 22.08 20.51 0.57
CA PHE D 152 22.26 21.14 -0.74
C PHE D 152 21.41 22.39 -0.76
N ASN D 153 21.87 23.40 -1.48
CA ASN D 153 21.19 24.69 -1.40
C ASN D 153 20.04 24.70 -2.43
N THR D 154 18.86 24.26 -1.96
CA THR D 154 17.70 24.08 -2.83
C THR D 154 17.36 25.36 -3.61
N ALA D 155 17.29 26.50 -2.93
CA ALA D 155 16.92 27.74 -3.61
C ALA D 155 17.99 28.15 -4.63
N ALA D 156 19.27 28.06 -4.27
CA ALA D 156 20.32 28.44 -5.21
C ALA D 156 20.32 27.52 -6.42
N LEU D 157 20.16 26.21 -6.19
CA LEU D 157 20.09 25.24 -7.27
C LEU D 157 18.90 25.54 -8.18
N THR D 158 17.76 25.90 -7.58
CA THR D 158 16.58 26.22 -8.38
C THR D 158 16.81 27.44 -9.25
N ALA D 159 17.51 28.46 -8.75
CA ALA D 159 17.82 29.61 -9.59
C ALA D 159 18.69 29.18 -10.79
N ARG D 160 19.69 28.33 -10.56
CA ARG D 160 20.55 27.86 -11.63
C ARG D 160 19.79 26.93 -12.58
N TYR D 161 18.94 26.06 -12.04
CA TYR D 161 18.13 25.19 -12.89
C TYR D 161 17.23 26.04 -13.79
N ALA D 162 16.60 27.07 -13.22
CA ALA D 162 15.75 27.97 -14.02
C ALA D 162 16.55 28.61 -15.15
N GLN D 163 17.75 29.09 -14.86
CA GLN D 163 18.61 29.63 -15.92
C GLN D 163 18.92 28.56 -16.97
N SER D 164 19.13 27.32 -16.54
CA SER D 164 19.53 26.27 -17.47
C SER D 164 18.42 25.95 -18.47
N ILE D 165 17.15 26.20 -18.13
CA ILE D 165 16.06 25.88 -19.02
C ILE D 165 15.51 27.11 -19.75
N THR D 166 16.08 28.28 -19.49
CA THR D 166 15.65 29.51 -20.16
C THR D 166 16.82 30.14 -20.89
N ARG D 167 17.58 30.98 -20.20
CA ARG D 167 18.85 31.49 -20.69
C ARG D 167 19.73 31.76 -19.48
N GLU D 168 21.04 31.83 -19.72
CA GLU D 168 22.00 31.91 -18.62
C GLU D 168 21.76 33.13 -17.75
N SER D 169 21.34 34.22 -18.36
CA SER D 169 21.20 35.50 -17.69
C SER D 169 19.79 35.78 -17.17
N LEU D 170 18.90 34.79 -17.14
CA LEU D 170 17.57 35.00 -16.55
C LEU D 170 17.71 35.66 -15.18
N ARG D 171 16.98 36.76 -14.98
CA ARG D 171 17.08 37.51 -13.72
C ARG D 171 16.21 36.84 -12.67
N VAL D 172 16.84 36.27 -11.64
CA VAL D 172 16.14 35.61 -10.55
C VAL D 172 16.36 36.44 -9.30
N LEU D 173 15.26 36.80 -8.63
CA LEU D 173 15.32 37.37 -7.28
C LEU D 173 15.12 36.26 -6.28
N ILE D 174 16.02 36.16 -5.30
CA ILE D 174 15.81 35.28 -4.14
C ILE D 174 15.59 36.20 -2.95
N VAL D 175 14.39 36.15 -2.35
CA VAL D 175 14.11 36.84 -1.10
C VAL D 175 14.14 35.79 -0.01
N ASP D 176 14.98 35.99 1.00
CA ASP D 176 15.19 35.01 2.05
C ASP D 176 14.67 35.64 3.34
N TRP D 177 13.47 35.23 3.75
CA TRP D 177 12.87 35.79 4.96
C TRP D 177 12.92 34.85 6.16
N ASP D 178 13.58 33.71 6.04
CA ASP D 178 13.96 32.91 7.20
C ASP D 178 14.69 33.83 8.18
N VAL D 179 14.54 33.57 9.48
CA VAL D 179 15.16 34.46 10.48
C VAL D 179 16.68 34.43 10.44
N HIS D 180 17.28 33.42 9.84
CA HIS D 180 18.73 33.28 9.77
C HIS D 180 19.23 33.75 8.40
N HIS D 181 20.46 34.25 8.39
CA HIS D 181 21.11 34.58 7.13
C HIS D 181 21.38 33.33 6.31
N GLY D 182 21.07 33.43 5.01
CA GLY D 182 21.38 32.34 4.09
C GLY D 182 22.81 32.43 3.60
N ASN D 183 23.77 32.10 4.47
CA ASN D 183 25.18 32.23 4.12
C ASN D 183 25.51 31.53 2.81
N GLY D 184 24.97 30.32 2.59
CA GLY D 184 25.29 29.61 1.36
C GLY D 184 24.78 30.32 0.12
N THR D 185 23.55 30.83 0.18
CA THR D 185 22.99 31.51 -0.98
C THR D 185 23.79 32.77 -1.31
N GLN D 186 24.11 33.56 -0.28
CA GLN D 186 24.95 34.74 -0.48
C GLN D 186 26.24 34.38 -1.18
N HIS D 187 26.96 33.40 -0.64
CA HIS D 187 28.26 33.04 -1.21
C HIS D 187 28.14 32.52 -2.64
N ILE D 188 27.14 31.66 -2.90
CA ILE D 188 27.02 31.10 -4.24
C ILE D 188 26.85 32.20 -5.30
N PHE D 189 26.08 33.24 -4.98
CA PHE D 189 25.78 34.28 -5.95
C PHE D 189 26.54 35.58 -5.72
N GLU D 190 27.61 35.57 -4.89
CA GLU D 190 28.17 36.84 -4.45
C GLU D 190 28.77 37.65 -5.58
N GLU D 191 29.30 36.99 -6.61
CA GLU D 191 29.89 37.67 -7.76
C GLU D 191 28.96 37.72 -8.96
N ASP D 192 27.67 37.49 -8.76
CA ASP D 192 26.72 37.30 -9.85
C ASP D 192 25.70 38.43 -9.86
N ASP D 193 25.51 39.06 -11.02
CA ASP D 193 24.50 40.10 -11.18
C ASP D 193 23.23 39.59 -11.83
N SER D 194 23.12 38.29 -12.12
CA SER D 194 21.88 37.70 -12.63
C SER D 194 20.98 37.19 -11.53
N VAL D 195 21.49 37.03 -10.32
CA VAL D 195 20.69 36.56 -9.19
C VAL D 195 20.85 37.58 -8.07
N LEU D 196 19.77 38.28 -7.78
CA LEU D 196 19.74 39.28 -6.71
C LEU D 196 19.32 38.57 -5.43
N TYR D 197 20.18 38.57 -4.42
CA TYR D 197 19.87 37.92 -3.15
C TYR D 197 19.53 39.00 -2.12
N ILE D 198 18.35 38.90 -1.51
CA ILE D 198 17.95 39.84 -0.46
C ILE D 198 17.56 39.01 0.76
N SER D 199 18.29 39.19 1.85
CA SER D 199 18.02 38.46 3.08
C SER D 199 17.66 39.44 4.18
N LEU D 200 16.62 39.09 4.93
CA LEU D 200 16.29 39.77 6.17
C LEU D 200 16.64 38.73 7.27
N HIS D 201 17.29 39.16 8.36
CA HIS D 201 17.71 38.13 9.32
C HIS D 201 18.09 38.77 10.65
N ARG D 202 17.84 38.01 11.71
CA ARG D 202 18.36 38.39 13.02
C ARG D 202 19.87 38.24 13.00
N TYR D 203 20.58 39.30 13.40
CA TYR D 203 22.04 39.36 13.27
C TYR D 203 22.72 39.51 14.63
N GLU D 204 22.24 40.45 15.44
CA GLU D 204 22.79 40.68 16.79
C GLU D 204 24.31 40.87 16.75
N ASP D 205 24.75 41.75 15.84
CA ASP D 205 26.16 42.11 15.72
C ASP D 205 27.05 40.89 15.49
N GLY D 206 26.54 39.92 14.72
CA GLY D 206 27.28 38.72 14.39
C GLY D 206 27.18 37.59 15.41
N ALA D 207 26.40 37.77 16.47
CA ALA D 207 26.30 36.75 17.51
C ALA D 207 25.28 35.64 17.21
N PHE D 208 24.29 35.90 16.37
CA PHE D 208 23.25 34.91 16.12
C PHE D 208 23.68 33.97 14.99
N PHE D 209 23.25 32.71 15.07
CA PHE D 209 23.61 31.75 14.05
C PHE D 209 23.28 32.33 12.67
N PRO D 210 24.15 32.18 11.66
CA PRO D 210 25.37 31.36 11.62
C PRO D 210 26.67 32.08 11.99
N ASN D 211 26.55 33.16 12.78
CA ASN D 211 27.67 33.68 13.58
C ASN D 211 28.76 34.33 12.74
N SER D 212 28.41 34.93 11.61
CA SER D 212 29.41 35.51 10.71
C SER D 212 29.09 36.96 10.36
N GLU D 213 30.12 37.79 10.32
CA GLU D 213 29.93 39.17 9.83
C GLU D 213 29.60 39.22 8.33
N ASP D 214 29.67 38.08 7.63
CA ASP D 214 29.22 38.07 6.24
C ASP D 214 27.78 38.52 6.10
N ALA D 215 26.99 38.41 7.19
CA ALA D 215 25.56 38.76 7.15
C ALA D 215 25.30 40.25 7.35
N ASN D 216 26.35 41.07 7.52
CA ASN D 216 26.11 42.48 7.83
C ASN D 216 25.75 43.28 6.57
N TYR D 217 25.22 44.49 6.79
CA TYR D 217 24.67 45.29 5.70
C TYR D 217 25.72 45.77 4.72
N ASP D 218 26.99 45.79 5.14
CA ASP D 218 28.05 46.31 4.26
C ASP D 218 28.55 45.27 3.28
N LYS D 219 28.00 44.06 3.31
CA LYS D 219 28.36 43.03 2.34
C LYS D 219 27.39 43.15 1.17
N VAL D 220 27.83 43.87 0.12
CA VAL D 220 26.96 44.26 -0.98
C VAL D 220 27.18 43.42 -2.22
N GLY D 221 28.07 42.44 -2.17
CA GLY D 221 28.45 41.68 -3.34
C GLY D 221 29.88 42.01 -3.79
N LEU D 222 30.37 41.21 -4.75
CA LEU D 222 31.74 41.30 -5.23
C LEU D 222 31.76 41.42 -6.74
N GLY D 223 32.73 42.19 -7.25
CA GLY D 223 32.92 42.28 -8.69
C GLY D 223 31.66 42.78 -9.38
N LYS D 224 31.27 42.09 -10.46
CA LYS D 224 30.05 42.46 -11.16
C LYS D 224 28.81 42.26 -10.30
N GLY D 225 28.94 41.47 -9.24
CA GLY D 225 27.85 41.32 -8.30
C GLY D 225 27.68 42.43 -7.27
N ARG D 226 28.49 43.49 -7.32
CA ARG D 226 28.33 44.59 -6.37
C ARG D 226 26.96 45.26 -6.55
N GLY D 227 26.23 45.35 -5.44
CA GLY D 227 24.87 45.82 -5.45
C GLY D 227 23.82 44.72 -5.50
N TYR D 228 24.22 43.46 -5.77
CA TYR D 228 23.28 42.36 -5.99
C TYR D 228 23.18 41.43 -4.78
N ASN D 229 23.69 41.87 -3.64
CA ASN D 229 23.54 41.16 -2.37
C ASN D 229 23.07 42.19 -1.36
N VAL D 230 21.85 42.00 -0.83
CA VAL D 230 21.27 42.98 0.09
C VAL D 230 20.97 42.27 1.39
N ASN D 231 21.76 42.57 2.43
CA ASN D 231 21.57 42.06 3.78
C ASN D 231 20.87 43.09 4.65
N ILE D 232 19.75 42.68 5.24
CA ILE D 232 19.00 43.54 6.17
C ILE D 232 19.10 42.90 7.55
N PRO D 233 20.04 43.35 8.38
CA PRO D 233 20.32 42.64 9.63
C PRO D 233 19.67 43.31 10.82
N TRP D 234 18.99 42.54 11.66
CA TRP D 234 18.31 43.08 12.83
C TRP D 234 19.16 42.85 14.08
N ASN D 235 19.19 43.87 14.95
CA ASN D 235 19.94 43.87 16.20
C ASN D 235 19.05 44.43 17.30
N GLY D 236 19.14 43.84 18.48
CA GLY D 236 18.62 44.48 19.68
C GLY D 236 17.15 44.84 19.62
N GLY D 237 16.31 43.88 19.29
CA GLY D 237 14.89 44.14 19.28
C GLY D 237 14.10 42.96 18.76
N LYS D 238 12.89 42.79 19.30
CA LYS D 238 12.00 41.72 18.85
C LYS D 238 11.23 42.25 17.66
N MET D 239 11.60 41.79 16.46
CA MET D 239 11.04 42.36 15.24
C MET D 239 9.79 41.59 14.80
N GLY D 240 8.96 42.26 14.03
CA GLY D 240 7.68 41.70 13.66
C GLY D 240 7.15 42.37 12.42
N ASP D 241 5.82 42.32 12.26
CA ASP D 241 5.20 42.86 11.06
C ASP D 241 5.62 44.29 10.75
N PRO D 242 5.64 45.24 11.71
CA PRO D 242 6.02 46.61 11.32
C PRO D 242 7.38 46.71 10.68
N GLU D 243 8.36 46.02 11.25
CA GLU D 243 9.72 46.10 10.74
C GLU D 243 9.86 45.42 9.39
N TYR D 244 9.22 44.27 9.21
CA TYR D 244 9.28 43.57 7.93
C TYR D 244 8.56 44.35 6.85
N MET D 245 7.40 44.93 7.18
CA MET D 245 6.69 45.75 6.21
C MET D 245 7.50 46.96 5.81
N ALA D 246 8.19 47.58 6.78
CA ALA D 246 8.99 48.76 6.48
C ALA D 246 10.21 48.39 5.67
N ALA D 247 10.84 47.26 5.97
CA ALA D 247 11.97 46.84 5.16
C ALA D 247 11.55 46.59 3.72
N PHE D 248 10.37 46.01 3.52
CA PHE D 248 9.89 45.82 2.16
C PHE D 248 9.61 47.16 1.48
N HIS D 249 9.02 48.10 2.22
CA HIS D 249 8.67 49.38 1.62
C HIS D 249 9.92 50.17 1.21
N HIS D 250 10.92 50.25 2.12
CA HIS D 250 12.08 51.09 1.86
C HIS D 250 13.16 50.41 1.05
N LEU D 251 13.25 49.09 1.07
CA LEU D 251 14.41 48.39 0.52
C LEU D 251 14.02 47.28 -0.46
N VAL D 252 13.29 46.27 -0.01
CA VAL D 252 13.10 45.09 -0.86
C VAL D 252 12.38 45.44 -2.14
N MET D 253 11.27 46.17 -2.03
CA MET D 253 10.45 46.38 -3.21
C MET D 253 11.06 47.39 -4.18
N PRO D 254 11.62 48.51 -3.71
CA PRO D 254 12.27 49.41 -4.68
C PRO D 254 13.42 48.75 -5.41
N ILE D 255 14.26 48.00 -4.71
CA ILE D 255 15.38 47.34 -5.38
C ILE D 255 14.85 46.28 -6.33
N ALA D 256 13.91 45.45 -5.86
CA ALA D 256 13.41 44.37 -6.71
C ALA D 256 12.76 44.92 -7.96
N ARG D 257 11.97 45.99 -7.83
N ARG D 257 11.98 45.99 -7.84
CA ARG D 257 11.30 46.53 -9.01
CA ARG D 257 11.32 46.52 -9.02
C ARG D 257 12.31 47.07 -10.02
C ARG D 257 12.34 47.03 -10.03
N GLU D 258 13.41 47.64 -9.54
CA GLU D 258 14.45 48.14 -10.44
C GLU D 258 15.19 46.99 -11.11
N PHE D 259 15.51 45.94 -10.36
CA PHE D 259 16.13 44.75 -10.94
C PHE D 259 15.22 44.08 -11.97
N ALA D 260 13.90 44.12 -11.76
CA ALA D 260 12.88 43.59 -12.65
C ALA D 260 13.09 42.10 -12.84
N PRO D 261 12.97 41.29 -11.79
CA PRO D 261 13.21 39.86 -11.94
C PRO D 261 12.22 39.22 -12.89
N GLU D 262 12.66 38.13 -13.50
CA GLU D 262 11.82 37.34 -14.36
C GLU D 262 11.22 36.16 -13.62
N LEU D 263 11.79 35.83 -12.46
CA LEU D 263 11.31 34.77 -11.58
C LEU D 263 11.70 35.19 -10.18
N VAL D 264 10.79 34.97 -9.23
CA VAL D 264 11.06 35.22 -7.82
C VAL D 264 11.05 33.89 -7.07
N LEU D 265 12.13 33.61 -6.34
CA LEU D 265 12.15 32.51 -5.40
C LEU D 265 12.14 33.07 -3.98
N VAL D 266 11.36 32.46 -3.10
CA VAL D 266 11.36 32.84 -1.68
C VAL D 266 11.98 31.71 -0.89
N SER D 267 13.10 32.00 -0.23
CA SER D 267 13.62 31.12 0.82
C SER D 267 12.75 31.43 2.03
N ALA D 268 11.66 30.68 2.13
CA ALA D 268 10.57 30.98 3.05
C ALA D 268 10.72 30.10 4.28
N GLY D 269 11.65 30.50 5.14
CA GLY D 269 11.62 30.01 6.49
C GLY D 269 10.53 30.72 7.26
N PHE D 270 9.96 30.01 8.23
CA PHE D 270 8.94 30.60 9.09
C PHE D 270 9.42 30.65 10.54
N ASP D 271 10.73 30.70 10.73
CA ASP D 271 11.30 30.83 12.07
C ASP D 271 11.38 32.27 12.58
N ALA D 272 11.02 33.28 11.78
CA ALA D 272 10.76 34.62 12.33
C ALA D 272 9.32 34.76 12.83
N ALA D 273 8.55 33.68 12.83
CA ALA D 273 7.13 33.75 13.15
C ALA D 273 6.88 33.89 14.63
N ARG D 274 5.80 34.60 14.96
CA ARG D 274 5.24 34.57 16.29
C ARG D 274 5.10 33.12 16.75
N GLY D 275 5.65 32.83 17.93
CA GLY D 275 5.59 31.49 18.49
C GLY D 275 6.79 30.63 18.22
N ASP D 276 7.70 31.05 17.33
CA ASP D 276 8.84 30.19 17.01
C ASP D 276 9.74 30.10 18.24
N PRO D 277 10.16 28.89 18.63
CA PRO D 277 11.00 28.74 19.83
C PRO D 277 12.47 29.09 19.62
N LEU D 278 12.92 29.26 18.38
CA LEU D 278 14.31 29.58 18.07
C LEU D 278 14.53 31.00 17.61
N GLY D 279 13.60 31.56 16.82
CA GLY D 279 13.82 32.85 16.21
C GLY D 279 13.67 34.03 17.13
N GLY D 280 12.72 33.96 18.05
CA GLY D 280 12.50 35.06 18.98
C GLY D 280 11.81 36.28 18.40
N PHE D 281 11.23 36.16 17.21
CA PHE D 281 10.54 37.27 16.55
C PHE D 281 9.04 37.01 16.51
N GLN D 282 8.30 37.91 15.86
CA GLN D 282 6.84 37.84 15.98
C GLN D 282 6.09 38.18 14.68
N VAL D 283 6.66 37.84 13.52
CA VAL D 283 5.91 38.02 12.27
C VAL D 283 4.67 37.16 12.32
N THR D 284 3.51 37.73 11.96
CA THR D 284 2.23 37.02 12.06
C THR D 284 1.92 36.32 10.75
N PRO D 285 0.93 35.41 10.73
CA PRO D 285 0.54 34.80 9.45
C PRO D 285 0.08 35.83 8.43
N GLU D 286 -0.62 36.85 8.91
CA GLU D 286 -1.05 37.95 8.04
C GLU D 286 0.16 38.72 7.51
N GLY D 287 1.19 38.89 8.35
CA GLY D 287 2.42 39.52 7.90
C GLY D 287 3.05 38.76 6.74
N TYR D 288 3.16 37.44 6.87
CA TYR D 288 3.70 36.66 5.76
C TYR D 288 2.83 36.77 4.52
N ALA D 289 1.51 36.84 4.69
CA ALA D 289 0.64 37.02 3.53
C ALA D 289 0.91 38.36 2.85
N HIS D 290 1.09 39.42 3.66
CA HIS D 290 1.39 40.73 3.08
C HIS D 290 2.68 40.69 2.28
N LEU D 291 3.72 40.06 2.83
CA LEU D 291 4.99 39.96 2.12
C LEU D 291 4.85 39.18 0.83
N THR D 292 4.10 38.06 0.86
CA THR D 292 3.88 37.28 -0.35
C THR D 292 3.18 38.10 -1.41
N HIS D 293 2.14 38.82 -1.01
CA HIS D 293 1.37 39.62 -1.97
C HIS D 293 2.21 40.75 -2.55
N GLN D 294 3.12 41.34 -1.75
CA GLN D 294 4.06 42.31 -2.31
C GLN D 294 4.91 41.67 -3.40
N LEU D 295 5.47 40.49 -3.12
CA LEU D 295 6.34 39.85 -4.09
C LEU D 295 5.58 39.44 -5.34
N MET D 296 4.28 39.18 -5.22
CA MET D 296 3.47 38.82 -6.39
C MET D 296 3.33 39.96 -7.38
N SER D 297 3.64 41.18 -6.99
CA SER D 297 3.64 42.30 -7.93
C SER D 297 4.87 42.33 -8.83
N LEU D 298 5.82 41.40 -8.62
CA LEU D 298 7.03 41.26 -9.42
C LEU D 298 6.89 40.07 -10.36
N ALA D 299 7.62 40.12 -11.47
CA ALA D 299 7.71 38.97 -12.39
C ALA D 299 6.33 38.45 -12.81
N ALA D 300 5.36 39.35 -12.95
CA ALA D 300 3.99 38.98 -13.33
C ALA D 300 3.41 37.91 -12.44
N GLY D 301 3.84 37.88 -11.17
CA GLY D 301 3.31 36.91 -10.25
C GLY D 301 4.03 35.58 -10.20
N ARG D 302 5.12 35.41 -10.93
CA ARG D 302 5.86 34.15 -10.97
C ARG D 302 6.74 34.03 -9.73
N VAL D 303 6.15 33.48 -8.67
CA VAL D 303 6.76 33.37 -7.35
C VAL D 303 6.72 31.90 -6.95
N LEU D 304 7.87 31.36 -6.52
CA LEU D 304 7.96 30.01 -5.97
C LEU D 304 8.37 30.14 -4.52
N ILE D 305 7.50 29.70 -3.61
CA ILE D 305 7.74 29.78 -2.17
C ILE D 305 8.32 28.45 -1.72
N ILE D 306 9.57 28.47 -1.19
CA ILE D 306 10.29 27.24 -0.86
C ILE D 306 10.51 27.22 0.66
N LEU D 307 10.01 26.18 1.32
CA LEU D 307 10.17 26.11 2.77
C LEU D 307 11.65 25.99 3.14
N GLU D 308 12.09 26.82 4.11
CA GLU D 308 13.40 26.69 4.74
C GLU D 308 13.20 26.24 6.19
N GLY D 309 13.47 27.10 7.18
CA GLY D 309 13.26 26.77 8.58
C GLY D 309 11.86 27.10 9.08
N GLY D 310 11.71 27.00 10.40
CA GLY D 310 10.43 27.26 11.06
C GLY D 310 10.09 26.09 11.96
N TYR D 311 9.94 26.34 13.27
CA TYR D 311 10.01 25.26 14.25
C TYR D 311 8.79 25.15 15.17
N ASN D 312 7.84 26.07 15.09
CA ASN D 312 6.58 25.92 15.81
C ASN D 312 5.60 25.35 14.78
N LEU D 313 5.14 24.13 15.03
CA LEU D 313 4.37 23.42 14.01
C LEU D 313 3.08 24.16 13.65
N THR D 314 2.45 24.79 14.64
CA THR D 314 1.27 25.58 14.35
C THR D 314 1.62 26.87 13.61
N SER D 315 2.67 27.57 14.03
CA SER D 315 3.04 28.82 13.36
C SER D 315 3.39 28.60 11.90
N ILE D 316 4.19 27.56 11.61
CA ILE D 316 4.60 27.37 10.22
C ILE D 316 3.44 26.92 9.35
N SER D 317 2.52 26.13 9.91
CA SER D 317 1.38 25.66 9.14
C SER D 317 0.44 26.80 8.80
N GLU D 318 0.17 27.67 9.77
CA GLU D 318 -0.69 28.82 9.53
C GLU D 318 -0.01 29.80 8.59
N SER D 319 1.28 30.03 8.78
CA SER D 319 1.99 31.04 7.99
C SER D 319 2.13 30.61 6.53
N MET D 320 2.61 29.38 6.31
CA MET D 320 2.78 28.97 4.92
C MET D 320 1.43 28.87 4.20
N SER D 321 0.40 28.41 4.91
CA SER D 321 -0.91 28.34 4.27
CA SER D 321 -0.93 28.34 4.30
C SER D 321 -1.41 29.71 3.85
N MET D 322 -1.15 30.73 4.66
N MET D 322 -1.17 30.74 4.69
CA MET D 322 -1.55 32.08 4.29
CA MET D 322 -1.54 32.10 4.30
C MET D 322 -0.81 32.54 3.04
C MET D 322 -0.82 32.53 3.03
N CYS D 323 0.45 32.14 2.89
CA CYS D 323 1.18 32.47 1.66
C CYS D 323 0.56 31.80 0.46
N THR D 324 0.20 30.51 0.58
CA THR D 324 -0.46 29.84 -0.55
C THR D 324 -1.78 30.52 -0.90
N SER D 325 -2.57 30.90 0.12
CA SER D 325 -3.80 31.65 -0.12
C SER D 325 -3.54 32.89 -0.97
N MET D 326 -2.45 33.62 -0.67
CA MET D 326 -2.09 34.78 -1.49
C MET D 326 -1.76 34.38 -2.93
N LEU D 327 -0.95 33.33 -3.11
CA LEU D 327 -0.59 32.87 -4.44
C LEU D 327 -1.84 32.57 -5.27
N LEU D 328 -2.87 32.00 -4.62
CA LEU D 328 -4.10 31.65 -5.30
C LEU D 328 -4.94 32.86 -5.64
N GLY D 329 -4.54 34.05 -5.20
CA GLY D 329 -5.26 35.26 -5.54
C GLY D 329 -6.20 35.77 -4.48
N ASP D 330 -6.18 35.20 -3.27
CA ASP D 330 -7.07 35.68 -2.23
C ASP D 330 -6.62 37.04 -1.73
N SER D 331 -7.58 37.81 -1.21
CA SER D 331 -7.28 39.18 -0.85
C SER D 331 -6.36 39.21 0.37
N PRO D 332 -5.32 40.06 0.35
CA PRO D 332 -4.41 40.09 1.49
C PRO D 332 -5.05 40.77 2.68
N PRO D 333 -4.67 40.38 3.89
CA PRO D 333 -5.24 40.99 5.09
C PRO D 333 -4.74 42.42 5.23
N SER D 334 -5.62 43.26 5.80
CA SER D 334 -5.28 44.66 6.01
C SER D 334 -4.44 44.80 7.28
N LEU D 335 -3.29 45.45 7.17
CA LEU D 335 -2.36 45.62 8.28
C LEU D 335 -2.14 47.11 8.56
N ASP D 336 -1.60 47.39 9.75
CA ASP D 336 -1.36 48.76 10.18
C ASP D 336 0.04 49.14 9.77
N HIS D 337 0.16 50.02 8.79
CA HIS D 337 1.47 50.49 8.36
C HIS D 337 1.99 51.66 9.19
N LEU D 338 1.24 52.10 10.19
CA LEU D 338 1.60 53.27 10.98
C LEU D 338 2.11 52.91 12.37
N THR D 339 2.28 51.62 12.67
CA THR D 339 2.89 51.23 13.92
C THR D 339 4.36 51.64 13.87
N PRO D 340 4.84 52.45 14.81
CA PRO D 340 6.26 52.84 14.77
C PRO D 340 7.17 51.62 14.94
N LEU D 341 8.37 51.71 14.37
CA LEU D 341 9.32 50.61 14.43
C LEU D 341 10.10 50.64 15.74
N LYS D 342 10.62 49.47 16.11
CA LYS D 342 11.63 49.43 17.16
C LYS D 342 12.81 50.31 16.74
N THR D 343 13.40 51.03 17.70
CA THR D 343 14.41 52.02 17.36
C THR D 343 15.56 51.42 16.55
N SER D 344 16.00 50.21 16.90
CA SER D 344 17.16 49.65 16.22
C SER D 344 16.81 49.21 14.81
N ALA D 345 15.54 48.98 14.55
CA ALA D 345 15.13 48.57 13.21
C ALA D 345 15.27 49.75 12.25
N THR D 346 14.94 50.95 12.71
CA THR D 346 15.18 52.14 11.89
C THR D 346 16.66 52.31 11.60
N VAL D 347 17.50 52.08 12.60
CA VAL D 347 18.94 52.13 12.41
C VAL D 347 19.39 51.13 11.35
N SER D 348 18.90 49.88 11.44
CA SER D 348 19.26 48.86 10.44
C SER D 348 18.85 49.29 9.04
N ILE D 349 17.59 49.71 8.88
CA ILE D 349 17.12 50.05 7.55
C ILE D 349 17.91 51.20 6.96
N ASN D 350 18.24 52.20 7.80
CA ASN D 350 19.02 53.32 7.29
C ASN D 350 20.44 52.91 6.93
N ASN D 351 21.04 51.98 7.68
CA ASN D 351 22.36 51.49 7.29
C ASN D 351 22.31 50.79 5.93
N VAL D 352 21.28 49.97 5.69
CA VAL D 352 21.19 49.29 4.41
C VAL D 352 20.97 50.30 3.29
N LEU D 353 20.10 51.29 3.53
CA LEU D 353 19.86 52.32 2.52
C LEU D 353 21.16 53.01 2.15
N ARG D 354 22.00 53.33 3.15
CA ARG D 354 23.26 54.00 2.80
C ARG D 354 24.20 53.08 2.04
N ALA D 355 24.20 51.78 2.35
CA ALA D 355 25.08 50.87 1.63
C ALA D 355 24.65 50.68 0.18
N HIS D 356 23.35 50.73 -0.10
CA HIS D 356 22.83 50.39 -1.42
C HIS D 356 22.36 51.56 -2.25
N ALA D 357 22.23 52.75 -1.67
CA ALA D 357 21.90 53.93 -2.47
C ALA D 357 22.83 54.14 -3.65
N PRO D 358 24.14 53.89 -3.56
CA PRO D 358 24.98 54.08 -4.76
C PRO D 358 24.66 53.10 -5.87
N PHE D 359 24.03 51.97 -5.58
CA PHE D 359 23.77 50.92 -6.56
C PHE D 359 22.38 50.99 -7.17
N TRP D 360 21.40 51.56 -6.48
CA TRP D 360 20.01 51.44 -6.89
C TRP D 360 19.38 52.83 -6.97
N SER D 361 19.07 53.26 -8.20
CA SER D 361 18.55 54.62 -8.40
C SER D 361 17.19 54.83 -7.77
N SER D 362 16.46 53.76 -7.43
CA SER D 362 15.14 53.89 -6.84
C SER D 362 15.16 54.21 -5.36
N LEU D 363 16.31 54.05 -4.69
CA LEU D 363 16.34 54.22 -3.24
C LEU D 363 16.36 55.69 -2.87
N ARG D 364 15.72 56.01 -1.76
CA ARG D 364 15.65 57.39 -1.27
C ARG D 364 16.10 57.51 0.19
ZN ZN E . 20.78 -27.59 4.91
K K F . 25.66 -28.65 -0.10
K K G . 25.56 -34.53 -13.09
C16 HBJ H . 17.96 -28.94 6.21
C15 HBJ H . 17.68 -29.89 7.34
C14 HBJ H . 16.95 -31.07 7.06
C13 HBJ H . 16.59 -31.95 8.07
C12 HBJ H . 16.89 -31.70 9.41
C11 HBJ H . 16.46 -32.60 10.51
C01 HBJ H . 18.05 -39.30 16.91
C02 HBJ H . 18.04 -38.27 15.77
C03 HBJ H . 18.99 -37.24 15.67
C04 HBJ H . 18.95 -36.31 14.62
C05 HBJ H . 17.97 -36.38 13.60
C07 HBJ H . 18.99 -34.91 11.77
C09 HBJ H . 18.64 -33.75 10.82
C20 HBJ H . 17.95 -29.62 8.67
C21 HBJ H . 17.59 -30.51 9.67
C22 HBJ H . 17.80 -32.33 12.66
C24 HBJ H . 16.83 -31.49 13.40
C25 HBJ H . 17.31 -30.48 14.21
C26 HBJ H . 16.45 -29.73 15.00
C27 HBJ H . 15.05 -29.94 15.00
C29 HBJ H . 14.78 -28.18 16.73
C30 HBJ H . 12.79 -29.47 15.91
C31 HBJ H . 14.59 -30.99 14.20
C32 HBJ H . 15.44 -31.75 13.43
C33 HBJ H . 17.03 -37.39 13.73
C34 HBJ H . 17.07 -38.30 14.78
N06 HBJ H . 17.91 -35.41 12.58
N10 HBJ H . 17.57 -32.90 11.37
N18 HBJ H . 18.89 -27.91 6.39
N28 HBJ H . 14.23 -29.19 15.81
O08 HBJ H . 20.09 -35.32 11.85
O17 HBJ H . 17.28 -28.96 5.19
O19 HBJ H . 19.06 -27.04 5.37
O23 HBJ H . 18.81 -32.63 13.18
C1 EDO I . 2.29 -15.70 8.10
O1 EDO I . 1.69 -16.60 7.16
C2 EDO I . 3.17 -16.48 9.08
O2 EDO I . 2.39 -17.32 9.93
ZN ZN J . -14.45 -3.20 12.23
K K K . -17.40 0.64 17.43
K K L . -23.65 -2.39 29.88
C16 HBJ M . -14.71 -6.35 10.80
C16 HBJ M . -14.86 -5.74 10.91
C15 HBJ M . -15.43 -6.86 9.56
C15 HBJ M . -15.42 -6.38 9.62
C14 HBJ M . -16.31 -7.97 9.66
C14 HBJ M . -16.22 -7.56 9.68
C13 HBJ M . -16.98 -8.49 8.55
C13 HBJ M . -16.74 -8.15 8.52
C12 HBJ M . -16.79 -7.98 7.27
C12 HBJ M . -16.50 -7.64 7.23
C11 HBJ M . -17.48 -8.53 6.03
C11 HBJ M . -17.04 -8.26 5.92
C01 HBJ M . -23.62 -8.20 -0.94
C01 HBJ M . -24.47 -8.33 -0.47
C02 HBJ M . -22.81 -8.15 0.34
C02 HBJ M . -23.37 -8.11 0.56
C03 HBJ M . -22.12 -7.00 0.72
C03 HBJ M . -22.68 -6.91 0.67
C04 HBJ M . -21.36 -6.93 1.89
C04 HBJ M . -21.67 -6.70 1.62
C05 HBJ M . -21.27 -8.03 2.79
C05 HBJ M . -21.29 -7.71 2.53
C07 HBJ M . -20.28 -6.73 4.77
C07 HBJ M . -20.39 -6.90 4.82
C09 HBJ M . -19.18 -6.81 5.86
C09 HBJ M . -19.12 -6.82 5.73
C20 HBJ M . -15.27 -6.35 8.29
C20 HBJ M . -15.20 -5.89 8.35
C21 HBJ M . -15.93 -6.87 7.18
C21 HBJ M . -15.70 -6.49 7.20
C22 HBJ M . -17.40 -6.89 4.10
C22 HBJ M . -17.54 -6.96 3.73
C24 HBJ M . -16.25 -7.47 3.35
C24 HBJ M . -16.26 -7.51 3.09
C25 HBJ M . -15.42 -6.62 2.63
C25 HBJ M . -15.33 -6.66 2.47
C26 HBJ M . -14.38 -7.10 1.85
C26 HBJ M . -14.16 -7.15 1.88
C27 HBJ M . -14.12 -8.48 1.74
C27 HBJ M . -13.83 -8.52 1.87
C29 HBJ M . -12.30 -7.97 0.16
C29 HBJ M . -11.64 -8.12 0.59
C30 HBJ M . -12.90 -10.34 0.69
C30 HBJ M . -12.27 -10.45 1.25
C31 HBJ M . -14.99 -9.34 2.44
C31 HBJ M . -14.77 -9.35 2.50
C32 HBJ M . -16.03 -8.86 3.20
C32 HBJ M . -15.94 -8.87 3.09
C33 HBJ M . -21.93 -9.21 2.41
C33 HBJ M . -21.99 -8.93 2.42
C34 HBJ M . -22.69 -9.25 1.21
C34 HBJ M . -23.00 -9.12 1.47
N06 HBJ M . -20.44 -7.90 3.92
N06 HBJ M . -20.27 -7.54 3.51
N10 HBJ M . -18.01 -7.46 5.29
N10 HBJ M . -17.90 -7.34 5.12
N18 HBJ M . -14.15 -5.06 10.85
N18 HBJ M . -15.67 -5.69 12.09
N28 HBJ M . -13.10 -8.91 0.94
N28 HBJ M . -12.60 -9.01 1.24
O08 HBJ M . -20.92 -5.75 4.61
O08 HBJ M . -21.41 -6.45 5.17
O17 HBJ M . -14.54 -7.03 11.78
O17 HBJ M . -13.76 -5.28 10.97
O19 HBJ M . -13.49 -4.73 11.99
O19 HBJ M . -15.16 -5.12 13.19
O23 HBJ M . -17.93 -5.94 3.62
O23 HBJ M . -18.25 -6.24 3.16
C1 EDO N . -25.21 -9.58 13.24
O1 EDO N . -26.35 -9.42 12.38
C2 EDO N . -25.37 -8.64 14.44
O2 EDO N . -26.57 -8.99 15.15
ZN ZN O . -19.53 -2.73 -10.49
K K P . -18.85 2.63 -15.05
K K Q . -12.35 4.38 -27.58
C16 HBJ R . -17.85 -5.40 -9.34
C15 HBJ R . -16.98 -5.69 -8.20
C14 HBJ R . -15.76 -6.31 -8.43
C13 HBJ R . -14.90 -6.67 -7.37
C12 HBJ R . -15.23 -6.44 -6.03
C11 HBJ R . -14.32 -6.87 -4.85
C01 HBJ R . -8.27 -5.12 1.95
C02 HBJ R . -9.19 -5.20 0.75
C03 HBJ R . -10.32 -4.40 0.63
C04 HBJ R . -11.15 -4.47 -0.49
C05 HBJ R . -10.89 -5.36 -1.54
C07 HBJ R . -12.38 -4.32 -3.34
C09 HBJ R . -13.45 -4.67 -4.39
C20 HBJ R . -17.33 -5.46 -6.87
C21 HBJ R . -16.48 -5.83 -5.80
C22 HBJ R . -14.88 -5.73 -2.68
C24 HBJ R . -15.64 -6.88 -2.05
C25 HBJ R . -16.76 -6.62 -1.28
C26 HBJ R . -17.46 -7.64 -0.62
C27 HBJ R . -17.05 -8.98 -0.70
C29 HBJ R . -18.88 -9.63 0.88
C30 HBJ R . -17.25 -11.36 0.01
C31 HBJ R . -15.88 -9.24 -1.45
C32 HBJ R . -15.19 -8.21 -2.11
C33 HBJ R . -9.77 -6.18 -1.43
C34 HBJ R . -8.94 -6.09 -0.30
N06 HBJ R . -11.79 -5.43 -2.61
N10 HBJ R . -14.19 -5.81 -3.94
N18 HBJ R . -18.97 -4.67 -9.14
N28 HBJ R . -17.75 -9.95 -0.02
O08 HBJ R . -12.14 -3.19 -3.09
O17 HBJ R . -17.71 -5.91 -10.42
O19 HBJ R . -19.75 -4.52 -10.23
O23 HBJ R . -14.75 -4.75 -2.03
C1 EDO S . -5.44 -20.36 -2.98
O1 EDO S . -4.17 -20.91 -2.65
C2 EDO S . -5.76 -19.17 -2.08
O2 EDO S . -5.56 -19.49 -0.69
C1 EDO T . -26.74 -1.83 -39.33
O1 EDO T . -27.96 -2.31 -38.76
C2 EDO T . -26.49 -0.43 -38.77
O2 EDO T . -25.35 0.10 -39.46
C1 EDO U . -3.25 -16.12 -13.81
O1 EDO U . -2.58 -14.96 -14.33
C2 EDO U . -3.36 -17.19 -14.89
O2 EDO U . -2.04 -17.56 -15.31
C1 EDO V . -7.57 -9.99 -29.46
O1 EDO V . -6.31 -10.02 -28.78
C2 EDO V . -7.68 -8.76 -30.33
O2 EDO V . -7.16 -7.63 -29.62
C1 EDO W . -12.16 26.84 -16.30
O1 EDO W . -11.54 26.61 -17.57
C2 EDO W . -13.68 26.96 -16.49
O2 EDO W . -14.19 25.83 -17.20
C1 BTB X . -33.13 -26.36 -18.96
O1 BTB X . -31.80 -25.84 -18.91
C2 BTB X . -33.09 -27.61 -19.89
C3 BTB X . -33.05 -27.11 -21.39
O3 BTB X . -33.95 -26.07 -21.55
C4 BTB X . -34.45 -28.36 -19.68
O4 BTB X . -34.52 -29.47 -20.58
N BTB X . -31.84 -28.44 -19.53
C5 BTB X . -32.15 -29.33 -18.34
C6 BTB X . -30.84 -29.52 -17.57
O6 BTB X . -30.31 -28.24 -17.28
C7 BTB X . -31.46 -29.37 -20.67
C8 BTB X . -30.14 -28.92 -21.32
O8 BTB X . -29.36 -28.23 -20.42
ZN ZN Y . 16.33 29.59 9.97
K K Z . 17.08 35.34 5.88
K K AA . 24.15 38.26 -6.10
C16 HBJ BA . 18.00 26.85 10.99
C15 HBJ BA . 18.84 26.52 12.16
C14 HBJ BA . 20.08 25.98 11.94
C13 HBJ BA . 20.88 25.61 12.98
C12 HBJ BA . 20.50 25.71 14.31
C11 HBJ BA . 21.40 25.23 15.46
C01 HBJ BA . 27.25 26.80 22.64
C02 HBJ BA . 26.34 26.76 21.41
C03 HBJ BA . 25.21 27.56 21.30
C04 HBJ BA . 24.39 27.52 20.16
C05 HBJ BA . 24.68 26.66 19.07
C07 HBJ BA . 23.25 27.74 17.24
C09 HBJ BA . 22.23 27.42 16.11
C20 HBJ BA . 18.40 26.65 13.46
C21 HBJ BA . 19.21 26.26 14.52
C22 HBJ BA . 20.74 26.17 17.68
C24 HBJ BA . 19.97 24.97 18.19
C25 HBJ BA . 18.79 25.16 18.92
C26 HBJ BA . 18.10 24.11 19.49
C27 HBJ BA . 18.53 22.76 19.38
C29 HBJ BA . 16.64 22.00 20.81
C30 HBJ BA . 18.34 20.37 19.89
C31 HBJ BA . 19.74 22.56 18.66
C32 HBJ BA . 20.46 23.64 18.11
C33 HBJ BA . 25.82 25.86 19.19
C34 HBJ BA . 26.62 25.91 20.33
N06 HBJ BA . 23.84 26.60 17.95
N10 HBJ BA . 21.47 26.21 16.44
N18 HBJ BA . 16.87 27.60 11.21
N28 HBJ BA . 17.83 21.74 19.98
O08 HBJ BA . 23.47 28.85 17.56
O17 HBJ BA . 18.20 26.37 9.88
O19 HBJ BA . 16.08 27.83 10.17
O23 HBJ BA . 20.83 27.12 18.38
C1 EDO CA . 22.70 20.75 17.06
O1 EDO CA . 23.41 21.98 16.97
C2 EDO CA . 21.50 20.81 16.14
O2 EDO CA . 21.74 20.10 14.94
C1 EDO DA . 23.29 15.38 17.09
O1 EDO DA . 22.79 14.12 17.53
C2 EDO DA . 22.08 16.24 16.76
O2 EDO DA . 21.07 15.95 17.70
C1 EDO EA . 31.02 11.72 17.05
O1 EDO EA . 30.29 10.49 17.10
C2 EDO EA . 30.14 12.79 17.71
O2 EDO EA . 30.28 12.75 19.13
C1 EDO FA . 12.80 10.52 15.25
O1 EDO FA . 14.22 10.59 15.19
C2 EDO FA . 12.21 11.74 14.55
O2 EDO FA . 12.05 12.83 15.45
C1 EDO GA . 33.42 17.10 6.50
O1 EDO GA . 33.80 18.39 5.98
C2 EDO GA . 32.95 16.25 5.34
O2 EDO GA . 32.94 14.90 5.80
C1 EDO HA . 18.63 8.13 -4.52
O1 EDO HA . 18.55 7.80 -5.90
C2 EDO HA . 19.98 7.64 -4.03
O2 EDO HA . 20.09 6.22 -4.22
#